data_2K0Z
#
_entry.id   2K0Z
#
_entity_poly.entity_id   1
_entity_poly.type   'polypeptide(L)'
_entity_poly.pdbx_seq_one_letter_code
;MLEDYAISLEEVNFNDFIVVDVRELDEYEELHLPNATLISVNDQEKLADFLSQHKDKKVLLHCRAGRRALDAAKSMHELG
YTPYYLEGNVYDFEKYGFRMVYDDTCDKKN
;
_entity_poly.pdbx_strand_id   A
#
# COMPACT_ATOMS: atom_id res chain seq x y z
N MET A 1 5.70 -18.56 -1.11
CA MET A 1 4.26 -18.31 -0.93
C MET A 1 3.85 -17.01 -1.66
N LEU A 2 4.31 -15.84 -1.14
CA LEU A 2 3.77 -14.52 -1.56
C LEU A 2 4.40 -14.00 -2.87
N GLU A 3 5.23 -14.81 -3.52
CA GLU A 3 5.84 -14.50 -4.83
C GLU A 3 4.70 -14.27 -5.87
N ASP A 4 3.64 -15.08 -5.73
CA ASP A 4 2.41 -15.02 -6.55
C ASP A 4 1.57 -13.76 -6.22
N TYR A 5 1.72 -13.28 -4.97
CA TYR A 5 0.99 -12.08 -4.46
C TYR A 5 1.67 -10.77 -4.93
N ALA A 6 2.81 -10.90 -5.65
CA ALA A 6 3.57 -9.76 -6.21
C ALA A 6 2.85 -9.16 -7.42
N ILE A 7 1.95 -8.20 -7.16
CA ILE A 7 1.21 -7.49 -8.21
C ILE A 7 2.08 -6.34 -8.75
N SER A 8 2.25 -6.31 -10.07
CA SER A 8 3.03 -5.27 -10.76
C SER A 8 2.11 -4.10 -11.19
N LEU A 9 2.71 -2.94 -11.44
CA LEU A 9 1.97 -1.70 -11.76
C LEU A 9 1.33 -1.76 -13.18
N GLU A 10 1.94 -2.55 -14.06
CA GLU A 10 1.47 -2.74 -15.45
C GLU A 10 0.33 -3.79 -15.55
N GLU A 11 -0.08 -4.38 -14.40
CA GLU A 11 -1.20 -5.35 -14.35
C GLU A 11 -2.21 -5.00 -13.25
N VAL A 12 -1.90 -3.97 -12.44
CA VAL A 12 -2.66 -3.66 -11.21
C VAL A 12 -4.03 -3.00 -11.52
N ASN A 13 -4.99 -3.18 -10.60
CA ASN A 13 -6.25 -2.44 -10.57
C ASN A 13 -6.48 -1.99 -9.12
N PHE A 14 -5.93 -0.81 -8.73
CA PHE A 14 -6.02 -0.31 -7.32
C PHE A 14 -7.47 -0.22 -6.81
N ASN A 15 -8.38 0.11 -7.74
CA ASN A 15 -9.84 0.15 -7.50
C ASN A 15 -10.41 -1.22 -7.03
N ASP A 16 -9.80 -2.31 -7.51
CA ASP A 16 -10.23 -3.70 -7.23
C ASP A 16 -9.87 -4.13 -5.79
N PHE A 17 -8.86 -3.47 -5.18
CA PHE A 17 -8.36 -3.85 -3.83
C PHE A 17 -8.54 -2.67 -2.84
N ILE A 18 -8.45 -2.97 -1.54
CA ILE A 18 -8.32 -1.96 -0.47
C ILE A 18 -6.83 -1.67 -0.29
N VAL A 19 -6.38 -0.48 -0.70
CA VAL A 19 -4.95 -0.20 -0.83
C VAL A 19 -4.38 0.31 0.51
N VAL A 20 -3.10 0.01 0.77
CA VAL A 20 -2.36 0.48 1.95
C VAL A 20 -1.03 1.10 1.50
N ASP A 21 -0.78 2.34 1.94
CA ASP A 21 0.49 3.04 1.67
C ASP A 21 1.51 2.59 2.74
N VAL A 22 2.45 1.69 2.39
CA VAL A 22 3.48 1.18 3.33
C VAL A 22 4.81 1.94 3.16
N ARG A 23 4.89 3.11 3.80
CA ARG A 23 6.06 4.00 3.66
C ARG A 23 6.31 4.79 4.97
N GLU A 24 5.68 5.97 5.08
CA GLU A 24 5.96 6.97 6.14
C GLU A 24 4.90 8.09 6.02
N LEU A 25 4.68 8.84 7.11
CA LEU A 25 3.74 9.98 7.14
C LEU A 25 4.04 11.00 6.02
N ASP A 26 5.29 11.49 5.99
CA ASP A 26 5.77 12.49 4.99
C ASP A 26 5.54 12.00 3.54
N GLU A 27 5.87 10.71 3.31
CA GLU A 27 5.70 10.03 2.02
C GLU A 27 4.21 10.01 1.57
N TYR A 28 3.34 9.71 2.53
CA TYR A 28 1.88 9.65 2.33
C TYR A 28 1.30 11.04 2.03
N GLU A 29 1.85 12.06 2.71
CA GLU A 29 1.36 13.45 2.62
C GLU A 29 1.75 14.08 1.27
N GLU A 30 3.00 13.85 0.82
CA GLU A 30 3.48 14.42 -0.46
C GLU A 30 2.69 13.84 -1.66
N LEU A 31 2.35 12.54 -1.58
CA LEU A 31 1.48 11.87 -2.57
C LEU A 31 0.99 10.53 -2.04
N HIS A 32 -0.21 10.11 -2.46
CA HIS A 32 -0.76 8.77 -2.16
C HIS A 32 -1.99 8.52 -3.03
N LEU A 33 -2.47 7.27 -3.04
CA LEU A 33 -3.73 6.89 -3.71
C LEU A 33 -4.93 7.24 -2.80
N PRO A 34 -6.09 7.66 -3.38
CA PRO A 34 -7.29 8.06 -2.57
C PRO A 34 -7.99 6.87 -1.86
N ASN A 35 -7.43 5.65 -2.02
CA ASN A 35 -7.91 4.41 -1.35
C ASN A 35 -6.77 3.75 -0.53
N ALA A 36 -5.67 4.51 -0.31
CA ALA A 36 -4.47 4.01 0.41
C ALA A 36 -4.49 4.42 1.90
N THR A 37 -4.43 3.42 2.79
CA THR A 37 -4.38 3.61 4.25
C THR A 37 -2.91 3.76 4.70
N LEU A 38 -2.57 4.87 5.40
CA LEU A 38 -1.21 5.11 5.89
C LEU A 38 -0.86 4.11 7.01
N ILE A 39 0.10 3.24 6.70
CA ILE A 39 0.80 2.37 7.66
C ILE A 39 2.27 2.35 7.22
N SER A 40 3.20 2.35 8.15
CA SER A 40 4.63 2.28 7.80
C SER A 40 5.05 0.80 7.68
N VAL A 41 6.09 0.54 6.87
CA VAL A 41 6.71 -0.80 6.76
C VAL A 41 7.26 -1.32 8.13
N ASN A 42 7.54 -0.38 9.07
CA ASN A 42 7.97 -0.72 10.44
C ASN A 42 6.77 -0.92 11.40
N ASP A 43 5.58 -0.41 11.00
CA ASP A 43 4.35 -0.51 11.81
C ASP A 43 3.74 -1.91 11.63
N GLN A 44 4.33 -2.91 12.31
CA GLN A 44 3.85 -4.31 12.25
C GLN A 44 2.59 -4.49 13.11
N GLU A 45 2.52 -3.78 14.24
CA GLU A 45 1.36 -3.84 15.16
C GLU A 45 0.11 -3.16 14.54
N LYS A 46 0.33 -2.08 13.77
CA LYS A 46 -0.75 -1.32 13.10
C LYS A 46 -1.20 -2.04 11.82
N LEU A 47 -0.24 -2.64 11.11
CA LEU A 47 -0.53 -3.36 9.85
C LEU A 47 -1.32 -4.64 10.15
N ALA A 48 -0.83 -5.40 11.13
CA ALA A 48 -1.46 -6.63 11.60
C ALA A 48 -2.84 -6.35 12.22
N ASP A 49 -2.98 -5.18 12.88
CA ASP A 49 -4.28 -4.72 13.43
C ASP A 49 -5.32 -4.54 12.30
N PHE A 50 -4.90 -3.84 11.23
CA PHE A 50 -5.75 -3.56 10.03
C PHE A 50 -6.20 -4.88 9.36
N LEU A 51 -5.28 -5.87 9.36
CA LEU A 51 -5.53 -7.19 8.77
C LEU A 51 -6.34 -8.09 9.74
N SER A 52 -6.27 -7.81 11.05
CA SER A 52 -6.99 -8.57 12.09
C SER A 52 -8.46 -8.10 12.22
N GLN A 53 -8.76 -6.87 11.72
CA GLN A 53 -10.16 -6.33 11.69
C GLN A 53 -11.08 -7.25 10.85
N HIS A 54 -10.49 -7.77 9.78
CA HIS A 54 -11.06 -8.77 8.86
C HIS A 54 -9.88 -9.34 8.11
N LYS A 55 -9.59 -10.63 8.30
CA LYS A 55 -8.54 -11.34 7.51
C LYS A 55 -9.05 -11.65 6.11
N ASP A 56 -10.36 -11.96 6.02
CA ASP A 56 -11.06 -12.19 4.75
C ASP A 56 -11.37 -10.86 4.06
N LYS A 57 -10.35 -10.33 3.37
CA LYS A 57 -10.48 -9.16 2.48
C LYS A 57 -9.29 -9.15 1.49
N LYS A 58 -9.37 -8.31 0.46
CA LYS A 58 -8.31 -8.18 -0.55
C LYS A 58 -7.60 -6.83 -0.38
N VAL A 59 -6.43 -6.83 0.29
CA VAL A 59 -5.64 -5.61 0.55
C VAL A 59 -4.31 -5.65 -0.21
N LEU A 60 -3.94 -4.48 -0.76
CA LEU A 60 -2.73 -4.30 -1.58
C LEU A 60 -1.78 -3.29 -0.94
N LEU A 61 -0.65 -3.76 -0.41
CA LEU A 61 0.40 -2.92 0.20
C LEU A 61 1.27 -2.31 -0.92
N HIS A 62 1.00 -1.05 -1.32
CA HIS A 62 1.75 -0.39 -2.41
C HIS A 62 2.96 0.37 -1.84
N CYS A 63 4.09 0.32 -2.56
CA CYS A 63 5.33 1.04 -2.16
C CYS A 63 5.83 1.96 -3.28
N ARG A 64 6.62 2.97 -2.88
CA ARG A 64 7.28 3.94 -3.79
C ARG A 64 8.18 3.24 -4.84
N ALA A 65 8.79 2.12 -4.45
CA ALA A 65 9.57 1.27 -5.37
C ALA A 65 8.91 -0.11 -5.46
N GLY A 66 8.83 -0.81 -4.32
CA GLY A 66 8.21 -2.12 -4.24
C GLY A 66 8.80 -3.02 -3.18
N ARG A 67 9.99 -2.64 -2.66
CA ARG A 67 10.71 -3.43 -1.66
C ARG A 67 9.98 -3.40 -0.30
N ARG A 68 9.49 -2.22 0.12
CA ARG A 68 8.76 -2.07 1.41
C ARG A 68 7.39 -2.75 1.37
N ALA A 69 6.85 -2.85 0.15
CA ALA A 69 5.62 -3.62 -0.15
C ALA A 69 5.85 -5.09 0.21
N LEU A 70 6.98 -5.63 -0.31
CA LEU A 70 7.41 -7.01 -0.04
C LEU A 70 7.73 -7.22 1.45
N ASP A 71 8.57 -6.34 2.02
CA ASP A 71 9.03 -6.37 3.44
C ASP A 71 7.87 -6.53 4.43
N ALA A 72 6.93 -5.59 4.31
CA ALA A 72 5.75 -5.51 5.19
C ALA A 72 4.84 -6.74 5.01
N ALA A 73 4.64 -7.15 3.74
CA ALA A 73 3.76 -8.27 3.39
C ALA A 73 4.32 -9.63 3.88
N LYS A 74 5.67 -9.82 3.82
CA LYS A 74 6.31 -11.07 4.29
C LYS A 74 6.05 -11.22 5.79
N SER A 75 6.37 -10.15 6.55
CA SER A 75 6.16 -10.10 8.01
C SER A 75 4.72 -10.50 8.40
N MET A 76 3.74 -10.03 7.61
CA MET A 76 2.31 -10.32 7.84
C MET A 76 1.95 -11.78 7.50
N HIS A 77 2.51 -12.30 6.41
CA HIS A 77 2.37 -13.72 6.03
C HIS A 77 2.96 -14.64 7.14
N GLU A 78 3.99 -14.14 7.84
CA GLU A 78 4.64 -14.84 8.98
C GLU A 78 3.75 -14.76 10.24
N LEU A 79 2.86 -13.75 10.30
CA LEU A 79 1.86 -13.60 11.40
C LEU A 79 0.54 -14.32 11.07
N GLY A 80 0.54 -15.13 9.99
CA GLY A 80 -0.61 -15.97 9.62
C GLY A 80 -1.62 -15.27 8.72
N TYR A 81 -1.32 -14.04 8.26
CA TYR A 81 -2.16 -13.30 7.28
C TYR A 81 -1.72 -13.66 5.84
N THR A 82 -2.48 -13.16 4.84
CA THR A 82 -2.13 -13.32 3.41
C THR A 82 -2.51 -12.04 2.60
N PRO A 83 -1.89 -10.84 2.89
CA PRO A 83 -2.07 -9.62 2.05
C PRO A 83 -1.23 -9.66 0.75
N TYR A 84 -1.71 -8.93 -0.27
CA TYR A 84 -1.00 -8.72 -1.55
C TYR A 84 -0.11 -7.48 -1.41
N TYR A 85 0.73 -7.21 -2.43
CA TYR A 85 1.65 -6.06 -2.41
C TYR A 85 1.98 -5.62 -3.85
N LEU A 86 2.09 -4.30 -4.02
CA LEU A 86 2.32 -3.65 -5.32
C LEU A 86 3.78 -3.18 -5.42
N GLU A 87 4.47 -3.75 -6.40
CA GLU A 87 5.80 -3.33 -6.82
C GLU A 87 5.66 -2.44 -8.07
N GLY A 88 5.86 -1.14 -7.88
CA GLY A 88 5.73 -0.14 -8.93
C GLY A 88 5.93 1.27 -8.38
N ASN A 89 6.53 2.16 -9.17
CA ASN A 89 6.83 3.55 -8.75
C ASN A 89 5.54 4.32 -8.43
N VAL A 90 5.49 4.91 -7.21
CA VAL A 90 4.32 5.63 -6.68
C VAL A 90 3.93 6.84 -7.58
N TYR A 91 4.94 7.44 -8.21
CA TYR A 91 4.77 8.62 -9.08
C TYR A 91 4.15 8.23 -10.44
N ASP A 92 4.35 6.96 -10.84
CA ASP A 92 3.91 6.43 -12.14
C ASP A 92 2.42 6.03 -12.16
N PHE A 93 1.76 5.98 -11.00
CA PHE A 93 0.33 5.57 -10.91
C PHE A 93 -0.58 6.46 -11.79
N GLU A 94 -0.31 7.78 -11.75
CA GLU A 94 -1.10 8.79 -12.49
C GLU A 94 -1.04 8.59 -14.02
N LYS A 95 0.17 8.31 -14.55
CA LYS A 95 0.37 8.08 -16.00
C LYS A 95 -0.15 6.69 -16.43
N TYR A 96 -0.24 5.74 -15.48
CA TYR A 96 -0.87 4.42 -15.71
C TYR A 96 -2.42 4.52 -15.58
N GLY A 97 -2.92 5.71 -15.16
CA GLY A 97 -4.35 6.05 -15.25
C GLY A 97 -5.05 6.16 -13.90
N PHE A 98 -4.33 5.79 -12.84
CA PHE A 98 -4.85 5.77 -11.47
C PHE A 98 -4.59 7.14 -10.82
N ARG A 99 -5.67 7.91 -10.56
CA ARG A 99 -5.56 9.26 -9.94
C ARG A 99 -4.97 9.16 -8.53
N MET A 100 -4.36 10.26 -8.10
CA MET A 100 -3.63 10.34 -6.83
C MET A 100 -3.83 11.72 -6.19
N VAL A 101 -3.79 11.73 -4.85
CA VAL A 101 -3.94 12.95 -4.03
C VAL A 101 -2.55 13.40 -3.54
N TYR A 102 -2.05 14.49 -4.13
CA TYR A 102 -0.78 15.13 -3.73
C TYR A 102 -1.08 16.24 -2.72
N ASP A 103 -0.32 16.26 -1.60
CA ASP A 103 -0.44 17.23 -0.50
C ASP A 103 -1.80 17.11 0.21
N ASP A 104 -1.87 16.20 1.18
CA ASP A 104 -3.03 16.05 2.08
C ASP A 104 -2.61 16.27 3.53
N THR A 105 -1.40 16.85 3.73
CA THR A 105 -0.86 17.21 5.06
C THR A 105 -1.81 18.18 5.80
N CYS A 106 -2.51 19.01 5.01
CA CYS A 106 -3.61 19.86 5.49
C CYS A 106 -4.57 20.11 4.31
N ASP A 107 -4.09 20.89 3.32
CA ASP A 107 -4.80 21.20 2.07
C ASP A 107 -3.85 21.96 1.12
N LYS A 108 -4.07 21.82 -0.19
CA LYS A 108 -3.19 22.37 -1.23
C LYS A 108 -3.58 23.83 -1.61
N LYS A 109 -4.07 24.59 -0.60
CA LYS A 109 -4.34 26.04 -0.71
C LYS A 109 -3.42 26.80 0.28
N ASN A 110 -3.20 28.10 0.01
CA ASN A 110 -2.50 29.01 0.93
C ASN A 110 -3.44 30.19 1.29
N MET A 1 4.59 -17.97 0.22
CA MET A 1 4.37 -18.04 -1.23
C MET A 1 3.80 -16.69 -1.76
N LEU A 2 4.32 -15.56 -1.20
CA LEU A 2 3.82 -14.21 -1.54
C LEU A 2 4.47 -13.62 -2.79
N GLU A 3 5.57 -14.21 -3.30
CA GLU A 3 6.16 -13.74 -4.59
C GLU A 3 5.18 -14.04 -5.77
N ASP A 4 4.18 -14.91 -5.50
CA ASP A 4 2.99 -15.12 -6.35
C ASP A 4 2.03 -13.90 -6.26
N TYR A 5 1.93 -13.32 -5.05
CA TYR A 5 1.12 -12.10 -4.75
C TYR A 5 1.83 -10.82 -5.23
N ALA A 6 3.01 -10.98 -5.89
CA ALA A 6 3.81 -9.86 -6.43
C ALA A 6 3.13 -9.27 -7.67
N ILE A 7 2.20 -8.33 -7.44
CA ILE A 7 1.44 -7.67 -8.51
C ILE A 7 2.29 -6.53 -9.10
N SER A 8 2.45 -6.53 -10.43
CA SER A 8 3.17 -5.47 -11.16
C SER A 8 2.24 -4.25 -11.38
N LEU A 9 2.83 -3.05 -11.55
CA LEU A 9 2.07 -1.81 -11.81
C LEU A 9 1.32 -1.88 -13.16
N GLU A 10 1.93 -2.58 -14.13
CA GLU A 10 1.38 -2.71 -15.49
C GLU A 10 0.14 -3.65 -15.56
N GLU A 11 -0.16 -4.39 -14.47
CA GLU A 11 -1.27 -5.36 -14.42
C GLU A 11 -2.28 -5.04 -13.30
N VAL A 12 -1.95 -4.08 -12.41
CA VAL A 12 -2.71 -3.82 -11.17
C VAL A 12 -4.02 -3.05 -11.43
N ASN A 13 -5.01 -3.28 -10.56
CA ASN A 13 -6.27 -2.52 -10.50
C ASN A 13 -6.53 -2.18 -9.04
N PHE A 14 -6.08 -0.98 -8.59
CA PHE A 14 -6.14 -0.58 -7.15
C PHE A 14 -7.58 -0.62 -6.59
N ASN A 15 -8.56 -0.32 -7.47
CA ASN A 15 -10.00 -0.34 -7.12
C ASN A 15 -10.50 -1.78 -6.79
N ASP A 16 -9.84 -2.79 -7.38
CA ASP A 16 -10.18 -4.21 -7.17
C ASP A 16 -9.86 -4.67 -5.73
N PHE A 17 -8.91 -3.99 -5.06
CA PHE A 17 -8.46 -4.35 -3.69
C PHE A 17 -8.70 -3.16 -2.73
N ILE A 18 -8.44 -3.38 -1.43
CA ILE A 18 -8.32 -2.31 -0.44
C ILE A 18 -6.83 -2.08 -0.19
N VAL A 19 -6.31 -0.95 -0.70
CA VAL A 19 -4.87 -0.71 -0.82
C VAL A 19 -4.32 -0.11 0.49
N VAL A 20 -3.03 -0.33 0.74
CA VAL A 20 -2.31 0.19 1.90
C VAL A 20 -1.03 0.89 1.42
N ASP A 21 -0.86 2.14 1.84
CA ASP A 21 0.37 2.89 1.67
C ASP A 21 1.36 2.39 2.74
N VAL A 22 2.38 1.59 2.36
CA VAL A 22 3.45 1.15 3.31
C VAL A 22 4.75 1.92 3.02
N ARG A 23 4.83 3.14 3.55
CA ARG A 23 6.00 4.02 3.32
C ARG A 23 6.26 4.86 4.58
N GLU A 24 5.57 6.01 4.68
CA GLU A 24 5.82 7.02 5.73
C GLU A 24 4.66 8.04 5.70
N LEU A 25 4.44 8.72 6.85
CA LEU A 25 3.51 9.86 6.97
C LEU A 25 3.83 10.93 5.92
N ASP A 26 5.10 11.36 5.89
CA ASP A 26 5.58 12.41 4.96
C ASP A 26 5.32 12.02 3.49
N GLU A 27 5.61 10.76 3.16
CA GLU A 27 5.40 10.20 1.81
C GLU A 27 3.89 10.18 1.44
N TYR A 28 3.04 9.88 2.42
CA TYR A 28 1.58 9.89 2.29
C TYR A 28 1.07 11.30 1.95
N GLU A 29 1.67 12.32 2.60
CA GLU A 29 1.24 13.72 2.51
C GLU A 29 1.50 14.29 1.11
N GLU A 30 2.73 14.11 0.62
CA GLU A 30 3.15 14.61 -0.71
C GLU A 30 2.30 14.01 -1.84
N LEU A 31 2.09 12.68 -1.81
CA LEU A 31 1.21 11.98 -2.77
C LEU A 31 0.89 10.55 -2.27
N HIS A 32 -0.35 10.11 -2.46
CA HIS A 32 -0.76 8.72 -2.15
C HIS A 32 -2.06 8.42 -2.89
N LEU A 33 -2.37 7.12 -3.06
CA LEU A 33 -3.64 6.66 -3.64
C LEU A 33 -4.81 6.94 -2.67
N PRO A 34 -6.02 7.29 -3.19
CA PRO A 34 -7.22 7.50 -2.33
C PRO A 34 -7.76 6.15 -1.78
N ASN A 35 -7.28 5.04 -2.39
CA ASN A 35 -7.58 3.66 -1.99
C ASN A 35 -6.60 3.17 -0.89
N ALA A 36 -5.51 3.95 -0.68
CA ALA A 36 -4.37 3.55 0.17
C ALA A 36 -4.53 4.01 1.64
N THR A 37 -4.37 3.04 2.56
CA THR A 37 -4.38 3.26 4.02
C THR A 37 -2.95 3.57 4.52
N LEU A 38 -2.77 4.72 5.23
CA LEU A 38 -1.45 5.13 5.75
C LEU A 38 -0.99 4.18 6.87
N ILE A 39 0.07 3.43 6.55
CA ILE A 39 0.81 2.58 7.48
C ILE A 39 2.31 2.69 7.13
N SER A 40 3.20 2.58 8.11
CA SER A 40 4.64 2.52 7.85
C SER A 40 5.10 1.05 7.90
N VAL A 41 6.04 0.69 6.99
CA VAL A 41 6.64 -0.66 6.88
C VAL A 41 7.20 -1.18 8.25
N ASN A 42 7.64 -0.25 9.12
CA ASN A 42 8.25 -0.59 10.43
C ASN A 42 7.18 -0.87 11.52
N ASP A 43 5.94 -0.38 11.29
CA ASP A 43 4.83 -0.55 12.25
C ASP A 43 4.07 -1.85 11.94
N GLN A 44 4.60 -2.97 12.49
CA GLN A 44 3.95 -4.28 12.42
C GLN A 44 2.60 -4.28 13.15
N GLU A 45 2.51 -3.52 14.27
CA GLU A 45 1.28 -3.47 15.09
C GLU A 45 0.14 -2.73 14.35
N LYS A 46 0.47 -1.71 13.55
CA LYS A 46 -0.53 -0.94 12.77
C LYS A 46 -0.94 -1.71 11.51
N LEU A 47 0.02 -2.42 10.90
CA LEU A 47 -0.23 -3.18 9.67
C LEU A 47 -1.13 -4.40 9.97
N ALA A 48 -0.73 -5.16 11.00
CA ALA A 48 -1.47 -6.33 11.47
C ALA A 48 -2.81 -5.93 12.11
N ASP A 49 -2.88 -4.69 12.67
CA ASP A 49 -4.14 -4.12 13.20
C ASP A 49 -5.17 -3.98 12.08
N PHE A 50 -4.78 -3.26 11.00
CA PHE A 50 -5.65 -3.01 9.82
C PHE A 50 -6.17 -4.33 9.25
N LEU A 51 -5.26 -5.30 9.15
CA LEU A 51 -5.58 -6.65 8.67
C LEU A 51 -6.60 -7.32 9.60
N SER A 52 -6.33 -7.31 10.91
CA SER A 52 -7.16 -8.01 11.93
C SER A 52 -8.56 -7.37 12.11
N GLN A 53 -8.73 -6.07 11.70
CA GLN A 53 -10.05 -5.35 11.79
C GLN A 53 -11.13 -6.07 10.95
N HIS A 54 -10.70 -6.53 9.77
CA HIS A 54 -11.46 -7.43 8.89
C HIS A 54 -10.43 -8.42 8.36
N LYS A 55 -10.20 -9.51 9.09
CA LYS A 55 -9.05 -10.38 8.83
C LYS A 55 -9.11 -11.11 7.47
N ASP A 56 -10.34 -11.26 6.94
CA ASP A 56 -10.58 -11.96 5.68
C ASP A 56 -11.16 -10.98 4.63
N LYS A 57 -10.31 -10.03 4.16
CA LYS A 57 -10.62 -9.19 2.97
C LYS A 57 -9.34 -9.04 2.11
N LYS A 58 -9.51 -8.66 0.82
CA LYS A 58 -8.41 -8.56 -0.14
C LYS A 58 -7.67 -7.21 0.00
N VAL A 59 -6.41 -7.26 0.46
CA VAL A 59 -5.58 -6.05 0.73
C VAL A 59 -4.36 -6.00 -0.21
N LEU A 60 -3.92 -4.79 -0.59
CA LEU A 60 -2.78 -4.59 -1.51
C LEU A 60 -1.79 -3.53 -0.96
N LEU A 61 -0.63 -3.96 -0.45
CA LEU A 61 0.40 -3.06 0.10
C LEU A 61 1.25 -2.45 -1.04
N HIS A 62 0.98 -1.20 -1.43
CA HIS A 62 1.76 -0.52 -2.50
C HIS A 62 2.97 0.22 -1.88
N CYS A 63 4.09 0.23 -2.62
CA CYS A 63 5.36 0.88 -2.19
C CYS A 63 5.81 1.95 -3.21
N ARG A 64 6.68 2.87 -2.74
CA ARG A 64 7.37 3.89 -3.58
C ARG A 64 8.15 3.19 -4.73
N ALA A 65 8.80 2.05 -4.40
CA ALA A 65 9.52 1.21 -5.37
C ALA A 65 8.84 -0.17 -5.47
N GLY A 66 8.95 -0.96 -4.39
CA GLY A 66 8.38 -2.32 -4.36
C GLY A 66 8.88 -3.15 -3.19
N ARG A 67 10.05 -2.79 -2.62
CA ARG A 67 10.66 -3.55 -1.51
C ARG A 67 9.84 -3.40 -0.20
N ARG A 68 9.34 -2.19 0.11
CA ARG A 68 8.54 -1.97 1.34
C ARG A 68 7.21 -2.75 1.27
N ALA A 69 6.70 -2.89 0.04
CA ALA A 69 5.50 -3.67 -0.26
C ALA A 69 5.71 -5.13 0.12
N LEU A 70 6.80 -5.69 -0.42
CA LEU A 70 7.23 -7.08 -0.17
C LEU A 70 7.48 -7.31 1.33
N ASP A 71 8.42 -6.53 1.88
CA ASP A 71 9.01 -6.70 3.24
C ASP A 71 7.93 -6.74 4.34
N ALA A 72 7.03 -5.75 4.27
CA ALA A 72 5.90 -5.61 5.21
C ALA A 72 4.94 -6.81 5.07
N ALA A 73 4.58 -7.15 3.82
CA ALA A 73 3.66 -8.25 3.52
C ALA A 73 4.27 -9.61 3.93
N LYS A 74 5.63 -9.74 3.87
CA LYS A 74 6.32 -10.99 4.27
C LYS A 74 6.05 -11.27 5.73
N SER A 75 6.31 -10.24 6.58
CA SER A 75 6.11 -10.29 8.04
C SER A 75 4.70 -10.81 8.39
N MET A 76 3.69 -10.29 7.67
CA MET A 76 2.26 -10.63 7.90
C MET A 76 1.90 -12.03 7.37
N HIS A 77 2.53 -12.46 6.26
CA HIS A 77 2.40 -13.84 5.75
C HIS A 77 2.99 -14.86 6.77
N GLU A 78 3.98 -14.40 7.57
CA GLU A 78 4.60 -15.20 8.64
C GLU A 78 3.71 -15.20 9.91
N LEU A 79 2.92 -14.11 10.10
CA LEU A 79 1.94 -14.01 11.21
C LEU A 79 0.71 -14.91 10.96
N GLY A 80 0.48 -15.25 9.68
CA GLY A 80 -0.63 -16.12 9.28
C GLY A 80 -1.61 -15.44 8.34
N TYR A 81 -1.45 -14.11 8.13
CA TYR A 81 -2.27 -13.34 7.15
C TYR A 81 -1.81 -13.67 5.71
N THR A 82 -2.56 -13.18 4.71
CA THR A 82 -2.16 -13.26 3.29
C THR A 82 -2.55 -11.97 2.53
N PRO A 83 -1.88 -10.80 2.83
CA PRO A 83 -2.03 -9.57 2.02
C PRO A 83 -1.20 -9.61 0.72
N TYR A 84 -1.77 -9.07 -0.37
CA TYR A 84 -1.05 -8.83 -1.64
C TYR A 84 -0.13 -7.62 -1.48
N TYR A 85 0.67 -7.34 -2.52
CA TYR A 85 1.54 -6.16 -2.53
C TYR A 85 1.85 -5.75 -3.96
N LEU A 86 2.07 -4.44 -4.15
CA LEU A 86 2.26 -3.81 -5.46
C LEU A 86 3.70 -3.26 -5.54
N GLU A 87 4.44 -3.83 -6.51
CA GLU A 87 5.75 -3.33 -6.93
C GLU A 87 5.54 -2.38 -8.13
N GLY A 88 5.70 -1.08 -7.86
CA GLY A 88 5.50 -0.03 -8.85
C GLY A 88 5.78 1.33 -8.25
N ASN A 89 6.29 2.26 -9.09
CA ASN A 89 6.69 3.60 -8.63
C ASN A 89 5.47 4.46 -8.26
N VAL A 90 5.50 5.04 -7.04
CA VAL A 90 4.36 5.81 -6.47
C VAL A 90 4.07 7.07 -7.32
N TYR A 91 5.12 7.65 -7.89
CA TYR A 91 5.02 8.86 -8.74
C TYR A 91 4.44 8.52 -10.14
N ASP A 92 4.38 7.22 -10.48
CA ASP A 92 3.95 6.76 -11.82
C ASP A 92 2.49 6.28 -11.84
N PHE A 93 1.86 6.08 -10.67
CA PHE A 93 0.45 5.63 -10.61
C PHE A 93 -0.46 6.60 -11.40
N GLU A 94 -0.23 7.89 -11.16
CA GLU A 94 -1.09 8.97 -11.64
C GLU A 94 -0.97 9.18 -13.16
N LYS A 95 0.27 9.05 -13.70
CA LYS A 95 0.51 9.16 -15.17
C LYS A 95 0.03 7.89 -15.91
N TYR A 96 0.03 6.73 -15.21
CA TYR A 96 -0.48 5.46 -15.78
C TYR A 96 -2.02 5.46 -15.88
N GLY A 97 -2.70 6.13 -14.92
CA GLY A 97 -4.16 6.29 -14.98
C GLY A 97 -4.81 6.29 -13.60
N PHE A 98 -4.11 5.78 -12.59
CA PHE A 98 -4.61 5.64 -11.22
C PHE A 98 -4.48 6.98 -10.48
N ARG A 99 -5.62 7.69 -10.28
CA ARG A 99 -5.65 9.02 -9.61
C ARG A 99 -5.01 8.96 -8.21
N MET A 100 -4.42 10.09 -7.80
CA MET A 100 -3.66 10.21 -6.55
C MET A 100 -3.94 11.55 -5.87
N VAL A 101 -4.02 11.53 -4.54
CA VAL A 101 -4.26 12.71 -3.71
C VAL A 101 -2.91 13.31 -3.30
N TYR A 102 -2.57 14.47 -3.90
CA TYR A 102 -1.32 15.22 -3.65
C TYR A 102 -1.54 16.30 -2.58
N ASP A 103 -0.46 16.60 -1.81
CA ASP A 103 -0.44 17.68 -0.79
C ASP A 103 -1.57 17.49 0.26
N ASP A 104 -1.91 16.20 0.50
CA ASP A 104 -2.99 15.79 1.40
C ASP A 104 -2.76 16.29 2.83
N THR A 105 -1.58 15.93 3.37
CA THR A 105 -1.06 16.35 4.70
C THR A 105 -2.01 16.05 5.88
N CYS A 106 -2.87 15.02 5.72
CA CYS A 106 -3.92 14.63 6.70
C CYS A 106 -4.98 15.75 6.90
N ASP A 107 -4.93 16.79 6.05
CA ASP A 107 -5.81 17.96 6.11
C ASP A 107 -7.16 17.62 5.47
N LYS A 108 -8.23 18.33 5.88
CA LYS A 108 -9.58 18.08 5.37
C LYS A 108 -10.18 19.39 4.82
N LYS A 109 -10.52 20.32 5.73
CA LYS A 109 -11.30 21.56 5.42
C LYS A 109 -12.73 21.20 4.91
N ASN A 110 -13.52 22.24 4.62
CA ASN A 110 -14.92 22.11 4.12
C ASN A 110 -15.14 23.15 3.00
N MET A 1 5.13 -18.77 -1.36
CA MET A 1 3.89 -18.24 -0.74
C MET A 1 3.50 -16.90 -1.38
N LEU A 2 4.15 -15.78 -0.96
CA LEU A 2 3.75 -14.43 -1.39
C LEU A 2 4.43 -13.94 -2.68
N GLU A 3 5.39 -14.72 -3.24
CA GLU A 3 6.15 -14.27 -4.44
C GLU A 3 5.20 -13.98 -5.64
N ASP A 4 4.12 -14.77 -5.75
CA ASP A 4 3.08 -14.59 -6.79
C ASP A 4 2.08 -13.45 -6.43
N TYR A 5 2.06 -13.04 -5.15
CA TYR A 5 1.28 -11.87 -4.67
C TYR A 5 1.99 -10.54 -5.05
N ALA A 6 3.19 -10.64 -5.68
CA ALA A 6 3.91 -9.50 -6.25
C ALA A 6 3.20 -9.00 -7.51
N ILE A 7 2.25 -8.07 -7.30
CA ILE A 7 1.46 -7.50 -8.39
C ILE A 7 2.29 -6.38 -9.08
N SER A 8 2.37 -6.46 -10.42
CA SER A 8 3.07 -5.46 -11.24
C SER A 8 2.14 -4.25 -11.54
N LEU A 9 2.73 -3.08 -11.81
CA LEU A 9 1.97 -1.84 -12.08
C LEU A 9 1.17 -1.91 -13.42
N GLU A 10 1.64 -2.75 -14.35
CA GLU A 10 0.99 -2.93 -15.67
C GLU A 10 0.02 -4.13 -15.68
N GLU A 11 -0.37 -4.63 -14.48
CA GLU A 11 -1.42 -5.66 -14.33
C GLU A 11 -2.35 -5.34 -13.14
N VAL A 12 -2.03 -4.26 -12.40
CA VAL A 12 -2.73 -3.93 -11.14
C VAL A 12 -4.10 -3.27 -11.41
N ASN A 13 -5.04 -3.48 -10.48
CA ASN A 13 -6.33 -2.78 -10.43
C ASN A 13 -6.53 -2.28 -9.00
N PHE A 14 -6.05 -1.06 -8.70
CA PHE A 14 -6.08 -0.49 -7.32
C PHE A 14 -7.50 -0.43 -6.74
N ASN A 15 -8.49 -0.16 -7.60
CA ASN A 15 -9.92 -0.09 -7.19
C ASN A 15 -10.44 -1.46 -6.70
N ASP A 16 -9.84 -2.53 -7.24
CA ASP A 16 -10.23 -3.93 -6.95
C ASP A 16 -9.79 -4.35 -5.52
N PHE A 17 -8.71 -3.74 -5.00
CA PHE A 17 -8.12 -4.11 -3.68
C PHE A 17 -8.19 -2.91 -2.72
N ILE A 18 -8.41 -3.15 -1.42
CA ILE A 18 -8.23 -2.11 -0.38
C ILE A 18 -6.72 -1.82 -0.27
N VAL A 19 -6.29 -0.67 -0.80
CA VAL A 19 -4.85 -0.37 -0.92
C VAL A 19 -4.33 0.16 0.43
N VAL A 20 -3.04 -0.09 0.72
CA VAL A 20 -2.34 0.42 1.91
C VAL A 20 -0.99 0.99 1.49
N ASP A 21 -0.74 2.26 1.84
CA ASP A 21 0.54 2.92 1.61
C ASP A 21 1.49 2.51 2.75
N VAL A 22 2.43 1.59 2.47
CA VAL A 22 3.41 1.10 3.48
C VAL A 22 4.77 1.79 3.30
N ARG A 23 4.88 3.00 3.86
CA ARG A 23 6.08 3.81 3.72
C ARG A 23 6.32 4.64 4.99
N GLU A 24 5.64 5.79 5.09
CA GLU A 24 5.87 6.79 6.17
C GLU A 24 4.78 7.88 6.07
N LEU A 25 4.62 8.69 7.14
CA LEU A 25 3.75 9.88 7.15
C LEU A 25 4.14 10.86 6.03
N ASP A 26 5.43 11.22 5.97
CA ASP A 26 5.99 12.18 4.97
C ASP A 26 5.70 11.72 3.53
N GLU A 27 5.78 10.39 3.31
CA GLU A 27 5.53 9.74 2.02
C GLU A 27 4.04 9.85 1.62
N TYR A 28 3.14 9.73 2.60
CA TYR A 28 1.69 9.95 2.42
C TYR A 28 1.41 11.42 2.05
N GLU A 29 2.10 12.34 2.75
CA GLU A 29 1.91 13.80 2.65
C GLU A 29 2.28 14.34 1.25
N GLU A 30 3.38 13.80 0.65
CA GLU A 30 3.83 14.21 -0.70
C GLU A 30 2.83 13.75 -1.78
N LEU A 31 2.48 12.44 -1.78
CA LEU A 31 1.51 11.85 -2.73
C LEU A 31 1.22 10.39 -2.35
N HIS A 32 0.00 9.93 -2.70
CA HIS A 32 -0.46 8.54 -2.44
C HIS A 32 -1.79 8.30 -3.17
N LEU A 33 -2.34 7.09 -3.06
CA LEU A 33 -3.68 6.75 -3.62
C LEU A 33 -4.80 7.10 -2.62
N PRO A 34 -5.99 7.57 -3.09
CA PRO A 34 -7.14 7.89 -2.18
C PRO A 34 -7.75 6.61 -1.57
N ASN A 35 -7.40 5.45 -2.17
CA ASN A 35 -7.82 4.12 -1.70
C ASN A 35 -6.76 3.50 -0.75
N ALA A 36 -5.67 4.27 -0.46
CA ALA A 36 -4.51 3.79 0.34
C ALA A 36 -4.62 4.24 1.81
N THR A 37 -4.59 3.25 2.73
CA THR A 37 -4.55 3.47 4.18
C THR A 37 -3.10 3.82 4.62
N LEU A 38 -2.94 4.89 5.43
CA LEU A 38 -1.63 5.29 5.96
C LEU A 38 -1.17 4.27 7.02
N ILE A 39 -0.17 3.46 6.66
CA ILE A 39 0.54 2.56 7.59
C ILE A 39 2.04 2.63 7.27
N SER A 40 2.89 2.64 8.29
CA SER A 40 4.33 2.61 8.11
C SER A 40 4.81 1.15 8.13
N VAL A 41 5.77 0.82 7.25
CA VAL A 41 6.40 -0.51 7.17
C VAL A 41 6.94 -1.03 8.55
N ASN A 42 7.34 -0.11 9.46
CA ASN A 42 7.87 -0.49 10.79
C ASN A 42 6.77 -0.96 11.76
N ASP A 43 5.52 -0.48 11.52
CA ASP A 43 4.36 -0.80 12.35
C ASP A 43 3.76 -2.15 11.96
N GLN A 44 4.30 -3.22 12.57
CA GLN A 44 3.70 -4.56 12.48
C GLN A 44 2.39 -4.57 13.29
N GLU A 45 2.34 -3.78 14.36
CA GLU A 45 1.16 -3.66 15.23
C GLU A 45 -0.04 -3.03 14.49
N LYS A 46 0.17 -1.88 13.80
CA LYS A 46 -0.90 -1.16 13.07
C LYS A 46 -1.33 -1.95 11.81
N LEU A 47 -0.35 -2.52 11.11
CA LEU A 47 -0.60 -3.28 9.87
C LEU A 47 -1.44 -4.53 10.18
N ALA A 48 -0.98 -5.31 11.18
CA ALA A 48 -1.66 -6.54 11.63
C ALA A 48 -2.99 -6.21 12.31
N ASP A 49 -3.10 -5.01 12.92
CA ASP A 49 -4.37 -4.51 13.51
C ASP A 49 -5.44 -4.39 12.43
N PHE A 50 -5.08 -3.69 11.34
CA PHE A 50 -5.95 -3.47 10.17
C PHE A 50 -6.39 -4.82 9.54
N LEU A 51 -5.44 -5.77 9.51
CA LEU A 51 -5.67 -7.11 8.98
C LEU A 51 -6.46 -8.01 9.99
N SER A 52 -6.41 -7.66 11.29
CA SER A 52 -7.13 -8.39 12.36
C SER A 52 -8.62 -7.99 12.45
N GLN A 53 -8.94 -6.75 11.98
CA GLN A 53 -10.33 -6.23 11.96
C GLN A 53 -11.24 -7.11 11.07
N HIS A 54 -10.64 -7.60 9.99
CA HIS A 54 -11.20 -8.55 9.03
C HIS A 54 -9.99 -9.18 8.37
N LYS A 55 -9.80 -10.49 8.53
CA LYS A 55 -8.70 -11.22 7.85
C LYS A 55 -9.11 -11.56 6.42
N ASP A 56 -10.39 -11.93 6.23
CA ASP A 56 -10.99 -12.14 4.90
C ASP A 56 -11.32 -10.79 4.23
N LYS A 57 -10.30 -10.19 3.59
CA LYS A 57 -10.45 -9.05 2.67
C LYS A 57 -9.22 -8.98 1.75
N LYS A 58 -9.36 -8.34 0.59
CA LYS A 58 -8.29 -8.27 -0.42
C LYS A 58 -7.54 -6.92 -0.29
N VAL A 59 -6.33 -6.94 0.29
CA VAL A 59 -5.54 -5.72 0.56
C VAL A 59 -4.21 -5.74 -0.21
N LEU A 60 -3.83 -4.57 -0.76
CA LEU A 60 -2.63 -4.38 -1.58
C LEU A 60 -1.68 -3.35 -0.95
N LEU A 61 -0.55 -3.81 -0.42
CA LEU A 61 0.49 -2.95 0.19
C LEU A 61 1.37 -2.35 -0.92
N HIS A 62 1.10 -1.10 -1.34
CA HIS A 62 1.88 -0.44 -2.41
C HIS A 62 3.05 0.37 -1.81
N CYS A 63 4.18 0.36 -2.52
CA CYS A 63 5.41 1.08 -2.12
C CYS A 63 5.97 1.89 -3.29
N ARG A 64 6.73 2.95 -2.97
CA ARG A 64 7.33 3.88 -3.96
C ARG A 64 8.31 3.14 -4.88
N ALA A 65 9.16 2.32 -4.26
CA ALA A 65 10.08 1.42 -4.99
C ALA A 65 9.45 0.03 -5.17
N GLY A 66 9.04 -0.58 -4.04
CA GLY A 66 8.51 -1.95 -4.02
C GLY A 66 9.11 -2.77 -2.89
N ARG A 67 10.23 -2.26 -2.33
CA ARG A 67 10.97 -2.91 -1.23
C ARG A 67 10.08 -3.08 0.02
N ARG A 68 9.48 -1.96 0.48
CA ARG A 68 8.67 -1.94 1.72
C ARG A 68 7.31 -2.62 1.54
N ALA A 69 6.87 -2.70 0.27
CA ALA A 69 5.69 -3.48 -0.13
C ALA A 69 5.91 -4.95 0.23
N LEU A 70 7.04 -5.49 -0.24
CA LEU A 70 7.47 -6.86 0.02
C LEU A 70 7.73 -7.07 1.53
N ASP A 71 8.51 -6.16 2.16
CA ASP A 71 8.90 -6.23 3.60
C ASP A 71 7.69 -6.40 4.51
N ALA A 72 6.74 -5.46 4.39
CA ALA A 72 5.55 -5.39 5.25
C ALA A 72 4.64 -6.61 5.03
N ALA A 73 4.47 -7.00 3.75
CA ALA A 73 3.64 -8.16 3.36
C ALA A 73 4.25 -9.48 3.85
N LYS A 74 5.60 -9.59 3.84
CA LYS A 74 6.30 -10.80 4.30
C LYS A 74 6.01 -11.03 5.77
N SER A 75 6.26 -9.97 6.58
CA SER A 75 6.05 -9.98 8.03
C SER A 75 4.66 -10.52 8.41
N MET A 76 3.64 -10.06 7.67
CA MET A 76 2.23 -10.46 7.89
C MET A 76 1.96 -11.91 7.45
N HIS A 77 2.55 -12.34 6.31
CA HIS A 77 2.48 -13.74 5.84
C HIS A 77 3.14 -14.71 6.85
N GLU A 78 4.19 -14.22 7.55
CA GLU A 78 4.89 -14.95 8.61
C GLU A 78 4.00 -15.07 9.86
N LEU A 79 3.16 -14.03 10.12
CA LEU A 79 2.19 -14.02 11.26
C LEU A 79 0.99 -14.95 10.97
N GLY A 80 0.68 -15.15 9.67
CA GLY A 80 -0.41 -16.02 9.24
C GLY A 80 -1.50 -15.32 8.43
N TYR A 81 -1.28 -14.03 8.09
CA TYR A 81 -2.15 -13.29 7.14
C TYR A 81 -1.71 -13.56 5.69
N THR A 82 -2.47 -13.06 4.69
CA THR A 82 -2.09 -13.14 3.26
C THR A 82 -2.41 -11.82 2.51
N PRO A 83 -1.73 -10.66 2.87
CA PRO A 83 -1.85 -9.42 2.07
C PRO A 83 -0.98 -9.45 0.79
N TYR A 84 -1.49 -8.81 -0.27
CA TYR A 84 -0.76 -8.60 -1.54
C TYR A 84 0.17 -7.39 -1.41
N TYR A 85 0.93 -7.10 -2.47
CA TYR A 85 1.85 -5.96 -2.48
C TYR A 85 2.19 -5.53 -3.92
N LEU A 86 2.16 -4.21 -4.15
CA LEU A 86 2.43 -3.59 -5.46
C LEU A 86 3.88 -3.08 -5.48
N GLU A 87 4.66 -3.63 -6.41
CA GLU A 87 6.05 -3.21 -6.65
C GLU A 87 6.10 -2.39 -7.96
N GLY A 88 6.01 -1.06 -7.82
CA GLY A 88 5.97 -0.15 -8.94
C GLY A 88 6.13 1.30 -8.49
N ASN A 89 6.44 2.20 -9.44
CA ASN A 89 6.74 3.61 -9.17
C ASN A 89 5.45 4.36 -8.76
N VAL A 90 5.42 4.90 -7.52
CA VAL A 90 4.20 5.50 -6.93
C VAL A 90 3.69 6.71 -7.74
N TYR A 91 4.62 7.50 -8.30
CA TYR A 91 4.30 8.71 -9.08
C TYR A 91 3.63 8.35 -10.42
N ASP A 92 4.01 7.18 -10.95
CA ASP A 92 3.60 6.70 -12.28
C ASP A 92 2.15 6.24 -12.33
N PHE A 93 1.51 6.02 -11.17
CA PHE A 93 0.10 5.56 -11.11
C PHE A 93 -0.82 6.53 -11.90
N GLU A 94 -0.56 7.85 -11.75
CA GLU A 94 -1.25 8.93 -12.48
C GLU A 94 -1.12 8.78 -14.01
N LYS A 95 0.11 8.57 -14.52
CA LYS A 95 0.36 8.44 -15.99
C LYS A 95 -0.12 7.07 -16.54
N TYR A 96 -0.35 6.09 -15.62
CA TYR A 96 -1.00 4.80 -15.95
C TYR A 96 -2.53 4.92 -15.84
N GLY A 97 -3.03 6.08 -15.33
CA GLY A 97 -4.46 6.44 -15.40
C GLY A 97 -5.17 6.42 -14.06
N PHE A 98 -4.49 5.87 -13.04
CA PHE A 98 -5.04 5.72 -11.68
C PHE A 98 -5.09 7.08 -10.95
N ARG A 99 -6.25 7.36 -10.34
CA ARG A 99 -6.50 8.55 -9.51
C ARG A 99 -5.65 8.49 -8.23
N MET A 100 -4.95 9.61 -7.96
CA MET A 100 -4.12 9.78 -6.76
C MET A 100 -4.38 11.16 -6.13
N VAL A 101 -3.96 11.33 -4.86
CA VAL A 101 -4.03 12.62 -4.15
C VAL A 101 -2.59 13.12 -3.83
N TYR A 102 -2.20 14.22 -4.48
CA TYR A 102 -0.89 14.91 -4.30
C TYR A 102 -1.07 16.12 -3.36
N ASP A 103 0.02 16.50 -2.65
CA ASP A 103 0.06 17.64 -1.68
C ASP A 103 -0.99 17.48 -0.57
N ASP A 104 -1.33 16.23 -0.24
CA ASP A 104 -2.43 15.89 0.70
C ASP A 104 -2.10 16.28 2.17
N THR A 105 -0.85 16.73 2.38
CA THR A 105 -0.37 17.26 3.67
C THR A 105 -1.36 18.27 4.31
N CYS A 106 -1.97 19.14 3.50
CA CYS A 106 -2.93 20.16 3.93
C CYS A 106 -3.89 20.52 2.78
N ASP A 107 -4.80 21.47 3.05
CA ASP A 107 -5.69 22.04 2.03
C ASP A 107 -4.90 22.96 1.10
N LYS A 108 -4.43 22.40 -0.03
CA LYS A 108 -3.74 23.14 -1.10
C LYS A 108 -4.73 24.15 -1.72
N LYS A 109 -5.91 23.64 -2.07
CA LYS A 109 -7.06 24.46 -2.49
C LYS A 109 -7.91 24.82 -1.25
N ASN A 110 -8.53 26.00 -1.26
CA ASN A 110 -9.42 26.46 -0.19
C ASN A 110 -10.47 27.46 -0.74
N MET A 1 6.70 -18.75 -1.37
CA MET A 1 5.35 -18.71 -0.77
C MET A 1 4.53 -17.54 -1.33
N LEU A 2 4.85 -16.29 -0.89
CA LEU A 2 4.00 -15.09 -1.18
C LEU A 2 4.33 -14.42 -2.53
N GLU A 3 5.27 -14.95 -3.31
CA GLU A 3 5.65 -14.34 -4.62
C GLU A 3 4.48 -14.42 -5.64
N ASP A 4 3.48 -15.28 -5.36
CA ASP A 4 2.21 -15.36 -6.12
C ASP A 4 1.30 -14.14 -5.84
N TYR A 5 1.60 -13.43 -4.74
CA TYR A 5 0.89 -12.20 -4.32
C TYR A 5 1.58 -10.93 -4.88
N ALA A 6 2.71 -11.12 -5.61
CA ALA A 6 3.46 -10.03 -6.26
C ALA A 6 2.69 -9.49 -7.46
N ILE A 7 1.96 -8.38 -7.25
CA ILE A 7 1.22 -7.69 -8.30
C ILE A 7 2.06 -6.50 -8.77
N SER A 8 2.21 -6.35 -10.10
CA SER A 8 2.96 -5.23 -10.71
C SER A 8 2.00 -4.11 -11.15
N LEU A 9 2.54 -2.88 -11.31
CA LEU A 9 1.77 -1.70 -11.76
C LEU A 9 1.21 -1.89 -13.19
N GLU A 10 1.90 -2.72 -13.99
CA GLU A 10 1.51 -3.05 -15.38
C GLU A 10 0.24 -3.94 -15.46
N GLU A 11 -0.18 -4.52 -14.32
CA GLU A 11 -1.29 -5.51 -14.26
C GLU A 11 -2.26 -5.23 -13.09
N VAL A 12 -2.02 -4.16 -12.32
CA VAL A 12 -2.78 -3.85 -11.09
C VAL A 12 -4.10 -3.12 -11.40
N ASN A 13 -5.08 -3.30 -10.50
CA ASN A 13 -6.34 -2.54 -10.48
C ASN A 13 -6.56 -2.09 -9.03
N PHE A 14 -6.10 -0.88 -8.68
CA PHE A 14 -6.15 -0.38 -7.28
C PHE A 14 -7.59 -0.34 -6.75
N ASN A 15 -8.53 0.07 -7.62
CA ASN A 15 -9.98 0.12 -7.30
C ASN A 15 -10.53 -1.27 -6.90
N ASP A 16 -9.86 -2.35 -7.35
CA ASP A 16 -10.29 -3.74 -7.09
C ASP A 16 -9.97 -4.17 -5.64
N PHE A 17 -8.83 -3.68 -5.09
CA PHE A 17 -8.35 -4.10 -3.74
C PHE A 17 -8.51 -2.95 -2.73
N ILE A 18 -8.55 -3.29 -1.43
CA ILE A 18 -8.36 -2.32 -0.33
C ILE A 18 -6.86 -2.04 -0.24
N VAL A 19 -6.42 -0.88 -0.74
CA VAL A 19 -4.98 -0.59 -0.88
C VAL A 19 -4.46 0.02 0.44
N VAL A 20 -3.18 -0.17 0.71
CA VAL A 20 -2.48 0.39 1.88
C VAL A 20 -1.18 1.02 1.42
N ASP A 21 -0.96 2.29 1.79
CA ASP A 21 0.32 2.97 1.59
C ASP A 21 1.27 2.48 2.70
N VAL A 22 2.19 1.54 2.37
CA VAL A 22 3.19 1.02 3.34
C VAL A 22 4.50 1.76 3.17
N ARG A 23 4.58 2.97 3.76
CA ARG A 23 5.76 3.85 3.65
C ARG A 23 5.92 4.66 4.95
N GLU A 24 5.49 5.94 4.95
CA GLU A 24 5.63 6.89 6.10
C GLU A 24 4.59 8.01 5.98
N LEU A 25 4.53 8.90 7.00
CA LEU A 25 3.63 10.06 7.00
C LEU A 25 4.02 11.06 5.89
N ASP A 26 5.33 11.39 5.79
CA ASP A 26 5.87 12.30 4.76
C ASP A 26 5.51 11.81 3.35
N GLU A 27 5.59 10.49 3.18
CA GLU A 27 5.29 9.79 1.93
C GLU A 27 3.80 9.93 1.54
N TYR A 28 2.93 9.93 2.55
CA TYR A 28 1.47 10.16 2.40
C TYR A 28 1.18 11.61 1.95
N GLU A 29 1.94 12.55 2.52
CA GLU A 29 1.72 14.00 2.35
C GLU A 29 2.11 14.49 0.94
N GLU A 30 3.24 13.97 0.41
CA GLU A 30 3.71 14.33 -0.94
C GLU A 30 2.68 13.90 -2.01
N LEU A 31 2.28 12.61 -1.97
CA LEU A 31 1.29 12.01 -2.87
C LEU A 31 1.09 10.53 -2.53
N HIS A 32 -0.13 10.04 -2.69
CA HIS A 32 -0.51 8.66 -2.37
C HIS A 32 -1.83 8.32 -3.11
N LEU A 33 -2.23 7.05 -3.06
CA LEU A 33 -3.52 6.61 -3.64
C LEU A 33 -4.70 6.96 -2.70
N PRO A 34 -5.91 7.27 -3.25
CA PRO A 34 -7.08 7.70 -2.44
C PRO A 34 -7.52 6.59 -1.46
N ASN A 35 -7.60 5.38 -2.00
CA ASN A 35 -8.04 4.17 -1.30
C ASN A 35 -6.85 3.43 -0.63
N ALA A 36 -5.69 4.12 -0.52
CA ALA A 36 -4.53 3.64 0.23
C ALA A 36 -4.59 4.11 1.69
N THR A 37 -4.59 3.16 2.62
CA THR A 37 -4.58 3.42 4.06
C THR A 37 -3.14 3.75 4.50
N LEU A 38 -2.94 4.91 5.14
CA LEU A 38 -1.63 5.30 5.68
C LEU A 38 -1.22 4.36 6.81
N ILE A 39 -0.21 3.54 6.53
CA ILE A 39 0.47 2.71 7.52
C ILE A 39 1.97 2.76 7.21
N SER A 40 2.77 3.06 8.21
CA SER A 40 4.22 3.02 8.08
C SER A 40 4.66 1.54 8.11
N VAL A 41 5.34 1.09 7.03
CA VAL A 41 5.87 -0.30 6.87
C VAL A 41 6.63 -0.82 8.13
N ASN A 42 7.28 0.09 8.89
CA ASN A 42 8.04 -0.29 10.11
C ASN A 42 7.10 -0.75 11.25
N ASP A 43 5.86 -0.22 11.26
CA ASP A 43 4.81 -0.59 12.23
C ASP A 43 4.20 -1.93 11.86
N GLN A 44 4.79 -3.00 12.38
CA GLN A 44 4.23 -4.35 12.27
C GLN A 44 2.91 -4.43 13.06
N GLU A 45 2.79 -3.67 14.16
CA GLU A 45 1.58 -3.65 14.99
C GLU A 45 0.37 -3.01 14.26
N LYS A 46 0.59 -1.83 13.63
CA LYS A 46 -0.49 -1.09 12.94
C LYS A 46 -0.94 -1.81 11.68
N LEU A 47 0.01 -2.33 10.92
CA LEU A 47 -0.25 -3.03 9.66
C LEU A 47 -1.06 -4.31 9.90
N ALA A 48 -0.61 -5.08 10.90
CA ALA A 48 -1.25 -6.34 11.30
C ALA A 48 -2.59 -6.11 11.99
N ASP A 49 -2.75 -4.94 12.66
CA ASP A 49 -4.03 -4.51 13.27
C ASP A 49 -5.09 -4.33 12.18
N PHE A 50 -4.73 -3.56 11.13
CA PHE A 50 -5.58 -3.32 9.94
C PHE A 50 -6.01 -4.64 9.30
N LEU A 51 -5.06 -5.59 9.25
CA LEU A 51 -5.28 -6.91 8.69
C LEU A 51 -6.10 -7.80 9.64
N SER A 52 -6.01 -7.55 10.96
CA SER A 52 -6.73 -8.32 11.99
C SER A 52 -8.22 -7.91 12.07
N GLN A 53 -8.56 -6.73 11.49
CA GLN A 53 -9.96 -6.20 11.46
C GLN A 53 -10.96 -7.17 10.80
N HIS A 54 -10.45 -8.06 9.92
CA HIS A 54 -11.24 -9.13 9.26
C HIS A 54 -10.37 -10.35 8.93
N LYS A 55 -9.13 -10.09 8.48
CA LYS A 55 -8.18 -11.06 7.87
C LYS A 55 -8.63 -11.46 6.45
N ASP A 56 -9.88 -11.95 6.34
CA ASP A 56 -10.48 -12.31 5.06
C ASP A 56 -11.04 -11.04 4.38
N LYS A 57 -10.13 -10.28 3.79
CA LYS A 57 -10.41 -9.17 2.87
C LYS A 57 -9.20 -8.97 1.96
N LYS A 58 -9.43 -8.47 0.75
CA LYS A 58 -8.41 -8.36 -0.29
C LYS A 58 -7.64 -7.04 -0.13
N VAL A 59 -6.43 -7.11 0.46
CA VAL A 59 -5.59 -5.93 0.73
C VAL A 59 -4.33 -5.95 -0.13
N LEU A 60 -3.99 -4.77 -0.68
CA LEU A 60 -2.82 -4.57 -1.53
C LEU A 60 -1.86 -3.55 -0.89
N LEU A 61 -0.71 -4.02 -0.40
CA LEU A 61 0.30 -3.14 0.22
C LEU A 61 1.17 -2.51 -0.88
N HIS A 62 0.87 -1.25 -1.28
CA HIS A 62 1.60 -0.58 -2.38
C HIS A 62 2.81 0.20 -1.83
N CYS A 63 3.90 0.22 -2.61
CA CYS A 63 5.17 0.88 -2.22
C CYS A 63 5.64 1.89 -3.28
N ARG A 64 6.53 2.80 -2.81
CA ARG A 64 7.22 3.80 -3.64
C ARG A 64 7.98 3.19 -4.84
N ALA A 65 8.47 1.94 -4.68
CA ALA A 65 9.13 1.20 -5.78
C ALA A 65 8.77 -0.30 -5.74
N GLY A 66 8.76 -0.90 -4.52
CA GLY A 66 8.33 -2.30 -4.37
C GLY A 66 8.92 -2.99 -3.15
N ARG A 67 10.04 -2.46 -2.62
CA ARG A 67 10.77 -3.09 -1.49
C ARG A 67 9.89 -3.09 -0.23
N ARG A 68 9.34 -1.91 0.12
CA ARG A 68 8.49 -1.76 1.32
C ARG A 68 7.22 -2.64 1.24
N ALA A 69 6.71 -2.82 0.00
CA ALA A 69 5.53 -3.65 -0.29
C ALA A 69 5.80 -5.11 0.08
N LEU A 70 6.89 -5.63 -0.48
CA LEU A 70 7.36 -7.00 -0.24
C LEU A 70 7.63 -7.21 1.25
N ASP A 71 8.47 -6.32 1.84
CA ASP A 71 8.93 -6.41 3.25
C ASP A 71 7.74 -6.50 4.23
N ALA A 72 6.78 -5.58 4.04
CA ALA A 72 5.54 -5.51 4.82
C ALA A 72 4.73 -6.83 4.72
N ALA A 73 4.52 -7.29 3.48
CA ALA A 73 3.71 -8.48 3.20
C ALA A 73 4.37 -9.76 3.73
N LYS A 74 5.73 -9.87 3.65
CA LYS A 74 6.46 -11.07 4.12
C LYS A 74 6.23 -11.24 5.61
N SER A 75 6.50 -10.16 6.37
CA SER A 75 6.34 -10.12 7.83
C SER A 75 4.94 -10.60 8.26
N MET A 76 3.90 -10.14 7.53
CA MET A 76 2.49 -10.45 7.84
C MET A 76 2.10 -11.88 7.45
N HIS A 77 2.68 -12.42 6.36
CA HIS A 77 2.50 -13.84 5.99
C HIS A 77 3.15 -14.76 7.04
N GLU A 78 4.22 -14.25 7.70
CA GLU A 78 4.89 -14.94 8.83
C GLU A 78 4.04 -14.85 10.12
N LEU A 79 3.24 -13.76 10.23
CA LEU A 79 2.32 -13.56 11.38
C LEU A 79 1.05 -14.42 11.25
N GLY A 80 0.71 -14.80 10.00
CA GLY A 80 -0.45 -15.67 9.73
C GLY A 80 -1.49 -15.02 8.81
N TYR A 81 -1.22 -13.79 8.37
CA TYR A 81 -2.07 -13.08 7.38
C TYR A 81 -1.66 -13.48 5.95
N THR A 82 -2.42 -13.00 4.95
CA THR A 82 -2.09 -13.18 3.52
C THR A 82 -2.43 -11.90 2.71
N PRO A 83 -1.74 -10.74 2.96
CA PRO A 83 -1.89 -9.54 2.11
C PRO A 83 -1.13 -9.68 0.77
N TYR A 84 -1.72 -9.10 -0.29
CA TYR A 84 -1.05 -8.89 -1.58
C TYR A 84 -0.12 -7.68 -1.45
N TYR A 85 0.74 -7.45 -2.44
CA TYR A 85 1.67 -6.31 -2.41
C TYR A 85 1.96 -5.83 -3.85
N LEU A 86 2.00 -4.50 -4.00
CA LEU A 86 2.21 -3.83 -5.28
C LEU A 86 3.65 -3.34 -5.38
N GLU A 87 4.38 -3.95 -6.31
CA GLU A 87 5.70 -3.51 -6.74
C GLU A 87 5.51 -2.61 -7.98
N GLY A 88 5.77 -1.32 -7.79
CA GLY A 88 5.61 -0.31 -8.83
C GLY A 88 5.88 1.07 -8.26
N ASN A 89 6.29 2.02 -9.13
CA ASN A 89 6.70 3.36 -8.69
C ASN A 89 5.46 4.21 -8.31
N VAL A 90 5.46 4.76 -7.06
CA VAL A 90 4.32 5.54 -6.52
C VAL A 90 4.03 6.79 -7.37
N TYR A 91 5.10 7.39 -7.89
CA TYR A 91 5.04 8.62 -8.71
C TYR A 91 4.47 8.31 -10.11
N ASP A 92 4.69 7.05 -10.55
CA ASP A 92 4.28 6.61 -11.90
C ASP A 92 2.83 6.12 -11.96
N PHE A 93 2.18 5.90 -10.81
CA PHE A 93 0.74 5.53 -10.77
C PHE A 93 -0.10 6.59 -11.54
N GLU A 94 0.12 7.86 -11.16
CA GLU A 94 -0.65 9.00 -11.66
C GLU A 94 -0.50 9.16 -13.19
N LYS A 95 0.75 9.17 -13.68
CA LYS A 95 1.07 9.35 -15.12
C LYS A 95 0.65 8.13 -15.98
N TYR A 96 0.57 6.92 -15.35
CA TYR A 96 0.03 5.72 -16.02
C TYR A 96 -1.51 5.83 -16.17
N GLY A 97 -2.14 6.66 -15.31
CA GLY A 97 -3.57 7.00 -15.44
C GLY A 97 -4.37 6.70 -14.19
N PHE A 98 -3.70 6.22 -13.14
CA PHE A 98 -4.34 5.87 -11.86
C PHE A 98 -4.54 7.14 -11.01
N ARG A 99 -5.79 7.33 -10.52
CA ARG A 99 -6.17 8.45 -9.63
C ARG A 99 -5.34 8.44 -8.34
N MET A 100 -4.79 9.61 -7.99
CA MET A 100 -3.96 9.81 -6.80
C MET A 100 -4.29 11.15 -6.12
N VAL A 101 -4.21 11.17 -4.78
CA VAL A 101 -4.43 12.37 -3.95
C VAL A 101 -3.07 12.99 -3.54
N TYR A 102 -2.86 14.23 -4.00
CA TYR A 102 -1.68 15.06 -3.66
C TYR A 102 -2.07 16.07 -2.57
N ASP A 103 -1.05 16.79 -2.03
CA ASP A 103 -1.23 17.98 -1.14
C ASP A 103 -1.83 17.61 0.24
N ASP A 104 -1.96 16.29 0.50
CA ASP A 104 -2.69 15.77 1.67
C ASP A 104 -1.75 15.67 2.89
N THR A 105 -1.36 16.84 3.41
CA THR A 105 -0.44 16.95 4.55
C THR A 105 -1.17 16.68 5.88
N CYS A 106 -2.24 17.48 6.12
CA CYS A 106 -3.13 17.33 7.29
C CYS A 106 -4.32 18.29 7.12
N ASP A 107 -4.00 19.59 6.91
CA ASP A 107 -5.01 20.65 6.74
C ASP A 107 -4.35 21.90 6.13
N LYS A 108 -4.40 22.01 4.79
CA LYS A 108 -4.01 23.23 4.06
C LYS A 108 -5.27 23.98 3.58
N LYS A 109 -6.40 23.68 4.26
CA LYS A 109 -7.73 24.12 3.84
C LYS A 109 -8.74 23.85 4.99
N ASN A 110 -8.73 24.74 5.98
CA ASN A 110 -9.58 24.64 7.18
C ASN A 110 -10.98 25.23 6.89
N MET A 1 4.92 -18.33 1.41
CA MET A 1 5.43 -18.18 0.01
C MET A 1 4.61 -17.08 -0.71
N LEU A 2 4.95 -15.81 -0.45
CA LEU A 2 4.16 -14.64 -0.94
C LEU A 2 4.55 -14.17 -2.35
N GLU A 3 5.42 -14.93 -3.01
CA GLU A 3 6.00 -14.58 -4.33
C GLU A 3 4.88 -14.29 -5.36
N ASP A 4 3.85 -15.15 -5.32
CA ASP A 4 2.68 -15.12 -6.24
C ASP A 4 1.77 -13.90 -6.00
N TYR A 5 1.95 -13.23 -4.84
CA TYR A 5 1.17 -12.04 -4.46
C TYR A 5 1.83 -10.74 -5.00
N ALA A 6 2.89 -10.90 -5.82
CA ALA A 6 3.59 -9.77 -6.48
C ALA A 6 2.79 -9.27 -7.68
N ILE A 7 2.05 -8.18 -7.47
CA ILE A 7 1.30 -7.50 -8.53
C ILE A 7 2.15 -6.34 -9.06
N SER A 8 2.25 -6.24 -10.40
CA SER A 8 2.97 -5.13 -11.06
C SER A 8 2.02 -3.95 -11.32
N LEU A 9 2.58 -2.73 -11.36
CA LEU A 9 1.82 -1.48 -11.66
C LEU A 9 1.12 -1.56 -13.04
N GLU A 10 1.77 -2.25 -13.98
CA GLU A 10 1.31 -2.40 -15.37
C GLU A 10 0.16 -3.44 -15.53
N GLU A 11 -0.38 -3.96 -14.40
CA GLU A 11 -1.48 -4.96 -14.44
C GLU A 11 -2.41 -4.84 -13.20
N VAL A 12 -2.16 -3.84 -12.34
CA VAL A 12 -2.93 -3.66 -11.08
C VAL A 12 -4.24 -2.86 -11.30
N ASN A 13 -5.18 -3.00 -10.37
CA ASN A 13 -6.40 -2.18 -10.26
C ASN A 13 -6.59 -1.85 -8.78
N PHE A 14 -6.15 -0.65 -8.35
CA PHE A 14 -6.19 -0.25 -6.92
C PHE A 14 -7.64 -0.21 -6.38
N ASN A 15 -8.60 0.07 -7.28
CA ASN A 15 -10.05 0.06 -6.99
C ASN A 15 -10.57 -1.35 -6.66
N ASP A 16 -9.84 -2.39 -7.10
CA ASP A 16 -10.19 -3.81 -6.88
C ASP A 16 -9.80 -4.27 -5.45
N PHE A 17 -8.81 -3.59 -4.83
CA PHE A 17 -8.29 -4.00 -3.49
C PHE A 17 -8.48 -2.86 -2.49
N ILE A 18 -8.51 -3.22 -1.20
CA ILE A 18 -8.33 -2.27 -0.10
C ILE A 18 -6.83 -2.06 0.08
N VAL A 19 -6.32 -0.93 -0.43
CA VAL A 19 -4.88 -0.71 -0.56
C VAL A 19 -4.32 -0.10 0.75
N VAL A 20 -3.07 -0.44 1.08
CA VAL A 20 -2.31 0.15 2.19
C VAL A 20 -1.02 0.75 1.62
N ASP A 21 -0.72 2.01 1.99
CA ASP A 21 0.56 2.65 1.69
C ASP A 21 1.51 2.31 2.84
N VAL A 22 2.48 1.38 2.60
CA VAL A 22 3.44 0.93 3.65
C VAL A 22 4.78 1.68 3.56
N ARG A 23 4.81 2.92 4.11
CA ARG A 23 6.01 3.77 4.13
C ARG A 23 6.00 4.75 5.32
N GLU A 24 5.36 5.96 5.19
CA GLU A 24 5.49 7.04 6.21
C GLU A 24 4.51 8.22 5.97
N LEU A 25 4.24 9.01 7.03
CA LEU A 25 3.44 10.25 6.94
C LEU A 25 4.03 11.22 5.89
N ASP A 26 5.37 11.28 5.83
CA ASP A 26 6.14 12.15 4.92
C ASP A 26 5.73 11.97 3.44
N GLU A 27 5.74 10.71 2.97
CA GLU A 27 5.39 10.39 1.58
C GLU A 27 3.91 10.68 1.31
N TYR A 28 3.04 10.45 2.33
CA TYR A 28 1.61 10.81 2.28
C TYR A 28 1.43 12.33 1.97
N GLU A 29 2.30 13.16 2.60
CA GLU A 29 2.26 14.63 2.47
C GLU A 29 2.47 15.04 0.99
N GLU A 30 3.46 14.43 0.32
CA GLU A 30 3.77 14.75 -1.10
C GLU A 30 2.72 14.13 -2.08
N LEU A 31 2.40 12.82 -1.93
CA LEU A 31 1.35 12.14 -2.76
C LEU A 31 1.00 10.76 -2.18
N HIS A 32 -0.23 10.28 -2.45
CA HIS A 32 -0.68 8.94 -2.04
C HIS A 32 -1.96 8.57 -2.82
N LEU A 33 -2.25 7.27 -2.89
CA LEU A 33 -3.52 6.76 -3.44
C LEU A 33 -4.69 7.10 -2.50
N PRO A 34 -5.88 7.47 -3.05
CA PRO A 34 -7.10 7.69 -2.22
C PRO A 34 -7.65 6.35 -1.66
N ASN A 35 -7.16 5.23 -2.25
CA ASN A 35 -7.52 3.86 -1.86
C ASN A 35 -6.52 3.30 -0.82
N ALA A 36 -5.40 4.02 -0.60
CA ALA A 36 -4.28 3.56 0.26
C ALA A 36 -4.43 4.05 1.70
N THR A 37 -4.27 3.12 2.65
CA THR A 37 -4.29 3.41 4.09
C THR A 37 -2.88 3.71 4.58
N LEU A 38 -2.68 4.89 5.19
CA LEU A 38 -1.38 5.35 5.67
C LEU A 38 -0.92 4.52 6.89
N ILE A 39 -0.03 3.55 6.64
CA ILE A 39 0.64 2.73 7.67
C ILE A 39 2.15 2.74 7.38
N SER A 40 2.98 2.80 8.43
CA SER A 40 4.43 2.69 8.25
C SER A 40 4.80 1.20 8.12
N VAL A 41 5.72 0.88 7.17
CA VAL A 41 6.30 -0.47 7.00
C VAL A 41 6.82 -1.06 8.34
N ASN A 42 7.38 -0.20 9.20
CA ASN A 42 7.96 -0.60 10.50
C ASN A 42 6.87 -0.91 11.57
N ASP A 43 5.64 -0.35 11.38
CA ASP A 43 4.50 -0.60 12.27
C ASP A 43 3.85 -1.95 11.96
N GLN A 44 4.46 -3.03 12.49
CA GLN A 44 3.91 -4.39 12.41
C GLN A 44 2.57 -4.46 13.17
N GLU A 45 2.49 -3.76 14.32
CA GLU A 45 1.29 -3.70 15.18
C GLU A 45 0.07 -3.10 14.45
N LYS A 46 0.31 -2.01 13.69
CA LYS A 46 -0.76 -1.27 12.99
C LYS A 46 -1.17 -2.02 11.69
N LEU A 47 -0.18 -2.55 10.99
CA LEU A 47 -0.39 -3.26 9.71
C LEU A 47 -1.16 -4.57 9.91
N ALA A 48 -0.74 -5.32 10.95
CA ALA A 48 -1.35 -6.59 11.32
C ALA A 48 -2.72 -6.37 11.99
N ASP A 49 -2.90 -5.21 12.67
CA ASP A 49 -4.21 -4.77 13.22
C ASP A 49 -5.22 -4.57 12.09
N PHE A 50 -4.78 -3.86 11.04
CA PHE A 50 -5.58 -3.57 9.84
C PHE A 50 -6.10 -4.87 9.20
N LEU A 51 -5.18 -5.84 9.07
CA LEU A 51 -5.50 -7.15 8.51
C LEU A 51 -6.41 -7.95 9.46
N SER A 52 -6.20 -7.79 10.78
CA SER A 52 -6.98 -8.50 11.82
C SER A 52 -8.42 -7.95 11.95
N GLN A 53 -8.69 -6.75 11.37
CA GLN A 53 -10.05 -6.12 11.38
C GLN A 53 -11.14 -7.04 10.78
N HIS A 54 -10.74 -7.89 9.80
CA HIS A 54 -11.64 -8.86 9.14
C HIS A 54 -10.87 -10.11 8.68
N LYS A 55 -9.65 -9.89 8.17
CA LYS A 55 -8.79 -10.90 7.49
C LYS A 55 -9.33 -11.25 6.09
N ASP A 56 -10.62 -11.64 6.03
CA ASP A 56 -11.32 -11.90 4.78
C ASP A 56 -11.76 -10.57 4.12
N LYS A 57 -10.76 -9.86 3.62
CA LYS A 57 -10.88 -8.71 2.73
C LYS A 57 -9.56 -8.59 1.94
N LYS A 58 -9.65 -8.22 0.66
CA LYS A 58 -8.51 -8.32 -0.27
C LYS A 58 -7.63 -7.06 -0.17
N VAL A 59 -6.50 -7.15 0.54
CA VAL A 59 -5.63 -5.99 0.84
C VAL A 59 -4.37 -6.00 -0.05
N LEU A 60 -3.94 -4.78 -0.45
CA LEU A 60 -2.78 -4.58 -1.34
C LEU A 60 -1.76 -3.59 -0.72
N LEU A 61 -0.65 -4.10 -0.21
CA LEU A 61 0.42 -3.27 0.40
C LEU A 61 1.31 -2.68 -0.72
N HIS A 62 1.06 -1.43 -1.14
CA HIS A 62 1.84 -0.80 -2.21
C HIS A 62 3.00 0.02 -1.61
N CYS A 63 4.09 0.13 -2.37
CA CYS A 63 5.26 0.96 -2.00
C CYS A 63 5.78 1.73 -3.21
N ARG A 64 6.50 2.83 -2.92
CA ARG A 64 7.09 3.77 -3.92
C ARG A 64 7.87 3.04 -5.03
N ALA A 65 8.62 2.00 -4.67
CA ALA A 65 9.30 1.14 -5.65
C ALA A 65 8.76 -0.29 -5.54
N GLY A 66 8.74 -0.83 -4.30
CA GLY A 66 8.15 -2.14 -4.03
C GLY A 66 8.91 -2.97 -3.00
N ARG A 67 10.05 -2.44 -2.47
CA ARG A 67 10.87 -3.15 -1.46
C ARG A 67 10.05 -3.30 -0.17
N ARG A 68 9.51 -2.16 0.32
CA ARG A 68 8.71 -2.11 1.56
C ARG A 68 7.37 -2.84 1.39
N ALA A 69 6.86 -2.85 0.14
CA ALA A 69 5.65 -3.60 -0.24
C ALA A 69 5.83 -5.09 0.07
N LEU A 70 6.90 -5.67 -0.50
CA LEU A 70 7.30 -7.06 -0.27
C LEU A 70 7.55 -7.28 1.23
N ASP A 71 8.47 -6.48 1.80
CA ASP A 71 9.01 -6.63 3.18
C ASP A 71 7.91 -6.70 4.26
N ALA A 72 7.03 -5.69 4.25
CA ALA A 72 5.88 -5.60 5.17
C ALA A 72 4.94 -6.80 5.01
N ALA A 73 4.62 -7.13 3.74
CA ALA A 73 3.75 -8.26 3.40
C ALA A 73 4.38 -9.60 3.82
N LYS A 74 5.74 -9.69 3.81
CA LYS A 74 6.46 -10.91 4.22
C LYS A 74 6.14 -11.21 5.66
N SER A 75 6.41 -10.21 6.53
CA SER A 75 6.21 -10.32 7.98
C SER A 75 4.80 -10.82 8.33
N MET A 76 3.79 -10.24 7.67
CA MET A 76 2.37 -10.59 7.88
C MET A 76 2.03 -12.01 7.38
N HIS A 77 2.65 -12.44 6.27
CA HIS A 77 2.55 -13.84 5.78
C HIS A 77 3.12 -14.83 6.81
N GLU A 78 4.18 -14.39 7.53
CA GLU A 78 4.85 -15.19 8.57
C GLU A 78 4.04 -15.18 9.88
N LEU A 79 3.20 -14.13 10.07
CA LEU A 79 2.29 -14.02 11.25
C LEU A 79 1.06 -14.94 11.07
N GLY A 80 0.69 -15.24 9.81
CA GLY A 80 -0.46 -16.11 9.50
C GLY A 80 -1.43 -15.51 8.49
N TYR A 81 -1.25 -14.21 8.17
CA TYR A 81 -2.07 -13.51 7.14
C TYR A 81 -1.58 -13.89 5.72
N THR A 82 -2.32 -13.40 4.70
CA THR A 82 -1.92 -13.53 3.28
C THR A 82 -2.35 -12.26 2.48
N PRO A 83 -1.75 -11.05 2.78
CA PRO A 83 -2.00 -9.83 1.95
C PRO A 83 -1.16 -9.83 0.65
N TYR A 84 -1.62 -9.05 -0.34
CA TYR A 84 -0.87 -8.79 -1.58
C TYR A 84 0.11 -7.63 -1.39
N TYR A 85 0.88 -7.32 -2.44
CA TYR A 85 1.79 -6.18 -2.46
C TYR A 85 2.01 -5.69 -3.90
N LEU A 86 2.13 -4.37 -4.06
CA LEU A 86 2.26 -3.71 -5.36
C LEU A 86 3.68 -3.13 -5.50
N GLU A 87 4.37 -3.62 -6.53
CA GLU A 87 5.68 -3.13 -6.94
C GLU A 87 5.49 -2.19 -8.15
N GLY A 88 5.69 -0.88 -7.91
CA GLY A 88 5.54 0.14 -8.94
C GLY A 88 5.73 1.55 -8.39
N ASN A 89 6.12 2.49 -9.26
CA ASN A 89 6.45 3.87 -8.88
C ASN A 89 5.19 4.67 -8.52
N VAL A 90 5.15 5.24 -7.30
CA VAL A 90 3.96 5.96 -6.76
C VAL A 90 3.59 7.20 -7.62
N TYR A 91 4.61 7.77 -8.26
CA TYR A 91 4.48 8.94 -9.14
C TYR A 91 3.90 8.52 -10.51
N ASP A 92 4.25 7.28 -10.90
CA ASP A 92 3.86 6.69 -12.20
C ASP A 92 2.42 6.15 -12.19
N PHE A 93 1.84 5.93 -10.98
CA PHE A 93 0.42 5.49 -10.85
C PHE A 93 -0.50 6.41 -11.69
N GLU A 94 -0.27 7.71 -11.51
CA GLU A 94 -1.10 8.76 -12.08
C GLU A 94 -1.02 8.77 -13.63
N LYS A 95 0.20 8.73 -14.19
CA LYS A 95 0.41 8.74 -15.66
C LYS A 95 -0.03 7.41 -16.33
N TYR A 96 -0.01 6.29 -15.57
CA TYR A 96 -0.53 4.98 -16.05
C TYR A 96 -2.07 5.03 -16.19
N GLY A 97 -2.73 5.85 -15.35
CA GLY A 97 -4.19 6.10 -15.46
C GLY A 97 -4.95 5.88 -14.15
N PHE A 98 -4.21 5.72 -13.05
CA PHE A 98 -4.78 5.51 -11.72
C PHE A 98 -4.96 6.85 -10.99
N ARG A 99 -6.07 6.98 -10.25
CA ARG A 99 -6.37 8.18 -9.45
C ARG A 99 -5.37 8.33 -8.30
N MET A 100 -4.82 9.55 -8.16
CA MET A 100 -3.77 9.91 -7.19
C MET A 100 -4.08 11.28 -6.57
N VAL A 101 -3.73 11.42 -5.28
CA VAL A 101 -3.98 12.64 -4.48
C VAL A 101 -2.62 13.23 -4.06
N TYR A 102 -2.36 14.50 -4.41
CA TYR A 102 -1.08 15.18 -4.12
C TYR A 102 -1.27 16.29 -3.07
N ASP A 103 -0.18 16.63 -2.37
CA ASP A 103 -0.10 17.78 -1.44
C ASP A 103 -1.14 17.63 -0.30
N ASP A 104 -0.99 16.53 0.47
CA ASP A 104 -1.86 16.19 1.61
C ASP A 104 -1.21 16.61 2.94
N THR A 105 -0.35 17.65 2.87
CA THR A 105 0.33 18.23 4.05
C THR A 105 -0.59 19.18 4.86
N CYS A 106 -1.89 19.17 4.52
CA CYS A 106 -2.96 19.80 5.32
C CYS A 106 -2.83 21.35 5.35
N ASP A 107 -2.98 21.99 6.54
CA ASP A 107 -2.85 23.45 6.70
C ASP A 107 -1.46 23.94 6.25
N LYS A 108 -1.43 24.67 5.12
CA LYS A 108 -0.20 25.24 4.52
C LYS A 108 -0.20 26.78 4.69
N LYS A 109 -1.38 27.40 4.47
CA LYS A 109 -1.57 28.88 4.46
C LYS A 109 -0.79 29.54 3.29
N ASN A 110 -0.78 30.89 3.28
CA ASN A 110 -0.01 31.71 2.33
C ASN A 110 0.49 32.99 3.04
N MET A 1 6.32 -18.81 -1.88
CA MET A 1 5.09 -18.52 -1.12
C MET A 1 4.45 -17.17 -1.57
N LEU A 2 4.92 -16.02 -1.03
CA LEU A 2 4.22 -14.71 -1.28
C LEU A 2 4.67 -14.02 -2.57
N GLU A 3 5.75 -14.53 -3.21
CA GLU A 3 6.34 -13.90 -4.43
C GLU A 3 5.34 -13.89 -5.62
N ASP A 4 4.33 -14.76 -5.57
CA ASP A 4 3.25 -14.83 -6.57
C ASP A 4 2.15 -13.77 -6.31
N TYR A 5 2.13 -13.23 -5.07
CA TYR A 5 1.25 -12.11 -4.67
C TYR A 5 1.86 -10.74 -5.11
N ALA A 6 3.04 -10.79 -5.77
CA ALA A 6 3.74 -9.60 -6.28
C ALA A 6 3.00 -9.00 -7.48
N ILE A 7 2.06 -8.11 -7.19
CA ILE A 7 1.28 -7.42 -8.21
C ILE A 7 2.13 -6.31 -8.85
N SER A 8 2.03 -6.18 -10.18
CA SER A 8 2.86 -5.27 -10.99
C SER A 8 2.00 -4.09 -11.48
N LEU A 9 2.61 -2.90 -11.54
CA LEU A 9 1.94 -1.64 -11.96
C LEU A 9 1.37 -1.72 -13.40
N GLU A 10 2.00 -2.56 -14.24
CA GLU A 10 1.57 -2.79 -15.64
C GLU A 10 0.10 -3.31 -15.71
N GLU A 11 -0.29 -4.16 -14.75
CA GLU A 11 -1.59 -4.87 -14.75
C GLU A 11 -2.35 -4.72 -13.42
N VAL A 12 -1.90 -3.79 -12.55
CA VAL A 12 -2.52 -3.57 -11.23
C VAL A 12 -3.94 -2.97 -11.39
N ASN A 13 -4.80 -3.22 -10.40
CA ASN A 13 -6.16 -2.65 -10.36
C ASN A 13 -6.42 -2.16 -8.92
N PHE A 14 -5.91 -0.96 -8.58
CA PHE A 14 -6.06 -0.38 -7.21
C PHE A 14 -7.56 -0.25 -6.82
N ASN A 15 -8.39 0.00 -7.84
CA ASN A 15 -9.85 0.15 -7.69
C ASN A 15 -10.51 -1.18 -7.26
N ASP A 16 -9.79 -2.30 -7.43
CA ASP A 16 -10.28 -3.65 -7.13
C ASP A 16 -9.89 -4.10 -5.70
N PHE A 17 -8.79 -3.54 -5.15
CA PHE A 17 -8.24 -3.97 -3.83
C PHE A 17 -8.33 -2.81 -2.81
N ILE A 18 -8.45 -3.15 -1.52
CA ILE A 18 -8.32 -2.18 -0.42
C ILE A 18 -6.82 -1.91 -0.22
N VAL A 19 -6.34 -0.76 -0.70
CA VAL A 19 -4.91 -0.49 -0.80
C VAL A 19 -4.38 0.07 0.55
N VAL A 20 -3.10 -0.18 0.84
CA VAL A 20 -2.38 0.38 2.00
C VAL A 20 -1.10 1.03 1.49
N ASP A 21 -0.87 2.29 1.88
CA ASP A 21 0.39 2.98 1.64
C ASP A 21 1.36 2.56 2.75
N VAL A 22 2.29 1.61 2.45
CA VAL A 22 3.28 1.12 3.44
C VAL A 22 4.59 1.88 3.29
N ARG A 23 4.62 3.08 3.87
CA ARG A 23 5.75 3.99 3.74
C ARG A 23 5.92 4.80 5.03
N GLU A 24 5.20 5.94 5.16
CA GLU A 24 5.33 6.86 6.32
C GLU A 24 4.31 8.02 6.17
N LEU A 25 4.08 8.76 7.27
CA LEU A 25 3.30 10.01 7.27
C LEU A 25 3.89 11.03 6.28
N ASP A 26 5.23 11.20 6.27
CA ASP A 26 5.92 12.15 5.37
C ASP A 26 5.66 11.80 3.90
N GLU A 27 5.79 10.50 3.61
CA GLU A 27 5.55 9.91 2.29
C GLU A 27 4.09 10.13 1.83
N TYR A 28 3.17 10.12 2.81
CA TYR A 28 1.75 10.42 2.62
C TYR A 28 1.56 11.91 2.27
N GLU A 29 2.26 12.80 3.01
CA GLU A 29 2.09 14.27 2.92
C GLU A 29 2.38 14.78 1.51
N GLU A 30 3.37 14.16 0.87
CA GLU A 30 3.80 14.53 -0.48
C GLU A 30 2.86 13.96 -1.57
N LEU A 31 2.49 12.65 -1.46
CA LEU A 31 1.53 11.99 -2.39
C LEU A 31 1.08 10.62 -1.86
N HIS A 32 -0.06 10.11 -2.39
CA HIS A 32 -0.52 8.70 -2.15
C HIS A 32 -1.82 8.44 -2.95
N LEU A 33 -2.30 7.18 -2.93
CA LEU A 33 -3.62 6.79 -3.50
C LEU A 33 -4.76 7.14 -2.52
N PRO A 34 -5.96 7.58 -3.04
CA PRO A 34 -7.13 7.91 -2.18
C PRO A 34 -7.79 6.66 -1.56
N ASN A 35 -7.33 5.46 -1.97
CA ASN A 35 -7.80 4.16 -1.43
C ASN A 35 -6.67 3.48 -0.62
N ALA A 36 -5.57 4.22 -0.36
CA ALA A 36 -4.39 3.70 0.36
C ALA A 36 -4.41 4.15 1.83
N THR A 37 -4.41 3.15 2.74
CA THR A 37 -4.42 3.36 4.18
C THR A 37 -3.02 3.80 4.67
N LEU A 38 -2.94 4.90 5.43
CA LEU A 38 -1.67 5.41 5.97
C LEU A 38 -1.19 4.46 7.09
N ILE A 39 -0.21 3.60 6.73
CA ILE A 39 0.53 2.76 7.69
C ILE A 39 2.01 2.76 7.28
N SER A 40 2.90 2.98 8.24
CA SER A 40 4.34 2.87 7.97
C SER A 40 4.74 1.39 8.03
N VAL A 41 5.63 0.97 7.12
CA VAL A 41 6.19 -0.41 7.08
C VAL A 41 6.78 -0.84 8.46
N ASN A 42 7.27 0.16 9.25
CA ASN A 42 7.84 -0.09 10.60
C ASN A 42 6.77 -0.55 11.60
N ASP A 43 5.54 -0.05 11.41
CA ASP A 43 4.39 -0.35 12.29
C ASP A 43 3.80 -1.73 11.94
N GLN A 44 4.46 -2.81 12.44
CA GLN A 44 3.95 -4.19 12.33
C GLN A 44 2.60 -4.31 13.04
N GLU A 45 2.51 -3.68 14.23
CA GLU A 45 1.32 -3.79 15.09
C GLU A 45 0.07 -3.14 14.46
N LYS A 46 0.27 -2.02 13.74
CA LYS A 46 -0.83 -1.29 13.05
C LYS A 46 -1.23 -2.01 11.74
N LEU A 47 -0.22 -2.46 10.99
CA LEU A 47 -0.45 -3.12 9.70
C LEU A 47 -1.22 -4.44 9.87
N ALA A 48 -0.76 -5.23 10.85
CA ALA A 48 -1.37 -6.51 11.20
C ALA A 48 -2.74 -6.32 11.88
N ASP A 49 -2.90 -5.18 12.61
CA ASP A 49 -4.20 -4.80 13.22
C ASP A 49 -5.26 -4.56 12.12
N PHE A 50 -4.85 -3.80 11.08
CA PHE A 50 -5.71 -3.47 9.92
C PHE A 50 -6.18 -4.75 9.22
N LEU A 51 -5.26 -5.73 9.12
CA LEU A 51 -5.55 -7.04 8.54
C LEU A 51 -6.44 -7.88 9.48
N SER A 52 -6.21 -7.74 10.79
CA SER A 52 -6.90 -8.54 11.83
C SER A 52 -8.38 -8.13 11.98
N GLN A 53 -8.72 -6.89 11.57
CA GLN A 53 -10.09 -6.33 11.65
C GLN A 53 -11.15 -7.25 11.03
N HIS A 54 -10.81 -7.83 9.86
CA HIS A 54 -11.71 -8.73 9.09
C HIS A 54 -10.99 -10.01 8.68
N LYS A 55 -9.75 -9.84 8.15
CA LYS A 55 -8.90 -10.89 7.52
C LYS A 55 -9.47 -11.35 6.17
N ASP A 56 -10.77 -11.67 6.12
CA ASP A 56 -11.50 -11.96 4.88
C ASP A 56 -11.85 -10.64 4.16
N LYS A 57 -10.80 -10.03 3.58
CA LYS A 57 -10.90 -8.86 2.67
C LYS A 57 -9.59 -8.81 1.82
N LYS A 58 -9.66 -8.18 0.64
CA LYS A 58 -8.53 -8.13 -0.31
C LYS A 58 -7.74 -6.83 -0.11
N VAL A 59 -6.46 -6.96 0.30
CA VAL A 59 -5.61 -5.79 0.63
C VAL A 59 -4.31 -5.79 -0.21
N LEU A 60 -3.92 -4.59 -0.68
CA LEU A 60 -2.73 -4.39 -1.53
C LEU A 60 -1.75 -3.38 -0.89
N LEU A 61 -0.63 -3.87 -0.35
CA LEU A 61 0.41 -3.03 0.28
C LEU A 61 1.33 -2.43 -0.81
N HIS A 62 1.07 -1.17 -1.22
CA HIS A 62 1.86 -0.51 -2.28
C HIS A 62 3.02 0.30 -1.66
N CYS A 63 4.19 0.27 -2.31
CA CYS A 63 5.40 1.01 -1.89
C CYS A 63 5.86 1.98 -3.00
N ARG A 64 6.65 3.00 -2.61
CA ARG A 64 7.31 3.97 -3.54
C ARG A 64 7.96 3.24 -4.73
N ALA A 65 8.72 2.17 -4.41
CA ALA A 65 9.45 1.36 -5.40
C ALA A 65 8.89 -0.08 -5.44
N GLY A 66 8.79 -0.70 -4.25
CA GLY A 66 8.26 -2.07 -4.13
C GLY A 66 8.95 -2.89 -3.04
N ARG A 67 10.07 -2.36 -2.52
CA ARG A 67 10.86 -3.02 -1.45
C ARG A 67 10.01 -3.25 -0.21
N ARG A 68 9.40 -2.18 0.30
CA ARG A 68 8.61 -2.21 1.55
C ARG A 68 7.22 -2.81 1.33
N ALA A 69 6.80 -2.85 0.07
CA ALA A 69 5.59 -3.60 -0.34
C ALA A 69 5.77 -5.08 0.02
N LEU A 70 6.86 -5.65 -0.51
CA LEU A 70 7.29 -7.03 -0.23
C LEU A 70 7.55 -7.19 1.28
N ASP A 71 8.48 -6.39 1.80
CA ASP A 71 9.01 -6.48 3.20
C ASP A 71 7.89 -6.52 4.27
N ALA A 72 6.95 -5.58 4.15
CA ALA A 72 5.78 -5.48 5.04
C ALA A 72 4.91 -6.73 4.94
N ALA A 73 4.55 -7.11 3.70
CA ALA A 73 3.70 -8.27 3.43
C ALA A 73 4.38 -9.58 3.87
N LYS A 74 5.73 -9.62 3.87
CA LYS A 74 6.50 -10.80 4.32
C LYS A 74 6.20 -11.07 5.78
N SER A 75 6.45 -10.05 6.62
CA SER A 75 6.24 -10.12 8.08
C SER A 75 4.79 -10.59 8.42
N MET A 76 3.81 -10.11 7.64
CA MET A 76 2.38 -10.43 7.84
C MET A 76 2.00 -11.85 7.37
N HIS A 77 2.66 -12.35 6.31
CA HIS A 77 2.52 -13.76 5.87
C HIS A 77 3.06 -14.72 6.95
N GLU A 78 4.14 -14.30 7.62
CA GLU A 78 4.77 -15.06 8.72
C GLU A 78 3.85 -15.09 9.97
N LEU A 79 3.04 -14.03 10.13
CA LEU A 79 2.04 -13.95 11.22
C LEU A 79 0.86 -14.91 10.97
N GLY A 80 0.59 -15.21 9.69
CA GLY A 80 -0.50 -16.10 9.31
C GLY A 80 -1.44 -15.49 8.29
N TYR A 81 -1.35 -14.15 8.10
CA TYR A 81 -2.16 -13.44 7.08
C TYR A 81 -1.62 -13.77 5.66
N THR A 82 -2.37 -13.36 4.61
CA THR A 82 -1.90 -13.48 3.21
C THR A 82 -2.30 -12.23 2.38
N PRO A 83 -1.76 -11.00 2.73
CA PRO A 83 -2.01 -9.78 1.92
C PRO A 83 -1.19 -9.77 0.61
N TYR A 84 -1.72 -9.06 -0.40
CA TYR A 84 -1.00 -8.77 -1.65
C TYR A 84 -0.15 -7.51 -1.47
N TYR A 85 0.66 -7.18 -2.47
CA TYR A 85 1.56 -6.01 -2.43
C TYR A 85 1.93 -5.57 -3.84
N LEU A 86 2.06 -4.25 -4.02
CA LEU A 86 2.35 -3.64 -5.32
C LEU A 86 3.82 -3.18 -5.36
N GLU A 87 4.57 -3.80 -6.26
CA GLU A 87 5.92 -3.41 -6.62
C GLU A 87 5.85 -2.61 -7.93
N GLY A 88 5.97 -1.28 -7.81
CA GLY A 88 5.87 -0.36 -8.93
C GLY A 88 6.12 1.08 -8.51
N ASN A 89 6.49 1.93 -9.48
CA ASN A 89 6.76 3.36 -9.24
C ASN A 89 5.48 4.10 -8.83
N VAL A 90 5.48 4.68 -7.61
CA VAL A 90 4.27 5.28 -6.99
C VAL A 90 3.76 6.50 -7.79
N TYR A 91 4.71 7.30 -8.33
CA TYR A 91 4.37 8.49 -9.16
C TYR A 91 3.70 8.06 -10.47
N ASP A 92 4.12 6.90 -10.97
CA ASP A 92 3.72 6.38 -12.29
C ASP A 92 2.29 5.80 -12.29
N PHE A 93 1.64 5.72 -11.11
CA PHE A 93 0.23 5.28 -11.00
C PHE A 93 -0.67 6.19 -11.88
N GLU A 94 -0.39 7.51 -11.78
CA GLU A 94 -1.11 8.58 -12.49
C GLU A 94 -1.07 8.40 -14.04
N LYS A 95 0.12 8.07 -14.60
CA LYS A 95 0.28 7.93 -16.07
C LYS A 95 -0.30 6.60 -16.59
N TYR A 96 -0.44 5.59 -15.70
CA TYR A 96 -1.15 4.34 -16.00
C TYR A 96 -2.68 4.52 -15.82
N GLY A 97 -3.08 5.65 -15.22
CA GLY A 97 -4.50 6.05 -15.16
C GLY A 97 -5.16 5.73 -13.84
N PHE A 98 -4.37 5.80 -12.76
CA PHE A 98 -4.83 5.55 -11.40
C PHE A 98 -4.73 6.85 -10.58
N ARG A 99 -5.90 7.37 -10.21
CA ARG A 99 -6.09 8.60 -9.40
C ARG A 99 -5.26 8.54 -8.10
N MET A 100 -4.55 9.65 -7.82
CA MET A 100 -3.76 9.83 -6.58
C MET A 100 -3.90 11.27 -6.04
N VAL A 101 -3.85 11.40 -4.71
CA VAL A 101 -3.90 12.69 -4.00
C VAL A 101 -2.48 13.19 -3.75
N TYR A 102 -2.21 14.44 -4.16
CA TYR A 102 -0.92 15.12 -3.95
C TYR A 102 -1.10 16.29 -2.96
N ASP A 103 0.01 16.71 -2.34
CA ASP A 103 0.08 17.90 -1.45
C ASP A 103 -0.92 17.81 -0.28
N ASP A 104 -1.01 16.61 0.33
CA ASP A 104 -1.83 16.38 1.53
C ASP A 104 -1.32 17.25 2.69
N THR A 105 -0.11 16.93 3.17
CA THR A 105 0.59 17.56 4.31
C THR A 105 -0.25 17.55 5.62
N CYS A 106 -1.26 18.43 5.72
CA CYS A 106 -2.22 18.46 6.83
C CYS A 106 -3.58 17.93 6.30
N ASP A 107 -3.49 16.89 5.44
CA ASP A 107 -4.60 16.39 4.58
C ASP A 107 -5.01 17.45 3.54
N LYS A 108 -5.33 17.01 2.31
CA LYS A 108 -5.71 17.92 1.24
C LYS A 108 -7.23 18.18 1.32
N LYS A 109 -7.60 19.39 1.75
CA LYS A 109 -9.01 19.81 1.88
C LYS A 109 -9.18 21.30 1.53
N ASN A 110 -8.15 22.10 1.87
CA ASN A 110 -8.13 23.55 1.67
C ASN A 110 -6.66 24.03 1.68
N MET A 1 6.36 -17.88 0.08
CA MET A 1 4.88 -17.90 0.01
C MET A 1 4.34 -16.71 -0.82
N LEU A 2 4.71 -15.47 -0.42
CA LEU A 2 4.07 -14.25 -0.98
C LEU A 2 4.63 -13.83 -2.36
N GLU A 3 5.59 -14.60 -2.90
CA GLU A 3 6.11 -14.37 -4.27
C GLU A 3 4.98 -14.58 -5.33
N ASP A 4 3.92 -15.31 -4.93
CA ASP A 4 2.71 -15.54 -5.75
C ASP A 4 1.69 -14.40 -5.57
N TYR A 5 1.86 -13.61 -4.49
CA TYR A 5 0.99 -12.46 -4.14
C TYR A 5 1.59 -11.12 -4.65
N ALA A 6 2.66 -11.24 -5.47
CA ALA A 6 3.35 -10.10 -6.08
C ALA A 6 2.56 -9.61 -7.30
N ILE A 7 2.04 -8.38 -7.23
CA ILE A 7 1.35 -7.73 -8.34
C ILE A 7 2.23 -6.58 -8.86
N SER A 8 2.28 -6.42 -10.19
CA SER A 8 3.03 -5.33 -10.85
C SER A 8 2.08 -4.19 -11.24
N LEU A 9 2.63 -2.96 -11.38
CA LEU A 9 1.86 -1.77 -11.82
C LEU A 9 1.24 -1.96 -13.23
N GLU A 10 1.94 -2.71 -14.09
CA GLU A 10 1.51 -2.98 -15.48
C GLU A 10 0.21 -3.82 -15.54
N GLU A 11 -0.10 -4.54 -14.46
CA GLU A 11 -1.23 -5.50 -14.42
C GLU A 11 -2.23 -5.18 -13.29
N VAL A 12 -1.94 -4.16 -12.47
CA VAL A 12 -2.72 -3.89 -11.24
C VAL A 12 -4.04 -3.15 -11.53
N ASN A 13 -5.00 -3.37 -10.62
CA ASN A 13 -6.24 -2.58 -10.52
C ASN A 13 -6.36 -2.12 -9.05
N PHE A 14 -5.85 -0.92 -8.72
CA PHE A 14 -5.87 -0.39 -7.33
C PHE A 14 -7.31 -0.31 -6.78
N ASN A 15 -8.26 -0.01 -7.67
CA ASN A 15 -9.69 0.13 -7.34
C ASN A 15 -10.34 -1.22 -6.96
N ASP A 16 -9.62 -2.33 -7.21
CA ASP A 16 -10.07 -3.71 -6.92
C ASP A 16 -9.73 -4.10 -5.47
N PHE A 17 -8.62 -3.56 -4.94
CA PHE A 17 -8.11 -3.92 -3.60
C PHE A 17 -8.24 -2.71 -2.66
N ILE A 18 -8.36 -2.97 -1.35
CA ILE A 18 -8.20 -1.94 -0.33
C ILE A 18 -6.69 -1.71 -0.16
N VAL A 19 -6.20 -0.61 -0.75
CA VAL A 19 -4.76 -0.37 -0.89
C VAL A 19 -4.22 0.19 0.42
N VAL A 20 -2.92 -0.01 0.67
CA VAL A 20 -2.22 0.54 1.84
C VAL A 20 -0.92 1.18 1.37
N ASP A 21 -0.71 2.47 1.70
CA ASP A 21 0.56 3.14 1.48
C ASP A 21 1.50 2.70 2.61
N VAL A 22 2.44 1.77 2.31
CA VAL A 22 3.38 1.22 3.32
C VAL A 22 4.71 1.99 3.26
N ARG A 23 4.73 3.13 3.93
CA ARG A 23 5.91 4.03 3.93
C ARG A 23 5.94 4.79 5.27
N GLU A 24 5.32 6.00 5.32
CA GLU A 24 5.23 6.85 6.54
C GLU A 24 4.07 7.85 6.38
N LEU A 25 3.85 8.68 7.44
CA LEU A 25 2.95 9.84 7.39
C LEU A 25 3.51 10.88 6.40
N ASP A 26 4.82 11.15 6.51
CA ASP A 26 5.57 12.10 5.65
C ASP A 26 5.37 11.76 4.15
N GLU A 27 5.31 10.46 3.90
CA GLU A 27 5.20 9.88 2.56
C GLU A 27 3.73 9.91 2.04
N TYR A 28 2.79 9.84 2.98
CA TYR A 28 1.35 10.01 2.70
C TYR A 28 1.08 11.46 2.24
N GLU A 29 1.70 12.41 2.95
CA GLU A 29 1.47 13.86 2.77
C GLU A 29 1.97 14.35 1.40
N GLU A 30 3.21 13.92 1.01
CA GLU A 30 3.82 14.34 -0.29
C GLU A 30 2.92 13.93 -1.49
N LEU A 31 2.51 12.64 -1.52
CA LEU A 31 1.58 12.09 -2.52
C LEU A 31 1.24 10.64 -2.16
N HIS A 32 0.00 10.22 -2.47
CA HIS A 32 -0.49 8.86 -2.18
C HIS A 32 -1.75 8.59 -3.00
N LEU A 33 -2.10 7.30 -3.15
CA LEU A 33 -3.38 6.88 -3.77
C LEU A 33 -4.56 7.21 -2.84
N PRO A 34 -5.74 7.62 -3.38
CA PRO A 34 -6.93 7.96 -2.55
C PRO A 34 -7.49 6.71 -1.83
N ASN A 35 -7.24 5.52 -2.43
CA ASN A 35 -7.67 4.21 -1.90
C ASN A 35 -6.61 3.60 -0.96
N ALA A 36 -5.47 4.31 -0.79
CA ALA A 36 -4.38 3.88 0.09
C ALA A 36 -4.65 4.24 1.56
N THR A 37 -4.48 3.24 2.44
CA THR A 37 -4.58 3.37 3.89
C THR A 37 -3.20 3.77 4.44
N LEU A 38 -3.17 4.77 5.33
CA LEU A 38 -1.92 5.24 5.93
C LEU A 38 -1.43 4.21 6.97
N ILE A 39 -0.43 3.41 6.58
CA ILE A 39 0.31 2.58 7.53
C ILE A 39 1.80 2.65 7.17
N SER A 40 2.63 2.88 8.16
CA SER A 40 4.07 2.86 7.98
C SER A 40 4.53 1.38 7.88
N VAL A 41 5.40 1.09 6.90
CA VAL A 41 6.03 -0.24 6.74
C VAL A 41 6.76 -0.66 8.06
N ASN A 42 7.16 0.37 8.85
CA ASN A 42 7.79 0.22 10.17
C ASN A 42 6.84 -0.50 11.18
N ASP A 43 5.55 -0.13 11.13
CA ASP A 43 4.51 -0.67 12.03
C ASP A 43 3.93 -1.98 11.48
N GLN A 44 4.57 -3.10 11.83
CA GLN A 44 4.01 -4.45 11.59
C GLN A 44 2.73 -4.66 12.41
N GLU A 45 2.69 -4.03 13.59
CA GLU A 45 1.57 -4.14 14.53
C GLU A 45 0.28 -3.48 13.98
N LYS A 46 0.44 -2.37 13.24
CA LYS A 46 -0.70 -1.65 12.61
C LYS A 46 -1.13 -2.37 11.31
N LEU A 47 -0.14 -2.91 10.58
CA LEU A 47 -0.38 -3.78 9.40
C LEU A 47 -1.19 -5.03 9.79
N ALA A 48 -0.78 -5.64 10.92
CA ALA A 48 -1.41 -6.85 11.46
C ALA A 48 -2.80 -6.54 11.98
N ASP A 49 -2.95 -5.37 12.65
CA ASP A 49 -4.25 -4.90 13.19
C ASP A 49 -5.27 -4.74 12.07
N PHE A 50 -4.83 -4.13 10.95
CA PHE A 50 -5.68 -3.87 9.77
C PHE A 50 -6.25 -5.19 9.20
N LEU A 51 -5.38 -6.20 9.18
CA LEU A 51 -5.72 -7.58 8.74
C LEU A 51 -6.42 -8.40 9.84
N SER A 52 -6.28 -7.98 11.11
CA SER A 52 -6.97 -8.61 12.25
C SER A 52 -8.44 -8.14 12.33
N GLN A 53 -8.71 -6.91 11.82
CA GLN A 53 -10.08 -6.34 11.74
C GLN A 53 -10.98 -7.22 10.84
N HIS A 54 -10.37 -7.75 9.78
CA HIS A 54 -10.96 -8.64 8.77
C HIS A 54 -9.79 -9.35 8.11
N LYS A 55 -9.69 -10.67 8.22
CA LYS A 55 -8.67 -11.44 7.48
C LYS A 55 -9.09 -11.63 6.02
N ASP A 56 -10.40 -11.80 5.81
CA ASP A 56 -11.00 -11.97 4.47
C ASP A 56 -11.34 -10.61 3.86
N LYS A 57 -10.31 -9.95 3.30
CA LYS A 57 -10.47 -8.83 2.37
C LYS A 57 -9.17 -8.66 1.56
N LYS A 58 -9.30 -8.16 0.33
CA LYS A 58 -8.17 -7.92 -0.58
C LYS A 58 -7.45 -6.64 -0.18
N VAL A 59 -6.17 -6.76 0.19
CA VAL A 59 -5.34 -5.61 0.60
C VAL A 59 -4.08 -5.59 -0.24
N LEU A 60 -3.73 -4.41 -0.74
CA LEU A 60 -2.59 -4.21 -1.62
C LEU A 60 -1.58 -3.23 -0.99
N LEU A 61 -0.53 -3.78 -0.38
CA LEU A 61 0.52 -2.99 0.26
C LEU A 61 1.44 -2.41 -0.83
N HIS A 62 1.19 -1.16 -1.24
CA HIS A 62 1.91 -0.53 -2.36
C HIS A 62 3.12 0.28 -1.83
N CYS A 63 4.23 0.20 -2.56
CA CYS A 63 5.47 0.95 -2.26
C CYS A 63 5.87 1.82 -3.45
N ARG A 64 6.66 2.87 -3.17
CA ARG A 64 7.25 3.76 -4.19
C ARG A 64 8.13 2.97 -5.19
N ALA A 65 8.96 2.07 -4.66
CA ALA A 65 9.81 1.20 -5.50
C ALA A 65 9.23 -0.23 -5.53
N GLY A 66 9.25 -0.92 -4.37
CA GLY A 66 8.75 -2.30 -4.30
C GLY A 66 9.22 -3.08 -3.08
N ARG A 67 10.38 -2.69 -2.51
CA ARG A 67 10.96 -3.41 -1.35
C ARG A 67 10.08 -3.30 -0.11
N ARG A 68 9.55 -2.10 0.18
CA ARG A 68 8.69 -1.87 1.36
C ARG A 68 7.35 -2.60 1.23
N ALA A 69 6.91 -2.75 -0.03
CA ALA A 69 5.69 -3.52 -0.37
C ALA A 69 5.88 -4.98 0.03
N LEU A 70 6.99 -5.55 -0.45
CA LEU A 70 7.39 -6.94 -0.19
C LEU A 70 7.56 -7.17 1.32
N ASP A 71 8.48 -6.39 1.92
CA ASP A 71 8.95 -6.58 3.32
C ASP A 71 7.80 -6.51 4.33
N ALA A 72 6.92 -5.49 4.14
CA ALA A 72 5.69 -5.34 4.93
C ALA A 72 4.84 -6.61 4.87
N ALA A 73 4.48 -7.01 3.64
CA ALA A 73 3.60 -8.15 3.39
C ALA A 73 4.25 -9.48 3.86
N LYS A 74 5.61 -9.57 3.88
CA LYS A 74 6.32 -10.78 4.35
C LYS A 74 5.99 -10.99 5.82
N SER A 75 6.20 -9.92 6.60
CA SER A 75 5.95 -9.89 8.06
C SER A 75 4.51 -10.32 8.38
N MET A 76 3.55 -9.82 7.57
CA MET A 76 2.12 -10.15 7.70
C MET A 76 1.85 -11.64 7.43
N HIS A 77 2.51 -12.18 6.38
CA HIS A 77 2.44 -13.62 6.04
C HIS A 77 3.05 -14.50 7.16
N GLU A 78 4.07 -13.96 7.86
CA GLU A 78 4.74 -14.65 8.99
C GLU A 78 3.86 -14.64 10.25
N LEU A 79 2.93 -13.65 10.32
CA LEU A 79 1.91 -13.58 11.40
C LEU A 79 0.67 -14.42 11.05
N GLY A 80 0.69 -15.08 9.87
CA GLY A 80 -0.36 -16.02 9.46
C GLY A 80 -1.36 -15.43 8.49
N TYR A 81 -1.24 -14.12 8.18
CA TYR A 81 -2.14 -13.45 7.19
C TYR A 81 -1.65 -13.73 5.76
N THR A 82 -2.42 -13.30 4.74
CA THR A 82 -2.04 -13.45 3.32
C THR A 82 -2.53 -12.23 2.49
N PRO A 83 -1.98 -10.99 2.73
CA PRO A 83 -2.22 -9.82 1.85
C PRO A 83 -1.40 -9.88 0.54
N TYR A 84 -1.79 -9.03 -0.43
CA TYR A 84 -1.03 -8.77 -1.67
C TYR A 84 -0.10 -7.57 -1.45
N TYR A 85 0.76 -7.29 -2.45
CA TYR A 85 1.61 -6.11 -2.44
C TYR A 85 1.90 -5.68 -3.88
N LEU A 86 2.27 -4.39 -4.04
CA LEU A 86 2.45 -3.77 -5.35
C LEU A 86 3.88 -3.24 -5.47
N GLU A 87 4.61 -3.82 -6.42
CA GLU A 87 5.92 -3.32 -6.86
C GLU A 87 5.70 -2.46 -8.11
N GLY A 88 5.86 -1.14 -7.93
CA GLY A 88 5.65 -0.17 -9.01
C GLY A 88 5.95 1.24 -8.55
N ASN A 89 6.35 2.10 -9.50
CA ASN A 89 6.73 3.50 -9.24
C ASN A 89 5.49 4.31 -8.84
N VAL A 90 5.50 4.88 -7.62
CA VAL A 90 4.32 5.54 -7.00
C VAL A 90 3.82 6.74 -7.84
N TYR A 91 4.76 7.41 -8.53
CA TYR A 91 4.46 8.60 -9.35
C TYR A 91 3.84 8.19 -10.71
N ASP A 92 4.16 6.95 -11.14
CA ASP A 92 3.70 6.40 -12.43
C ASP A 92 2.25 5.90 -12.36
N PHE A 93 1.71 5.73 -11.15
CA PHE A 93 0.30 5.31 -10.94
C PHE A 93 -0.66 6.32 -11.62
N GLU A 94 -0.33 7.61 -11.42
CA GLU A 94 -1.16 8.74 -11.86
C GLU A 94 -1.20 8.83 -13.41
N LYS A 95 -0.03 8.71 -14.05
CA LYS A 95 0.07 8.72 -15.53
C LYS A 95 -0.46 7.41 -16.16
N TYR A 96 -0.51 6.31 -15.36
CA TYR A 96 -1.17 5.04 -15.76
C TYR A 96 -2.70 5.18 -15.74
N GLY A 97 -3.20 6.16 -14.98
CA GLY A 97 -4.63 6.50 -14.99
C GLY A 97 -5.24 6.50 -13.60
N PHE A 98 -4.55 5.86 -12.65
CA PHE A 98 -4.97 5.80 -11.24
C PHE A 98 -4.61 7.13 -10.56
N ARG A 99 -5.60 8.02 -10.43
CA ARG A 99 -5.42 9.35 -9.80
C ARG A 99 -4.79 9.24 -8.41
N MET A 100 -4.15 10.33 -7.96
CA MET A 100 -3.40 10.37 -6.70
C MET A 100 -3.55 11.74 -6.05
N VAL A 101 -3.70 11.75 -4.72
CA VAL A 101 -3.87 12.97 -3.93
C VAL A 101 -2.50 13.43 -3.37
N TYR A 102 -2.01 14.53 -3.94
CA TYR A 102 -0.75 15.19 -3.52
C TYR A 102 -1.04 16.24 -2.44
N ASP A 103 0.01 16.59 -1.66
CA ASP A 103 -0.03 17.70 -0.67
C ASP A 103 -1.10 17.52 0.42
N ASP A 104 -1.56 16.27 0.59
CA ASP A 104 -2.64 15.94 1.55
C ASP A 104 -2.03 15.67 2.92
N THR A 105 -1.69 16.77 3.61
CA THR A 105 -1.06 16.73 4.93
C THR A 105 -2.13 16.50 6.01
N CYS A 106 -3.11 17.42 6.03
CA CYS A 106 -4.24 17.40 6.98
C CYS A 106 -5.47 18.00 6.30
N ASP A 107 -6.63 17.88 6.98
CA ASP A 107 -7.93 18.38 6.48
C ASP A 107 -8.15 19.87 6.87
N LYS A 108 -7.04 20.63 6.91
CA LYS A 108 -7.01 22.06 7.28
C LYS A 108 -7.58 22.97 6.16
N LYS A 109 -7.96 22.35 5.04
CA LYS A 109 -8.63 23.01 3.90
C LYS A 109 -9.77 22.12 3.39
N ASN A 110 -10.60 22.68 2.48
CA ASN A 110 -11.77 21.97 1.94
C ASN A 110 -11.79 22.15 0.39
N MET A 1 5.92 -18.63 -0.56
CA MET A 1 4.80 -18.12 0.24
C MET A 1 4.12 -16.93 -0.48
N LEU A 2 4.63 -15.69 -0.27
CA LEU A 2 3.95 -14.47 -0.76
C LEU A 2 4.36 -14.08 -2.19
N GLU A 3 5.33 -14.78 -2.80
CA GLU A 3 5.88 -14.39 -4.14
C GLU A 3 4.79 -14.43 -5.25
N ASP A 4 3.78 -15.31 -5.08
CA ASP A 4 2.60 -15.38 -5.98
C ASP A 4 1.67 -14.15 -5.83
N TYR A 5 1.70 -13.54 -4.63
CA TYR A 5 0.88 -12.36 -4.30
C TYR A 5 1.55 -11.04 -4.80
N ALA A 6 2.72 -11.18 -5.48
CA ALA A 6 3.45 -10.05 -6.08
C ALA A 6 2.71 -9.50 -7.30
N ILE A 7 2.21 -8.27 -7.20
CA ILE A 7 1.52 -7.59 -8.29
C ILE A 7 2.41 -6.45 -8.82
N SER A 8 2.65 -6.44 -10.14
CA SER A 8 3.41 -5.38 -10.82
C SER A 8 2.46 -4.23 -11.26
N LEU A 9 3.02 -3.04 -11.48
CA LEU A 9 2.24 -1.82 -11.79
C LEU A 9 1.58 -1.87 -13.20
N GLU A 10 2.15 -2.67 -14.10
CA GLU A 10 1.62 -2.86 -15.47
C GLU A 10 0.61 -4.03 -15.53
N GLU A 11 0.24 -4.60 -14.37
CA GLU A 11 -0.81 -5.65 -14.28
C GLU A 11 -1.74 -5.38 -13.07
N VAL A 12 -1.60 -4.21 -12.41
CA VAL A 12 -2.35 -3.88 -11.19
C VAL A 12 -3.71 -3.24 -11.51
N ASN A 13 -4.68 -3.43 -10.61
CA ASN A 13 -5.97 -2.74 -10.61
C ASN A 13 -6.25 -2.30 -9.18
N PHE A 14 -5.80 -1.08 -8.79
CA PHE A 14 -5.96 -0.56 -7.41
C PHE A 14 -7.45 -0.51 -6.98
N ASN A 15 -8.33 -0.31 -7.97
CA ASN A 15 -9.80 -0.27 -7.80
C ASN A 15 -10.38 -1.65 -7.39
N ASP A 16 -9.59 -2.73 -7.57
CA ASP A 16 -10.01 -4.12 -7.28
C ASP A 16 -9.73 -4.49 -5.80
N PHE A 17 -8.73 -3.82 -5.18
CA PHE A 17 -8.27 -4.15 -3.79
C PHE A 17 -8.42 -2.90 -2.89
N ILE A 18 -8.53 -3.11 -1.57
CA ILE A 18 -8.37 -2.02 -0.58
C ILE A 18 -6.87 -1.75 -0.41
N VAL A 19 -6.41 -0.59 -0.89
CA VAL A 19 -4.99 -0.29 -1.03
C VAL A 19 -4.48 0.29 0.31
N VAL A 20 -3.18 0.15 0.56
CA VAL A 20 -2.51 0.71 1.74
C VAL A 20 -1.17 1.34 1.32
N ASP A 21 -0.99 2.61 1.67
CA ASP A 21 0.29 3.30 1.48
C ASP A 21 1.24 2.80 2.58
N VAL A 22 2.18 1.91 2.23
CA VAL A 22 3.17 1.36 3.19
C VAL A 22 4.52 2.05 2.99
N ARG A 23 4.68 3.22 3.58
CA ARG A 23 5.93 3.99 3.49
C ARG A 23 6.15 4.71 4.81
N GLU A 24 5.58 5.92 4.94
CA GLU A 24 5.82 6.79 6.10
C GLU A 24 4.77 7.91 6.12
N LEU A 25 4.75 8.69 7.21
CA LEU A 25 3.84 9.82 7.40
C LEU A 25 4.12 10.91 6.34
N ASP A 26 5.38 11.37 6.24
CA ASP A 26 5.79 12.44 5.32
C ASP A 26 5.53 12.07 3.85
N GLU A 27 5.80 10.78 3.50
CA GLU A 27 5.61 10.27 2.13
C GLU A 27 4.13 10.20 1.73
N TYR A 28 3.27 9.85 2.69
CA TYR A 28 1.80 9.85 2.51
C TYR A 28 1.30 11.27 2.18
N GLU A 29 1.77 12.23 3.00
CA GLU A 29 1.29 13.62 2.97
C GLU A 29 1.63 14.33 1.65
N GLU A 30 2.88 14.17 1.15
CA GLU A 30 3.31 14.78 -0.13
C GLU A 30 2.52 14.20 -1.33
N LEU A 31 2.29 12.87 -1.32
CA LEU A 31 1.47 12.18 -2.36
C LEU A 31 1.08 10.76 -1.90
N HIS A 32 -0.05 10.25 -2.41
CA HIS A 32 -0.53 8.87 -2.11
C HIS A 32 -1.74 8.56 -3.00
N LEU A 33 -2.29 7.35 -2.87
CA LEU A 33 -3.56 6.96 -3.53
C LEU A 33 -4.75 7.30 -2.62
N PRO A 34 -5.91 7.74 -3.20
CA PRO A 34 -7.12 8.09 -2.41
C PRO A 34 -7.75 6.85 -1.73
N ASN A 35 -7.40 5.65 -2.25
CA ASN A 35 -7.89 4.35 -1.74
C ASN A 35 -6.83 3.67 -0.84
N ALA A 36 -5.76 4.42 -0.50
CA ALA A 36 -4.62 3.90 0.29
C ALA A 36 -4.67 4.37 1.77
N THR A 37 -4.69 3.40 2.70
CA THR A 37 -4.62 3.65 4.15
C THR A 37 -3.17 3.99 4.55
N LEU A 38 -2.99 4.99 5.45
CA LEU A 38 -1.66 5.35 5.96
C LEU A 38 -1.20 4.27 6.96
N ILE A 39 -0.24 3.44 6.52
CA ILE A 39 0.50 2.55 7.41
C ILE A 39 1.99 2.68 7.10
N SER A 40 2.81 2.76 8.14
CA SER A 40 4.25 2.77 7.99
C SER A 40 4.74 1.32 7.93
N VAL A 41 5.58 1.01 6.92
CA VAL A 41 6.25 -0.30 6.76
C VAL A 41 6.91 -0.79 8.07
N ASN A 42 7.37 0.17 8.90
CA ASN A 42 8.05 -0.10 10.19
C ASN A 42 7.08 -0.74 11.21
N ASP A 43 5.80 -0.35 11.15
CA ASP A 43 4.76 -0.80 12.10
C ASP A 43 4.11 -2.12 11.64
N GLN A 44 4.72 -3.24 12.03
CA GLN A 44 4.14 -4.59 11.83
C GLN A 44 2.86 -4.74 12.63
N GLU A 45 2.79 -4.08 13.79
CA GLU A 45 1.60 -4.09 14.66
C GLU A 45 0.39 -3.42 13.97
N LYS A 46 0.64 -2.36 13.19
CA LYS A 46 -0.43 -1.60 12.48
C LYS A 46 -0.87 -2.36 11.22
N LEU A 47 0.11 -2.96 10.53
CA LEU A 47 -0.12 -3.85 9.38
C LEU A 47 -1.02 -5.05 9.77
N ALA A 48 -0.62 -5.71 10.87
CA ALA A 48 -1.30 -6.89 11.42
C ALA A 48 -2.68 -6.51 11.95
N ASP A 49 -2.76 -5.33 12.60
CA ASP A 49 -4.01 -4.78 13.17
C ASP A 49 -5.05 -4.58 12.07
N PHE A 50 -4.61 -3.96 10.96
CA PHE A 50 -5.46 -3.62 9.81
C PHE A 50 -6.14 -4.89 9.26
N LEU A 51 -5.34 -5.94 9.15
CA LEU A 51 -5.78 -7.26 8.67
C LEU A 51 -6.56 -8.04 9.74
N SER A 52 -6.31 -7.75 11.02
CA SER A 52 -6.96 -8.43 12.17
C SER A 52 -8.38 -7.86 12.41
N GLN A 53 -8.63 -6.63 11.92
CA GLN A 53 -9.96 -5.99 11.95
C GLN A 53 -10.98 -6.84 11.18
N HIS A 54 -10.55 -7.29 10.00
CA HIS A 54 -11.31 -8.16 9.09
C HIS A 54 -10.25 -8.90 8.28
N LYS A 55 -10.15 -10.21 8.45
CA LYS A 55 -9.26 -11.06 7.62
C LYS A 55 -9.93 -11.45 6.29
N ASP A 56 -11.14 -10.91 6.04
CA ASP A 56 -11.96 -11.22 4.84
C ASP A 56 -11.98 -10.07 3.82
N LYS A 57 -11.24 -8.96 4.05
CA LYS A 57 -11.11 -7.89 3.02
C LYS A 57 -9.75 -8.03 2.30
N LYS A 58 -9.75 -7.79 0.99
CA LYS A 58 -8.57 -7.96 0.13
C LYS A 58 -7.74 -6.67 0.16
N VAL A 59 -6.44 -6.80 0.46
CA VAL A 59 -5.55 -5.64 0.68
C VAL A 59 -4.36 -5.67 -0.27
N LEU A 60 -3.96 -4.46 -0.73
CA LEU A 60 -2.81 -4.26 -1.61
C LEU A 60 -1.87 -3.21 -0.99
N LEU A 61 -0.81 -3.68 -0.33
CA LEU A 61 0.23 -2.81 0.26
C LEU A 61 1.11 -2.24 -0.88
N HIS A 62 0.89 -0.97 -1.28
CA HIS A 62 1.65 -0.36 -2.41
C HIS A 62 2.87 0.44 -1.89
N CYS A 63 4.00 0.36 -2.62
CA CYS A 63 5.28 1.03 -2.24
C CYS A 63 5.79 2.00 -3.32
N ARG A 64 6.67 2.92 -2.86
CA ARG A 64 7.41 3.90 -3.71
C ARG A 64 8.17 3.18 -4.85
N ALA A 65 8.93 2.12 -4.50
CA ALA A 65 9.70 1.31 -5.48
C ALA A 65 9.13 -0.11 -5.54
N GLY A 66 8.86 -0.66 -4.36
CA GLY A 66 8.38 -2.03 -4.21
C GLY A 66 8.84 -2.64 -2.90
N ARG A 67 10.06 -2.28 -2.46
CA ARG A 67 10.72 -2.91 -1.29
C ARG A 67 9.85 -2.87 -0.01
N ARG A 68 9.18 -1.74 0.24
CA ARG A 68 8.35 -1.58 1.45
C ARG A 68 7.08 -2.44 1.37
N ALA A 69 6.56 -2.61 0.14
CA ALA A 69 5.36 -3.40 -0.13
C ALA A 69 5.61 -4.87 0.15
N LEU A 70 6.68 -5.39 -0.49
CA LEU A 70 7.22 -6.73 -0.24
C LEU A 70 7.44 -6.96 1.26
N ASP A 71 8.30 -6.12 1.86
CA ASP A 71 8.80 -6.27 3.25
C ASP A 71 7.64 -6.31 4.27
N ALA A 72 6.68 -5.39 4.08
CA ALA A 72 5.47 -5.30 4.89
C ALA A 72 4.64 -6.60 4.80
N ALA A 73 4.37 -7.03 3.56
CA ALA A 73 3.57 -8.21 3.29
C ALA A 73 4.25 -9.50 3.78
N LYS A 74 5.61 -9.53 3.78
CA LYS A 74 6.38 -10.71 4.26
C LYS A 74 6.06 -10.94 5.72
N SER A 75 6.22 -9.88 6.52
CA SER A 75 5.98 -9.88 7.97
C SER A 75 4.57 -10.41 8.32
N MET A 76 3.56 -9.95 7.55
CA MET A 76 2.15 -10.34 7.73
C MET A 76 1.90 -11.82 7.37
N HIS A 77 2.53 -12.28 6.27
CA HIS A 77 2.49 -13.70 5.84
C HIS A 77 3.20 -14.63 6.86
N GLU A 78 4.18 -14.09 7.61
CA GLU A 78 4.88 -14.80 8.70
C GLU A 78 3.97 -14.92 9.94
N LEU A 79 3.05 -13.96 10.10
CA LEU A 79 2.01 -14.00 11.14
C LEU A 79 0.83 -14.91 10.72
N GLY A 80 0.77 -15.23 9.42
CA GLY A 80 -0.23 -16.17 8.88
C GLY A 80 -1.18 -15.50 7.90
N TYR A 81 -1.24 -14.14 7.91
CA TYR A 81 -2.12 -13.37 7.00
C TYR A 81 -1.66 -13.56 5.54
N THR A 82 -2.50 -13.14 4.58
CA THR A 82 -2.17 -13.24 3.15
C THR A 82 -2.61 -11.97 2.37
N PRO A 83 -2.01 -10.77 2.66
CA PRO A 83 -2.21 -9.56 1.82
C PRO A 83 -1.38 -9.60 0.53
N TYR A 84 -1.86 -8.88 -0.49
CA TYR A 84 -1.08 -8.62 -1.72
C TYR A 84 -0.23 -7.36 -1.52
N TYR A 85 0.65 -7.10 -2.50
CA TYR A 85 1.59 -5.99 -2.43
C TYR A 85 1.98 -5.56 -3.85
N LEU A 86 2.16 -4.24 -4.03
CA LEU A 86 2.43 -3.62 -5.32
C LEU A 86 3.91 -3.22 -5.41
N GLU A 87 4.60 -3.94 -6.29
CA GLU A 87 5.96 -3.64 -6.70
C GLU A 87 5.90 -2.71 -7.92
N GLY A 88 6.18 -1.42 -7.71
CA GLY A 88 6.11 -0.41 -8.77
C GLY A 88 6.34 0.99 -8.25
N ASN A 89 6.50 1.95 -9.18
CA ASN A 89 6.82 3.35 -8.86
C ASN A 89 5.54 4.13 -8.48
N VAL A 90 5.54 4.74 -7.27
CA VAL A 90 4.35 5.40 -6.69
C VAL A 90 3.88 6.60 -7.53
N TYR A 91 4.82 7.36 -8.10
CA TYR A 91 4.52 8.56 -8.91
C TYR A 91 3.94 8.17 -10.30
N ASP A 92 4.20 6.93 -10.72
CA ASP A 92 3.79 6.42 -12.03
C ASP A 92 2.31 5.98 -12.06
N PHE A 93 1.65 5.88 -10.90
CA PHE A 93 0.24 5.46 -10.82
C PHE A 93 -0.67 6.37 -11.69
N GLU A 94 -0.39 7.69 -11.61
CA GLU A 94 -1.01 8.75 -12.43
C GLU A 94 -0.98 8.40 -13.93
N LYS A 95 0.24 8.17 -14.48
CA LYS A 95 0.45 7.94 -15.93
C LYS A 95 -0.02 6.53 -16.37
N TYR A 96 -0.24 5.62 -15.39
CA TYR A 96 -0.85 4.29 -15.65
C TYR A 96 -2.39 4.35 -15.58
N GLY A 97 -2.95 5.47 -15.07
CA GLY A 97 -4.40 5.74 -15.15
C GLY A 97 -5.07 5.92 -13.80
N PHE A 98 -4.36 5.53 -12.73
CA PHE A 98 -4.88 5.54 -11.36
C PHE A 98 -4.58 6.90 -10.70
N ARG A 99 -5.65 7.67 -10.42
CA ARG A 99 -5.55 9.04 -9.90
C ARG A 99 -4.96 9.04 -8.47
N MET A 100 -4.24 10.12 -8.13
CA MET A 100 -3.48 10.23 -6.86
C MET A 100 -3.78 11.57 -6.16
N VAL A 101 -3.76 11.55 -4.83
CA VAL A 101 -3.99 12.74 -3.99
C VAL A 101 -2.65 13.24 -3.43
N TYR A 102 -2.29 14.45 -3.84
CA TYR A 102 -1.12 15.18 -3.35
C TYR A 102 -1.55 16.15 -2.22
N ASP A 103 -0.60 16.46 -1.32
CA ASP A 103 -0.79 17.43 -0.20
C ASP A 103 -1.99 17.04 0.71
N ASP A 104 -1.66 16.26 1.74
CA ASP A 104 -2.62 15.73 2.75
C ASP A 104 -2.01 16.01 4.15
N THR A 105 -1.15 17.06 4.21
CA THR A 105 -0.31 17.38 5.37
C THR A 105 -1.15 17.80 6.59
N CYS A 106 -1.96 18.84 6.41
CA CYS A 106 -2.83 19.38 7.46
C CYS A 106 -4.30 19.39 6.99
N ASP A 107 -4.53 19.15 5.69
CA ASP A 107 -5.87 19.14 5.08
C ASP A 107 -5.86 18.31 3.78
N LYS A 108 -6.94 17.55 3.56
CA LYS A 108 -7.06 16.60 2.44
C LYS A 108 -7.64 17.34 1.22
N LYS A 109 -6.76 17.67 0.25
CA LYS A 109 -7.13 18.42 -0.97
C LYS A 109 -6.90 17.55 -2.21
N ASN A 110 -8.00 17.14 -2.86
CA ASN A 110 -7.98 16.23 -4.03
C ASN A 110 -7.97 17.07 -5.34
N MET A 1 5.44 -18.02 1.31
CA MET A 1 5.06 -18.29 -0.10
C MET A 1 4.23 -17.10 -0.69
N LEU A 2 4.67 -15.86 -0.40
CA LEU A 2 3.97 -14.64 -0.85
C LEU A 2 4.40 -14.15 -2.25
N GLU A 3 5.47 -14.72 -2.84
CA GLU A 3 6.06 -14.17 -4.09
C GLU A 3 5.07 -14.21 -5.28
N ASP A 4 4.06 -15.09 -5.20
CA ASP A 4 2.97 -15.19 -6.19
C ASP A 4 2.00 -13.97 -6.10
N TYR A 5 2.01 -13.30 -4.93
CA TYR A 5 1.18 -12.09 -4.65
C TYR A 5 1.89 -10.81 -5.17
N ALA A 6 3.01 -10.97 -5.91
CA ALA A 6 3.76 -9.84 -6.51
C ALA A 6 3.01 -9.26 -7.71
N ILE A 7 2.29 -8.17 -7.46
CA ILE A 7 1.55 -7.43 -8.50
C ILE A 7 2.44 -6.29 -9.03
N SER A 8 2.61 -6.21 -10.35
CA SER A 8 3.31 -5.09 -11.00
C SER A 8 2.32 -3.93 -11.28
N LEU A 9 2.84 -2.70 -11.36
CA LEU A 9 2.04 -1.48 -11.60
C LEU A 9 1.30 -1.53 -12.97
N GLU A 10 1.93 -2.15 -13.96
CA GLU A 10 1.36 -2.32 -15.32
C GLU A 10 0.10 -3.21 -15.33
N GLU A 11 -0.10 -4.02 -14.28
CA GLU A 11 -1.20 -5.01 -14.20
C GLU A 11 -2.04 -4.85 -12.92
N VAL A 12 -1.73 -3.83 -12.09
CA VAL A 12 -2.48 -3.60 -10.84
C VAL A 12 -3.84 -2.93 -11.14
N ASN A 13 -4.80 -3.14 -10.24
CA ASN A 13 -6.11 -2.48 -10.25
C ASN A 13 -6.42 -2.11 -8.79
N PHE A 14 -6.01 -0.92 -8.35
CA PHE A 14 -6.08 -0.50 -6.92
C PHE A 14 -7.51 -0.59 -6.34
N ASN A 15 -8.51 -0.26 -7.17
CA ASN A 15 -9.94 -0.30 -6.77
C ASN A 15 -10.46 -1.74 -6.56
N ASP A 16 -9.74 -2.72 -7.14
CA ASP A 16 -10.06 -4.16 -7.03
C ASP A 16 -9.78 -4.67 -5.60
N PHE A 17 -8.84 -4.00 -4.88
CA PHE A 17 -8.41 -4.38 -3.51
C PHE A 17 -8.69 -3.20 -2.53
N ILE A 18 -8.51 -3.44 -1.22
CA ILE A 18 -8.41 -2.37 -0.21
C ILE A 18 -6.91 -2.02 -0.09
N VAL A 19 -6.52 -0.79 -0.45
CA VAL A 19 -5.08 -0.46 -0.58
C VAL A 19 -4.55 0.10 0.74
N VAL A 20 -3.28 -0.20 1.02
CA VAL A 20 -2.52 0.37 2.13
C VAL A 20 -1.20 0.92 1.59
N ASP A 21 -0.87 2.15 1.97
CA ASP A 21 0.42 2.76 1.66
C ASP A 21 1.40 2.38 2.78
N VAL A 22 2.36 1.47 2.50
CA VAL A 22 3.30 0.96 3.55
C VAL A 22 4.67 1.68 3.45
N ARG A 23 4.76 2.90 4.02
CA ARG A 23 6.01 3.71 4.01
C ARG A 23 6.09 4.68 5.22
N GLU A 24 5.38 5.85 5.18
CA GLU A 24 5.57 6.93 6.20
C GLU A 24 4.58 8.14 6.01
N LEU A 25 4.54 9.03 7.02
CA LEU A 25 3.76 10.29 6.95
C LEU A 25 4.30 11.22 5.83
N ASP A 26 5.64 11.34 5.72
CA ASP A 26 6.29 12.26 4.75
C ASP A 26 5.86 11.98 3.29
N GLU A 27 5.83 10.70 2.91
CA GLU A 27 5.39 10.28 1.57
C GLU A 27 3.89 10.57 1.38
N TYR A 28 3.10 10.34 2.45
CA TYR A 28 1.67 10.71 2.51
C TYR A 28 1.48 12.19 2.20
N GLU A 29 2.42 13.04 2.71
CA GLU A 29 2.38 14.51 2.54
C GLU A 29 2.61 14.94 1.08
N GLU A 30 3.55 14.26 0.38
CA GLU A 30 3.98 14.65 -0.99
C GLU A 30 3.03 14.12 -2.08
N LEU A 31 2.65 12.83 -2.01
CA LEU A 31 1.68 12.20 -2.94
C LEU A 31 1.36 10.77 -2.47
N HIS A 32 0.07 10.40 -2.47
CA HIS A 32 -0.38 9.04 -2.08
C HIS A 32 -1.72 8.72 -2.76
N LEU A 33 -2.16 7.45 -2.64
CA LEU A 33 -3.44 7.00 -3.18
C LEU A 33 -4.59 7.31 -2.20
N PRO A 34 -5.80 7.69 -2.72
CA PRO A 34 -6.97 8.03 -1.86
C PRO A 34 -7.57 6.77 -1.19
N ASN A 35 -7.33 5.59 -1.82
CA ASN A 35 -7.81 4.29 -1.34
C ASN A 35 -6.74 3.58 -0.47
N ALA A 36 -5.65 4.31 -0.14
CA ALA A 36 -4.52 3.77 0.64
C ALA A 36 -4.58 4.22 2.11
N THR A 37 -4.47 3.24 3.03
CA THR A 37 -4.35 3.51 4.48
C THR A 37 -2.90 3.89 4.82
N LEU A 38 -2.72 5.00 5.56
CA LEU A 38 -1.38 5.45 6.01
C LEU A 38 -0.90 4.50 7.13
N ILE A 39 -0.01 3.58 6.77
CA ILE A 39 0.71 2.69 7.72
C ILE A 39 2.17 2.65 7.28
N SER A 40 3.10 2.63 8.21
CA SER A 40 4.52 2.47 7.87
C SER A 40 4.86 0.98 7.70
N VAL A 41 5.84 0.69 6.85
CA VAL A 41 6.49 -0.64 6.74
C VAL A 41 7.07 -1.09 8.13
N ASN A 42 7.37 -0.08 8.98
CA ASN A 42 7.87 -0.29 10.36
C ASN A 42 6.74 -0.75 11.31
N ASP A 43 5.51 -0.30 11.02
CA ASP A 43 4.33 -0.54 11.88
C ASP A 43 3.74 -1.93 11.63
N GLN A 44 4.33 -2.95 12.30
CA GLN A 44 3.78 -4.33 12.29
C GLN A 44 2.49 -4.38 13.09
N GLU A 45 2.44 -3.64 14.23
CA GLU A 45 1.29 -3.65 15.14
C GLU A 45 0.03 -3.02 14.50
N LYS A 46 0.21 -1.95 13.70
CA LYS A 46 -0.92 -1.28 13.01
C LYS A 46 -1.31 -2.06 11.74
N LEU A 47 -0.31 -2.58 11.03
CA LEU A 47 -0.54 -3.28 9.75
C LEU A 47 -1.31 -4.59 10.00
N ALA A 48 -0.80 -5.37 10.96
CA ALA A 48 -1.41 -6.64 11.37
C ALA A 48 -2.78 -6.41 12.02
N ASP A 49 -2.94 -5.27 12.75
CA ASP A 49 -4.25 -4.87 13.33
C ASP A 49 -5.28 -4.64 12.21
N PHE A 50 -4.88 -3.90 11.15
CA PHE A 50 -5.76 -3.58 10.01
C PHE A 50 -6.24 -4.87 9.31
N LEU A 51 -5.29 -5.82 9.17
CA LEU A 51 -5.55 -7.14 8.58
C LEU A 51 -6.40 -8.01 9.51
N SER A 52 -6.30 -7.76 10.83
CA SER A 52 -7.04 -8.49 11.87
C SER A 52 -8.49 -7.96 12.01
N GLN A 53 -8.70 -6.66 11.72
CA GLN A 53 -10.05 -6.00 11.82
C GLN A 53 -11.06 -6.71 10.92
N HIS A 54 -10.57 -7.10 9.75
CA HIS A 54 -11.29 -7.89 8.76
C HIS A 54 -10.29 -8.87 8.17
N LYS A 55 -10.33 -10.12 8.65
CA LYS A 55 -9.51 -11.24 8.11
C LYS A 55 -10.23 -11.98 6.97
N ASP A 56 -11.30 -11.36 6.45
CA ASP A 56 -12.08 -11.86 5.31
C ASP A 56 -12.21 -10.70 4.29
N LYS A 57 -11.12 -10.46 3.55
CA LYS A 57 -11.01 -9.34 2.59
C LYS A 57 -9.90 -9.61 1.54
N LYS A 58 -9.60 -8.60 0.70
CA LYS A 58 -8.47 -8.62 -0.24
C LYS A 58 -7.70 -7.28 -0.14
N VAL A 59 -6.57 -7.27 0.60
CA VAL A 59 -5.74 -6.05 0.77
C VAL A 59 -4.48 -6.08 -0.12
N LEU A 60 -4.10 -4.89 -0.62
CA LEU A 60 -2.91 -4.66 -1.46
C LEU A 60 -2.01 -3.62 -0.76
N LEU A 61 -0.76 -4.01 -0.43
CA LEU A 61 0.23 -3.12 0.21
C LEU A 61 1.13 -2.51 -0.87
N HIS A 62 0.88 -1.25 -1.28
CA HIS A 62 1.67 -0.61 -2.34
C HIS A 62 2.87 0.15 -1.76
N CYS A 63 3.95 0.23 -2.56
CA CYS A 63 5.20 0.94 -2.19
C CYS A 63 5.72 1.76 -3.38
N ARG A 64 6.53 2.78 -3.04
CA ARG A 64 7.19 3.69 -4.01
C ARG A 64 8.18 2.96 -4.94
N ALA A 65 8.68 1.79 -4.48
CA ALA A 65 9.52 0.90 -5.30
C ALA A 65 8.88 -0.49 -5.34
N GLY A 66 8.74 -1.09 -4.15
CA GLY A 66 8.23 -2.45 -3.99
C GLY A 66 8.99 -3.24 -2.94
N ARG A 67 10.10 -2.67 -2.45
CA ARG A 67 10.93 -3.28 -1.39
C ARG A 67 10.12 -3.31 -0.08
N ARG A 68 9.48 -2.16 0.25
CA ARG A 68 8.64 -2.04 1.46
C ARG A 68 7.34 -2.83 1.31
N ALA A 69 6.83 -2.89 0.07
CA ALA A 69 5.61 -3.65 -0.27
C ALA A 69 5.80 -5.12 0.07
N LEU A 70 6.89 -5.69 -0.49
CA LEU A 70 7.31 -7.06 -0.24
C LEU A 70 7.50 -7.31 1.25
N ASP A 71 8.40 -6.52 1.86
CA ASP A 71 8.87 -6.71 3.27
C ASP A 71 7.72 -6.72 4.27
N ALA A 72 6.85 -5.71 4.18
CA ALA A 72 5.68 -5.56 5.05
C ALA A 72 4.74 -6.77 4.91
N ALA A 73 4.49 -7.16 3.65
CA ALA A 73 3.65 -8.31 3.32
C ALA A 73 4.28 -9.64 3.78
N LYS A 74 5.63 -9.75 3.79
CA LYS A 74 6.33 -10.97 4.24
C LYS A 74 6.00 -11.21 5.70
N SER A 75 6.27 -10.17 6.51
CA SER A 75 6.02 -10.17 7.96
C SER A 75 4.58 -10.62 8.27
N MET A 76 3.61 -10.12 7.50
CA MET A 76 2.19 -10.41 7.70
C MET A 76 1.79 -11.83 7.26
N HIS A 77 2.43 -12.34 6.19
CA HIS A 77 2.27 -13.75 5.75
C HIS A 77 2.88 -14.72 6.80
N GLU A 78 3.93 -14.25 7.52
CA GLU A 78 4.55 -15.00 8.63
C GLU A 78 3.62 -14.99 9.86
N LEU A 79 2.79 -13.94 9.98
CA LEU A 79 1.76 -13.81 11.04
C LEU A 79 0.47 -14.59 10.67
N GLY A 80 0.45 -15.19 9.47
CA GLY A 80 -0.65 -16.05 9.03
C GLY A 80 -1.64 -15.36 8.11
N TYR A 81 -1.52 -14.02 7.96
CA TYR A 81 -2.39 -13.24 7.04
C TYR A 81 -1.91 -13.46 5.58
N THR A 82 -2.68 -12.95 4.60
CA THR A 82 -2.31 -13.03 3.17
C THR A 82 -2.66 -11.71 2.42
N PRO A 83 -1.97 -10.56 2.73
CA PRO A 83 -2.06 -9.34 1.89
C PRO A 83 -1.16 -9.45 0.63
N TYR A 84 -1.67 -8.94 -0.49
CA TYR A 84 -0.89 -8.75 -1.73
C TYR A 84 0.06 -7.55 -1.57
N TYR A 85 0.93 -7.31 -2.55
CA TYR A 85 1.87 -6.19 -2.53
C TYR A 85 2.17 -5.69 -3.94
N LEU A 86 2.24 -4.36 -4.09
CA LEU A 86 2.44 -3.69 -5.37
C LEU A 86 3.89 -3.19 -5.48
N GLU A 87 4.61 -3.74 -6.46
CA GLU A 87 5.93 -3.29 -6.86
C GLU A 87 5.78 -2.36 -8.09
N GLY A 88 5.96 -1.06 -7.86
CA GLY A 88 5.85 -0.03 -8.89
C GLY A 88 6.03 1.37 -8.31
N ASN A 89 6.43 2.33 -9.14
CA ASN A 89 6.76 3.70 -8.69
C ASN A 89 5.50 4.51 -8.42
N VAL A 90 5.43 5.16 -7.23
CA VAL A 90 4.21 5.87 -6.75
C VAL A 90 3.82 7.04 -7.67
N TYR A 91 4.81 7.67 -8.30
CA TYR A 91 4.61 8.80 -9.23
C TYR A 91 4.00 8.31 -10.56
N ASP A 92 4.39 7.07 -10.92
CA ASP A 92 4.00 6.43 -12.19
C ASP A 92 2.57 5.88 -12.16
N PHE A 93 1.94 5.81 -10.98
CA PHE A 93 0.52 5.39 -10.86
C PHE A 93 -0.38 6.27 -11.72
N GLU A 94 -0.22 7.59 -11.55
CA GLU A 94 -1.11 8.58 -12.13
C GLU A 94 -0.98 8.63 -13.68
N LYS A 95 0.26 8.52 -14.18
CA LYS A 95 0.54 8.56 -15.64
C LYS A 95 0.08 7.25 -16.35
N TYR A 96 0.04 6.13 -15.58
CA TYR A 96 -0.55 4.85 -16.06
C TYR A 96 -2.09 4.98 -16.14
N GLY A 97 -2.67 5.81 -15.25
CA GLY A 97 -4.10 6.15 -15.29
C GLY A 97 -4.84 5.80 -14.01
N PHE A 98 -4.12 5.72 -12.89
CA PHE A 98 -4.70 5.43 -11.56
C PHE A 98 -4.90 6.73 -10.78
N ARG A 99 -6.04 6.82 -10.07
CA ARG A 99 -6.41 7.98 -9.27
C ARG A 99 -5.44 8.17 -8.08
N MET A 100 -4.88 9.39 -7.99
CA MET A 100 -3.92 9.78 -6.95
C MET A 100 -4.32 11.13 -6.33
N VAL A 101 -3.69 11.47 -5.20
CA VAL A 101 -3.90 12.76 -4.49
C VAL A 101 -2.53 13.45 -4.30
N TYR A 102 -2.52 14.79 -4.45
CA TYR A 102 -1.31 15.64 -4.34
C TYR A 102 -1.58 16.84 -3.42
N ASP A 103 -0.51 17.55 -3.01
CA ASP A 103 -0.57 18.71 -2.08
C ASP A 103 -1.24 18.28 -0.76
N ASP A 104 -0.93 17.06 -0.35
CA ASP A 104 -1.62 16.32 0.73
C ASP A 104 -1.27 16.91 2.09
N THR A 105 -0.07 17.50 2.16
CA THR A 105 0.42 18.24 3.31
C THR A 105 -0.56 19.39 3.68
N CYS A 106 -1.39 19.14 4.69
CA CYS A 106 -2.46 20.05 5.11
C CYS A 106 -1.88 21.24 5.91
N ASP A 107 -1.76 22.40 5.23
CA ASP A 107 -1.29 23.67 5.83
C ASP A 107 -2.48 24.65 5.88
N LYS A 108 -2.41 25.65 6.77
CA LYS A 108 -3.49 26.65 6.96
C LYS A 108 -3.19 27.98 6.25
N LYS A 109 -1.91 28.23 5.88
CA LYS A 109 -1.47 29.52 5.30
C LYS A 109 -1.92 29.65 3.83
N ASN A 110 -2.12 30.91 3.38
CA ASN A 110 -2.55 31.23 2.00
C ASN A 110 -1.66 32.38 1.46
N MET A 1 6.04 -17.95 0.10
CA MET A 1 4.85 -18.25 -0.75
C MET A 1 4.12 -16.96 -1.19
N LEU A 2 4.57 -15.78 -0.72
CA LEU A 2 3.91 -14.48 -1.05
C LEU A 2 4.40 -13.92 -2.40
N GLU A 3 5.28 -14.66 -3.07
CA GLU A 3 5.93 -14.21 -4.33
C GLU A 3 4.87 -14.14 -5.46
N ASP A 4 3.84 -15.01 -5.33
CA ASP A 4 2.66 -15.05 -6.22
C ASP A 4 1.76 -13.82 -6.00
N TYR A 5 1.82 -13.28 -4.77
CA TYR A 5 1.04 -12.09 -4.33
C TYR A 5 1.69 -10.76 -4.79
N ALA A 6 2.85 -10.88 -5.49
CA ALA A 6 3.56 -9.73 -6.07
C ALA A 6 2.82 -9.22 -7.30
N ILE A 7 2.05 -8.15 -7.11
CA ILE A 7 1.33 -7.48 -8.18
C ILE A 7 2.22 -6.36 -8.76
N SER A 8 2.48 -6.43 -10.07
CA SER A 8 3.21 -5.38 -10.79
C SER A 8 2.25 -4.21 -11.13
N LEU A 9 2.80 -3.01 -11.36
CA LEU A 9 2.00 -1.81 -11.69
C LEU A 9 1.27 -1.96 -13.04
N GLU A 10 1.78 -2.87 -13.88
CA GLU A 10 1.22 -3.18 -15.22
C GLU A 10 0.09 -4.25 -15.15
N GLU A 11 -0.34 -4.63 -13.94
CA GLU A 11 -1.41 -5.65 -13.75
C GLU A 11 -2.22 -5.38 -12.47
N VAL A 12 -2.17 -4.14 -11.97
CA VAL A 12 -2.87 -3.73 -10.73
C VAL A 12 -4.12 -2.90 -11.07
N ASN A 13 -5.14 -2.98 -10.21
CA ASN A 13 -6.29 -2.07 -10.19
C ASN A 13 -6.52 -1.70 -8.73
N PHE A 14 -6.05 -0.52 -8.31
CA PHE A 14 -6.05 -0.12 -6.88
C PHE A 14 -7.46 -0.08 -6.29
N ASN A 15 -8.43 0.33 -7.12
CA ASN A 15 -9.87 0.38 -6.75
C ASN A 15 -10.45 -1.03 -6.46
N ASP A 16 -9.81 -2.07 -7.03
CA ASP A 16 -10.21 -3.48 -6.84
C ASP A 16 -9.88 -3.97 -5.42
N PHE A 17 -8.80 -3.43 -4.84
CA PHE A 17 -8.29 -3.87 -3.52
C PHE A 17 -8.51 -2.77 -2.47
N ILE A 18 -8.40 -3.15 -1.19
CA ILE A 18 -8.24 -2.25 -0.07
C ILE A 18 -6.74 -1.87 0.01
N VAL A 19 -6.36 -0.67 -0.44
CA VAL A 19 -4.94 -0.32 -0.60
C VAL A 19 -4.39 0.27 0.70
N VAL A 20 -3.08 0.06 0.91
CA VAL A 20 -2.33 0.60 2.03
C VAL A 20 -1.02 1.20 1.50
N ASP A 21 -0.75 2.46 1.87
CA ASP A 21 0.56 3.09 1.65
C ASP A 21 1.52 2.58 2.75
N VAL A 22 2.44 1.64 2.39
CA VAL A 22 3.44 1.09 3.35
C VAL A 22 4.79 1.79 3.16
N ARG A 23 4.92 2.97 3.77
CA ARG A 23 6.12 3.79 3.66
C ARG A 23 6.37 4.54 4.98
N GLU A 24 5.83 5.77 5.08
CA GLU A 24 6.16 6.73 6.16
C GLU A 24 5.16 7.90 6.07
N LEU A 25 5.10 8.73 7.14
CA LEU A 25 4.27 9.95 7.18
C LEU A 25 4.59 10.88 5.99
N ASP A 26 5.86 11.29 5.87
CA ASP A 26 6.36 12.22 4.81
C ASP A 26 5.96 11.74 3.39
N GLU A 27 6.05 10.42 3.20
CA GLU A 27 5.71 9.74 1.94
C GLU A 27 4.20 9.82 1.62
N TYR A 28 3.38 9.71 2.68
CA TYR A 28 1.92 9.90 2.58
C TYR A 28 1.58 11.36 2.18
N GLU A 29 2.34 12.30 2.79
CA GLU A 29 2.11 13.77 2.70
C GLU A 29 2.39 14.33 1.29
N GLU A 30 3.39 13.74 0.60
CA GLU A 30 3.78 14.19 -0.76
C GLU A 30 2.74 13.77 -1.82
N LEU A 31 2.33 12.47 -1.79
CA LEU A 31 1.29 11.92 -2.68
C LEU A 31 0.93 10.50 -2.21
N HIS A 32 -0.36 10.13 -2.34
CA HIS A 32 -0.82 8.75 -2.09
C HIS A 32 -2.17 8.51 -2.79
N LEU A 33 -2.54 7.24 -2.94
CA LEU A 33 -3.82 6.82 -3.56
C LEU A 33 -5.01 7.13 -2.63
N PRO A 34 -6.22 7.45 -3.19
CA PRO A 34 -7.42 7.77 -2.37
C PRO A 34 -7.95 6.53 -1.60
N ASN A 35 -7.52 5.33 -2.05
CA ASN A 35 -7.89 4.05 -1.42
C ASN A 35 -6.76 3.53 -0.49
N ALA A 36 -5.69 4.36 -0.29
CA ALA A 36 -4.47 3.95 0.46
C ALA A 36 -4.51 4.41 1.93
N THR A 37 -4.34 3.43 2.85
CA THR A 37 -4.26 3.66 4.30
C THR A 37 -2.80 3.98 4.73
N LEU A 38 -2.61 5.00 5.60
CA LEU A 38 -1.26 5.36 6.12
C LEU A 38 -0.81 4.28 7.11
N ILE A 39 0.13 3.43 6.69
CA ILE A 39 0.85 2.51 7.57
C ILE A 39 2.35 2.57 7.24
N SER A 40 3.19 2.57 8.25
CA SER A 40 4.64 2.43 8.05
C SER A 40 4.97 0.93 7.98
N VAL A 41 5.84 0.57 7.03
CA VAL A 41 6.39 -0.80 6.87
C VAL A 41 6.90 -1.41 8.21
N ASN A 42 7.40 -0.53 9.12
CA ASN A 42 7.95 -0.92 10.42
C ASN A 42 6.84 -1.43 11.38
N ASP A 43 5.65 -0.81 11.32
CA ASP A 43 4.55 -1.09 12.26
C ASP A 43 3.71 -2.29 11.82
N GLN A 44 4.12 -3.50 12.28
CA GLN A 44 3.32 -4.73 12.16
C GLN A 44 2.12 -4.68 13.13
N GLU A 45 2.18 -3.77 14.13
CA GLU A 45 1.06 -3.54 15.04
C GLU A 45 -0.15 -2.94 14.29
N LYS A 46 0.14 -1.96 13.41
CA LYS A 46 -0.89 -1.29 12.60
C LYS A 46 -1.26 -2.16 11.37
N LEU A 47 -0.26 -2.84 10.79
CA LEU A 47 -0.49 -3.80 9.68
C LEU A 47 -1.46 -4.93 10.12
N ALA A 48 -1.06 -5.68 11.17
CA ALA A 48 -1.83 -6.84 11.69
C ALA A 48 -3.22 -6.40 12.16
N ASP A 49 -3.30 -5.22 12.81
CA ASP A 49 -4.59 -4.63 13.23
C ASP A 49 -5.53 -4.48 12.04
N PHE A 50 -5.02 -3.86 10.96
CA PHE A 50 -5.82 -3.55 9.74
C PHE A 50 -6.27 -4.87 9.04
N LEU A 51 -5.36 -5.84 9.05
CA LEU A 51 -5.59 -7.19 8.47
C LEU A 51 -6.50 -8.05 9.37
N SER A 52 -6.64 -7.68 10.65
CA SER A 52 -7.65 -8.27 11.56
C SER A 52 -9.03 -7.61 11.38
N GLN A 53 -9.06 -6.27 11.15
CA GLN A 53 -10.32 -5.48 10.95
C GLN A 53 -11.08 -6.01 9.72
N HIS A 54 -10.31 -6.48 8.75
CA HIS A 54 -10.78 -7.22 7.58
C HIS A 54 -9.82 -8.38 7.45
N LYS A 55 -10.21 -9.55 7.97
CA LYS A 55 -9.38 -10.78 7.92
C LYS A 55 -9.36 -11.40 6.52
N ASP A 56 -10.54 -11.72 5.99
CA ASP A 56 -10.69 -12.35 4.68
C ASP A 56 -11.11 -11.27 3.65
N LYS A 57 -10.10 -10.76 2.93
CA LYS A 57 -10.23 -9.60 2.02
C LYS A 57 -9.09 -9.64 0.97
N LYS A 58 -8.98 -8.56 0.18
CA LYS A 58 -7.85 -8.30 -0.72
C LYS A 58 -7.21 -6.95 -0.37
N VAL A 59 -6.18 -6.97 0.50
CA VAL A 59 -5.38 -5.76 0.82
C VAL A 59 -4.12 -5.73 -0.06
N LEU A 60 -3.89 -4.57 -0.68
CA LEU A 60 -2.75 -4.31 -1.57
C LEU A 60 -1.82 -3.30 -0.88
N LEU A 61 -0.61 -3.75 -0.51
CA LEU A 61 0.39 -2.90 0.18
C LEU A 61 1.29 -2.25 -0.89
N HIS A 62 0.99 -0.99 -1.28
CA HIS A 62 1.75 -0.31 -2.36
C HIS A 62 2.95 0.45 -1.76
N CYS A 63 4.08 0.39 -2.48
CA CYS A 63 5.33 1.09 -2.07
C CYS A 63 5.81 2.01 -3.20
N ARG A 64 6.63 3.03 -2.83
CA ARG A 64 7.22 4.00 -3.78
C ARG A 64 8.01 3.31 -4.90
N ALA A 65 8.77 2.25 -4.55
CA ALA A 65 9.45 1.39 -5.54
C ALA A 65 8.88 -0.04 -5.49
N GLY A 66 8.90 -0.65 -4.30
CA GLY A 66 8.38 -2.03 -4.13
C GLY A 66 9.07 -2.82 -3.02
N ARG A 67 10.19 -2.26 -2.49
CA ARG A 67 10.97 -2.88 -1.41
C ARG A 67 10.10 -3.09 -0.16
N ARG A 68 9.44 -2.02 0.29
CA ARG A 68 8.63 -2.02 1.53
C ARG A 68 7.29 -2.70 1.32
N ALA A 69 6.85 -2.77 0.06
CA ALA A 69 5.67 -3.56 -0.36
C ALA A 69 5.90 -5.03 0.02
N LEU A 70 7.04 -5.56 -0.46
CA LEU A 70 7.49 -6.92 -0.15
C LEU A 70 7.70 -7.08 1.37
N ASP A 71 8.57 -6.23 1.96
CA ASP A 71 8.96 -6.27 3.40
C ASP A 71 7.76 -6.38 4.35
N ALA A 72 6.78 -5.49 4.15
CA ALA A 72 5.56 -5.43 4.97
C ALA A 72 4.78 -6.74 4.85
N ALA A 73 4.49 -7.14 3.60
CA ALA A 73 3.69 -8.33 3.30
C ALA A 73 4.37 -9.63 3.79
N LYS A 74 5.73 -9.66 3.80
CA LYS A 74 6.49 -10.84 4.29
C LYS A 74 6.18 -11.07 5.75
N SER A 75 6.39 -10.01 6.56
CA SER A 75 6.17 -10.02 8.02
C SER A 75 4.74 -10.47 8.37
N MET A 76 3.75 -10.04 7.56
CA MET A 76 2.34 -10.33 7.80
C MET A 76 1.98 -11.78 7.43
N HIS A 77 2.56 -12.28 6.32
CA HIS A 77 2.45 -13.70 5.90
C HIS A 77 3.07 -14.64 6.96
N GLU A 78 4.14 -14.16 7.65
CA GLU A 78 4.80 -14.90 8.74
C GLU A 78 3.87 -14.96 9.99
N LEU A 79 3.06 -13.90 10.18
CA LEU A 79 2.04 -13.87 11.26
C LEU A 79 0.81 -14.74 10.91
N GLY A 80 0.68 -15.10 9.62
CA GLY A 80 -0.38 -16.01 9.16
C GLY A 80 -1.37 -15.36 8.21
N TYR A 81 -1.27 -14.03 8.04
CA TYR A 81 -2.16 -13.29 7.09
C TYR A 81 -1.71 -13.52 5.64
N THR A 82 -2.49 -13.04 4.67
CA THR A 82 -2.13 -13.14 3.24
C THR A 82 -2.52 -11.83 2.48
N PRO A 83 -1.86 -10.66 2.77
CA PRO A 83 -2.00 -9.44 1.94
C PRO A 83 -1.15 -9.53 0.63
N TYR A 84 -1.67 -8.89 -0.43
CA TYR A 84 -0.94 -8.62 -1.68
C TYR A 84 -0.06 -7.37 -1.49
N TYR A 85 0.77 -7.06 -2.51
CA TYR A 85 1.67 -5.90 -2.46
C TYR A 85 2.05 -5.44 -3.87
N LEU A 86 2.19 -4.11 -4.04
CA LEU A 86 2.44 -3.47 -5.34
C LEU A 86 3.91 -3.07 -5.44
N GLU A 87 4.62 -3.69 -6.38
CA GLU A 87 5.96 -3.32 -6.81
C GLU A 87 5.85 -2.44 -8.07
N GLY A 88 5.94 -1.12 -7.85
CA GLY A 88 5.85 -0.13 -8.92
C GLY A 88 6.03 1.28 -8.37
N ASN A 89 6.40 2.23 -9.25
CA ASN A 89 6.74 3.61 -8.84
C ASN A 89 5.47 4.42 -8.51
N VAL A 90 5.45 5.06 -7.32
CA VAL A 90 4.26 5.77 -6.78
C VAL A 90 3.85 6.97 -7.65
N TYR A 91 4.84 7.58 -8.32
CA TYR A 91 4.65 8.74 -9.20
C TYR A 91 4.10 8.30 -10.57
N ASP A 92 4.33 7.01 -10.90
CA ASP A 92 3.94 6.41 -12.20
C ASP A 92 2.48 5.93 -12.21
N PHE A 93 1.80 5.96 -11.06
CA PHE A 93 0.38 5.57 -10.98
C PHE A 93 -0.50 6.48 -11.87
N GLU A 94 -0.37 7.80 -11.65
CA GLU A 94 -1.13 8.85 -12.39
C GLU A 94 -0.96 8.74 -13.92
N LYS A 95 0.29 8.53 -14.39
CA LYS A 95 0.60 8.45 -15.83
C LYS A 95 0.14 7.10 -16.45
N TYR A 96 0.00 6.06 -15.60
CA TYR A 96 -0.59 4.76 -16.00
C TYR A 96 -2.14 4.85 -16.02
N GLY A 97 -2.70 5.89 -15.40
CA GLY A 97 -4.15 6.18 -15.46
C GLY A 97 -4.87 5.91 -14.15
N PHE A 98 -4.10 5.76 -13.06
CA PHE A 98 -4.62 5.51 -11.71
C PHE A 98 -4.75 6.82 -10.95
N ARG A 99 -5.97 7.04 -10.39
CA ARG A 99 -6.30 8.22 -9.58
C ARG A 99 -5.47 8.24 -8.28
N MET A 100 -4.87 9.41 -8.01
CA MET A 100 -4.08 9.68 -6.80
C MET A 100 -4.46 11.05 -6.22
N VAL A 101 -3.90 11.35 -5.06
CA VAL A 101 -4.11 12.60 -4.32
C VAL A 101 -2.75 13.32 -4.17
N TYR A 102 -2.77 14.65 -4.24
CA TYR A 102 -1.59 15.52 -4.00
C TYR A 102 -1.99 16.64 -3.01
N ASP A 103 -0.99 17.14 -2.26
CA ASP A 103 -1.19 18.07 -1.14
C ASP A 103 -2.02 17.37 -0.05
N ASP A 104 -1.43 16.28 0.45
CA ASP A 104 -2.06 15.32 1.37
C ASP A 104 -1.77 15.72 2.82
N THR A 105 -0.77 16.60 2.97
CA THR A 105 -0.36 17.19 4.26
C THR A 105 -1.49 18.07 4.85
N CYS A 106 -2.35 18.60 3.98
CA CYS A 106 -3.52 19.40 4.34
C CYS A 106 -4.49 19.36 3.16
N ASP A 107 -5.76 18.95 3.41
CA ASP A 107 -6.81 18.85 2.36
C ASP A 107 -7.12 20.25 1.77
N LYS A 108 -6.31 20.62 0.78
CA LYS A 108 -6.37 21.90 0.06
C LYS A 108 -7.35 21.78 -1.11
N LYS A 109 -7.28 20.62 -1.77
CA LYS A 109 -8.02 20.30 -3.00
C LYS A 109 -8.15 18.77 -3.11
N ASN A 110 -9.07 18.33 -3.98
CA ASN A 110 -9.38 16.92 -4.18
C ASN A 110 -9.91 16.75 -5.62
N MET A 1 5.51 -18.89 -0.25
CA MET A 1 5.14 -18.78 -1.69
C MET A 1 4.40 -17.43 -1.94
N LEU A 2 4.75 -16.39 -1.15
CA LEU A 2 4.02 -15.11 -1.18
C LEU A 2 4.52 -14.18 -2.30
N GLU A 3 5.73 -14.42 -2.80
CA GLU A 3 6.32 -13.57 -3.86
C GLU A 3 5.59 -13.77 -5.21
N ASP A 4 4.79 -14.85 -5.29
CA ASP A 4 3.85 -15.12 -6.41
C ASP A 4 2.60 -14.19 -6.35
N TYR A 5 2.40 -13.54 -5.17
CA TYR A 5 1.34 -12.51 -4.95
C TYR A 5 1.81 -11.11 -5.44
N ALA A 6 2.99 -11.07 -6.11
CA ALA A 6 3.58 -9.84 -6.65
C ALA A 6 2.74 -9.27 -7.78
N ILE A 7 1.93 -8.26 -7.44
CA ILE A 7 1.17 -7.50 -8.42
C ILE A 7 2.08 -6.36 -8.92
N SER A 8 2.21 -6.22 -10.24
CA SER A 8 2.99 -5.13 -10.87
C SER A 8 2.07 -3.98 -11.29
N LEU A 9 2.66 -2.80 -11.49
CA LEU A 9 1.93 -1.57 -11.86
C LEU A 9 1.25 -1.68 -13.26
N GLU A 10 1.83 -2.54 -14.12
CA GLU A 10 1.33 -2.80 -15.48
C GLU A 10 0.01 -3.63 -15.48
N GLU A 11 -0.26 -4.34 -14.37
CA GLU A 11 -1.35 -5.32 -14.28
C GLU A 11 -2.28 -5.04 -13.07
N VAL A 12 -2.00 -3.95 -12.33
CA VAL A 12 -2.74 -3.63 -11.09
C VAL A 12 -4.05 -2.86 -11.40
N ASN A 13 -5.03 -3.03 -10.49
CA ASN A 13 -6.27 -2.22 -10.46
C ASN A 13 -6.51 -1.85 -9.00
N PHE A 14 -5.98 -0.69 -8.55
CA PHE A 14 -6.03 -0.28 -7.12
C PHE A 14 -7.49 -0.18 -6.60
N ASN A 15 -8.44 0.11 -7.51
CA ASN A 15 -9.89 0.15 -7.22
C ASN A 15 -10.40 -1.23 -6.73
N ASP A 16 -9.79 -2.30 -7.26
CA ASP A 16 -10.18 -3.70 -7.02
C ASP A 16 -9.82 -4.16 -5.58
N PHE A 17 -8.83 -3.49 -4.94
CA PHE A 17 -8.31 -3.92 -3.62
C PHE A 17 -8.49 -2.78 -2.59
N ILE A 18 -8.53 -3.15 -1.30
CA ILE A 18 -8.37 -2.19 -0.18
C ILE A 18 -6.86 -1.94 -0.03
N VAL A 19 -6.39 -0.78 -0.51
CA VAL A 19 -4.95 -0.52 -0.64
C VAL A 19 -4.40 0.06 0.67
N VAL A 20 -3.12 -0.19 0.94
CA VAL A 20 -2.39 0.39 2.08
C VAL A 20 -1.10 1.02 1.56
N ASP A 21 -0.88 2.28 1.97
CA ASP A 21 0.37 3.01 1.71
C ASP A 21 1.39 2.54 2.75
N VAL A 22 2.34 1.64 2.37
CA VAL A 22 3.37 1.14 3.32
C VAL A 22 4.65 1.96 3.14
N ARG A 23 4.64 3.15 3.73
CA ARG A 23 5.73 4.14 3.56
C ARG A 23 5.90 4.95 4.87
N GLU A 24 5.53 6.26 4.85
CA GLU A 24 5.71 7.20 5.98
C GLU A 24 4.62 8.27 5.93
N LEU A 25 4.51 9.08 7.01
CA LEU A 25 3.58 10.22 7.08
C LEU A 25 3.90 11.25 5.99
N ASP A 26 5.20 11.65 5.92
CA ASP A 26 5.67 12.67 4.97
C ASP A 26 5.43 12.21 3.51
N GLU A 27 5.76 10.92 3.25
CA GLU A 27 5.52 10.23 1.96
C GLU A 27 4.05 10.28 1.52
N TYR A 28 3.16 10.07 2.50
CA TYR A 28 1.70 10.07 2.29
C TYR A 28 1.19 11.47 1.96
N GLU A 29 1.75 12.48 2.65
CA GLU A 29 1.29 13.88 2.59
C GLU A 29 1.70 14.59 1.30
N GLU A 30 2.90 14.26 0.79
CA GLU A 30 3.40 14.81 -0.48
C GLU A 30 2.56 14.27 -1.67
N LEU A 31 2.22 12.96 -1.61
CA LEU A 31 1.33 12.29 -2.59
C LEU A 31 0.91 10.91 -2.09
N HIS A 32 -0.26 10.40 -2.51
CA HIS A 32 -0.72 9.04 -2.13
C HIS A 32 -1.94 8.62 -2.97
N LEU A 33 -2.25 7.32 -2.95
CA LEU A 33 -3.49 6.77 -3.56
C LEU A 33 -4.69 7.01 -2.62
N PRO A 34 -5.90 7.34 -3.17
CA PRO A 34 -7.08 7.70 -2.34
C PRO A 34 -7.66 6.48 -1.58
N ASN A 35 -7.35 5.27 -2.09
CA ASN A 35 -7.79 3.98 -1.51
C ASN A 35 -6.72 3.40 -0.56
N ALA A 36 -5.56 4.09 -0.47
CA ALA A 36 -4.42 3.67 0.37
C ALA A 36 -4.55 4.20 1.80
N THR A 37 -4.54 3.27 2.77
CA THR A 37 -4.51 3.57 4.21
C THR A 37 -3.06 3.81 4.66
N LEU A 38 -2.79 4.97 5.29
CA LEU A 38 -1.46 5.29 5.81
C LEU A 38 -1.07 4.33 6.94
N ILE A 39 -0.08 3.48 6.65
CA ILE A 39 0.60 2.63 7.64
C ILE A 39 2.09 2.60 7.30
N SER A 40 2.94 2.76 8.31
CA SER A 40 4.39 2.65 8.11
C SER A 40 4.77 1.15 7.99
N VAL A 41 5.60 0.82 6.99
CA VAL A 41 6.19 -0.53 6.82
C VAL A 41 6.96 -0.96 8.11
N ASN A 42 7.43 0.06 8.86
CA ASN A 42 8.13 -0.08 10.16
C ASN A 42 7.22 -0.75 11.22
N ASP A 43 5.91 -0.43 11.16
CA ASP A 43 4.90 -0.89 12.13
C ASP A 43 4.19 -2.16 11.62
N GLN A 44 4.74 -3.33 11.99
CA GLN A 44 4.08 -4.63 11.78
C GLN A 44 2.78 -4.69 12.60
N GLU A 45 2.83 -4.14 13.83
CA GLU A 45 1.68 -4.11 14.77
C GLU A 45 0.45 -3.39 14.18
N LYS A 46 0.69 -2.26 13.51
CA LYS A 46 -0.38 -1.42 12.91
C LYS A 46 -0.93 -2.07 11.64
N LEU A 47 -0.02 -2.63 10.84
CA LEU A 47 -0.36 -3.30 9.58
C LEU A 47 -1.23 -4.54 9.86
N ALA A 48 -0.81 -5.30 10.88
CA ALA A 48 -1.46 -6.53 11.34
C ALA A 48 -2.82 -6.23 11.97
N ASP A 49 -2.93 -5.05 12.61
CA ASP A 49 -4.19 -4.57 13.22
C ASP A 49 -5.25 -4.38 12.13
N PHE A 50 -4.88 -3.63 11.08
CA PHE A 50 -5.77 -3.32 9.93
C PHE A 50 -6.26 -4.63 9.26
N LEU A 51 -5.38 -5.63 9.22
CA LEU A 51 -5.69 -6.95 8.68
C LEU A 51 -6.57 -7.76 9.63
N SER A 52 -6.31 -7.65 10.94
CA SER A 52 -7.02 -8.40 12.01
C SER A 52 -8.51 -8.00 12.11
N GLN A 53 -8.84 -6.78 11.61
CA GLN A 53 -10.21 -6.22 11.66
C GLN A 53 -11.24 -7.08 10.87
N HIS A 54 -10.79 -7.76 9.80
CA HIS A 54 -11.67 -8.62 8.96
C HIS A 54 -10.94 -9.92 8.57
N LYS A 55 -9.67 -9.76 8.14
CA LYS A 55 -8.79 -10.83 7.62
C LYS A 55 -9.20 -11.28 6.22
N ASP A 56 -10.48 -11.69 6.07
CA ASP A 56 -11.05 -12.09 4.79
C ASP A 56 -11.43 -10.84 3.97
N LYS A 57 -10.41 -10.16 3.45
CA LYS A 57 -10.54 -9.04 2.50
C LYS A 57 -9.24 -8.92 1.70
N LYS A 58 -9.35 -8.40 0.47
CA LYS A 58 -8.25 -8.31 -0.48
C LYS A 58 -7.48 -6.99 -0.28
N VAL A 59 -6.39 -7.03 0.51
CA VAL A 59 -5.56 -5.85 0.78
C VAL A 59 -4.28 -5.88 -0.06
N LEU A 60 -3.97 -4.73 -0.68
CA LEU A 60 -2.80 -4.54 -1.55
C LEU A 60 -1.87 -3.51 -0.89
N LEU A 61 -0.64 -3.94 -0.54
CA LEU A 61 0.36 -3.08 0.12
C LEU A 61 1.27 -2.44 -0.95
N HIS A 62 1.03 -1.16 -1.31
CA HIS A 62 1.82 -0.50 -2.38
C HIS A 62 3.03 0.23 -1.80
N CYS A 63 4.18 0.10 -2.48
CA CYS A 63 5.44 0.78 -2.07
C CYS A 63 5.92 1.77 -3.14
N ARG A 64 6.73 2.76 -2.72
CA ARG A 64 7.39 3.72 -3.64
C ARG A 64 8.27 2.98 -4.68
N ALA A 65 9.05 2.00 -4.22
CA ALA A 65 9.87 1.14 -5.10
C ALA A 65 9.14 -0.20 -5.38
N GLY A 66 8.87 -0.94 -4.29
CA GLY A 66 8.27 -2.27 -4.36
C GLY A 66 8.84 -3.21 -3.31
N ARG A 67 10.05 -2.87 -2.79
CA ARG A 67 10.73 -3.66 -1.77
C ARG A 67 9.97 -3.62 -0.43
N ARG A 68 9.60 -2.41 0.04
CA ARG A 68 8.85 -2.24 1.31
C ARG A 68 7.48 -2.95 1.26
N ALA A 69 6.93 -3.05 0.03
CA ALA A 69 5.67 -3.75 -0.25
C ALA A 69 5.82 -5.23 0.10
N LEU A 70 6.89 -5.84 -0.47
CA LEU A 70 7.27 -7.24 -0.19
C LEU A 70 7.50 -7.42 1.32
N ASP A 71 8.42 -6.60 1.88
CA ASP A 71 8.80 -6.60 3.33
C ASP A 71 7.59 -6.65 4.26
N ALA A 72 6.65 -5.72 4.00
CA ALA A 72 5.42 -5.57 4.76
C ALA A 72 4.56 -6.83 4.68
N ALA A 73 4.37 -7.32 3.44
CA ALA A 73 3.54 -8.51 3.15
C ALA A 73 4.14 -9.77 3.79
N LYS A 74 5.49 -9.86 3.83
CA LYS A 74 6.21 -11.03 4.41
C LYS A 74 5.88 -11.14 5.88
N SER A 75 6.12 -10.02 6.59
CA SER A 75 5.87 -9.89 8.03
C SER A 75 4.43 -10.32 8.41
N MET A 76 3.46 -10.02 7.52
CA MET A 76 2.03 -10.36 7.73
C MET A 76 1.75 -11.85 7.48
N HIS A 77 2.34 -12.41 6.39
CA HIS A 77 2.23 -13.85 6.06
C HIS A 77 2.88 -14.74 7.15
N GLU A 78 3.87 -14.17 7.87
CA GLU A 78 4.54 -14.82 9.02
C GLU A 78 3.56 -14.93 10.21
N LEU A 79 2.70 -13.90 10.36
CA LEU A 79 1.68 -13.85 11.43
C LEU A 79 0.47 -14.75 11.12
N GLY A 80 0.24 -15.00 9.82
CA GLY A 80 -0.85 -15.88 9.36
C GLY A 80 -1.82 -15.20 8.40
N TYR A 81 -1.62 -13.89 8.14
CA TYR A 81 -2.44 -13.14 7.16
C TYR A 81 -1.95 -13.44 5.72
N THR A 82 -2.74 -13.05 4.71
CA THR A 82 -2.35 -13.25 3.29
C THR A 82 -2.68 -11.98 2.43
N PRO A 83 -2.05 -10.78 2.72
CA PRO A 83 -2.15 -9.61 1.83
C PRO A 83 -1.25 -9.73 0.59
N TYR A 84 -1.66 -9.05 -0.49
CA TYR A 84 -0.85 -8.88 -1.72
C TYR A 84 0.05 -7.65 -1.56
N TYR A 85 0.92 -7.41 -2.55
CA TYR A 85 1.84 -6.27 -2.51
C TYR A 85 2.14 -5.77 -3.93
N LEU A 86 2.44 -4.47 -4.05
CA LEU A 86 2.61 -3.79 -5.34
C LEU A 86 4.06 -3.34 -5.50
N GLU A 87 4.71 -3.92 -6.53
CA GLU A 87 6.02 -3.50 -7.01
C GLU A 87 5.82 -2.54 -8.20
N GLY A 88 5.99 -1.24 -7.94
CA GLY A 88 5.79 -0.20 -8.95
C GLY A 88 6.03 1.18 -8.35
N ASN A 89 6.58 2.08 -9.16
CA ASN A 89 6.92 3.45 -8.72
C ASN A 89 5.67 4.29 -8.40
N VAL A 90 5.62 4.87 -7.17
CA VAL A 90 4.41 5.49 -6.59
C VAL A 90 3.93 6.71 -7.40
N TYR A 91 4.88 7.46 -7.97
CA TYR A 91 4.58 8.67 -8.77
C TYR A 91 4.00 8.28 -10.15
N ASP A 92 4.40 7.08 -10.62
CA ASP A 92 4.01 6.54 -11.94
C ASP A 92 2.58 5.96 -11.96
N PHE A 93 1.92 5.87 -10.78
CA PHE A 93 0.52 5.39 -10.70
C PHE A 93 -0.42 6.33 -11.50
N GLU A 94 -0.17 7.64 -11.36
CA GLU A 94 -1.01 8.69 -11.95
C GLU A 94 -0.96 8.62 -13.50
N LYS A 95 0.24 8.41 -14.06
CA LYS A 95 0.42 8.29 -15.53
C LYS A 95 -0.08 6.93 -16.06
N TYR A 96 -0.17 5.91 -15.18
CA TYR A 96 -0.81 4.60 -15.50
C TYR A 96 -2.34 4.65 -15.34
N GLY A 97 -2.87 5.78 -14.85
CA GLY A 97 -4.32 6.07 -14.92
C GLY A 97 -5.05 5.90 -13.60
N PHE A 98 -4.28 5.86 -12.50
CA PHE A 98 -4.79 5.74 -11.13
C PHE A 98 -4.69 7.11 -10.48
N ARG A 99 -5.83 7.74 -10.17
CA ARG A 99 -5.87 9.11 -9.61
C ARG A 99 -5.17 9.11 -8.25
N MET A 100 -4.42 10.19 -7.98
CA MET A 100 -3.62 10.31 -6.75
C MET A 100 -3.84 11.70 -6.11
N VAL A 101 -3.88 11.71 -4.78
CA VAL A 101 -4.07 12.92 -3.98
C VAL A 101 -2.69 13.54 -3.67
N TYR A 102 -2.39 14.64 -4.38
CA TYR A 102 -1.13 15.39 -4.23
C TYR A 102 -1.30 16.57 -3.25
N ASP A 103 -0.40 16.65 -2.26
CA ASP A 103 -0.37 17.70 -1.22
C ASP A 103 -1.70 17.74 -0.43
N ASP A 104 -1.93 16.67 0.35
CA ASP A 104 -3.10 16.53 1.25
C ASP A 104 -2.78 17.06 2.66
N THR A 105 -1.49 17.39 2.88
CA THR A 105 -0.98 17.94 4.16
C THR A 105 -1.77 19.21 4.60
N CYS A 106 -2.18 20.00 3.60
CA CYS A 106 -3.08 21.15 3.77
C CYS A 106 -3.86 21.37 2.46
N ASP A 107 -3.17 21.96 1.45
CA ASP A 107 -3.71 22.22 0.09
C ASP A 107 -2.62 22.97 -0.70
N LYS A 108 -2.55 22.74 -2.02
CA LYS A 108 -1.43 23.25 -2.85
C LYS A 108 -1.55 24.77 -3.05
N LYS A 109 -2.79 25.28 -3.20
CA LYS A 109 -3.03 26.73 -3.21
C LYS A 109 -3.27 27.24 -1.77
N ASN A 110 -2.92 28.52 -1.54
CA ASN A 110 -2.90 29.13 -0.21
C ASN A 110 -3.27 30.63 -0.34
N MET A 1 4.15 -19.53 -0.69
CA MET A 1 4.96 -18.61 -1.51
C MET A 1 4.16 -17.30 -1.74
N LEU A 2 4.57 -16.20 -1.06
CA LEU A 2 3.88 -14.90 -1.20
C LEU A 2 4.36 -14.14 -2.45
N GLU A 3 5.44 -14.63 -3.07
CA GLU A 3 6.00 -14.05 -4.31
C GLU A 3 4.99 -14.14 -5.48
N ASP A 4 3.95 -14.97 -5.30
CA ASP A 4 2.78 -15.04 -6.20
C ASP A 4 1.89 -13.77 -6.05
N TYR A 5 1.86 -13.21 -4.83
CA TYR A 5 1.08 -11.98 -4.48
C TYR A 5 1.75 -10.69 -5.01
N ALA A 6 2.88 -10.84 -5.74
CA ALA A 6 3.59 -9.71 -6.38
C ALA A 6 2.82 -9.21 -7.61
N ILE A 7 2.14 -8.06 -7.47
CA ILE A 7 1.37 -7.44 -8.56
C ILE A 7 2.21 -6.35 -9.25
N SER A 8 2.13 -6.27 -10.59
CA SER A 8 2.81 -5.23 -11.37
C SER A 8 1.89 -3.99 -11.54
N LEU A 9 2.52 -2.81 -11.66
CA LEU A 9 1.79 -1.52 -11.80
C LEU A 9 0.97 -1.45 -13.12
N GLU A 10 1.46 -2.13 -14.16
CA GLU A 10 0.81 -2.14 -15.49
C GLU A 10 -0.54 -2.91 -15.50
N GLU A 11 -0.74 -3.82 -14.53
CA GLU A 11 -1.89 -4.76 -14.51
C GLU A 11 -2.78 -4.57 -13.26
N VAL A 12 -2.28 -3.82 -12.27
CA VAL A 12 -2.97 -3.65 -10.97
C VAL A 12 -4.29 -2.87 -11.11
N ASN A 13 -5.26 -3.16 -10.24
CA ASN A 13 -6.52 -2.39 -10.11
C ASN A 13 -6.61 -1.95 -8.64
N PHE A 14 -6.08 -0.75 -8.32
CA PHE A 14 -6.07 -0.20 -6.94
C PHE A 14 -7.50 -0.09 -6.36
N ASN A 15 -8.42 0.33 -7.25
CA ASN A 15 -9.87 0.48 -6.92
C ASN A 15 -10.53 -0.87 -6.52
N ASP A 16 -9.90 -1.99 -6.91
CA ASP A 16 -10.43 -3.36 -6.64
C ASP A 16 -10.05 -3.81 -5.21
N PHE A 17 -8.83 -3.46 -4.74
CA PHE A 17 -8.29 -3.97 -3.44
C PHE A 17 -8.30 -2.84 -2.40
N ILE A 18 -8.42 -3.19 -1.11
CA ILE A 18 -8.22 -2.21 -0.02
C ILE A 18 -6.70 -1.93 0.08
N VAL A 19 -6.26 -0.80 -0.48
CA VAL A 19 -4.82 -0.52 -0.65
C VAL A 19 -4.28 0.15 0.62
N VAL A 20 -2.99 -0.02 0.87
CA VAL A 20 -2.27 0.57 2.00
C VAL A 20 -0.97 1.19 1.49
N ASP A 21 -0.75 2.46 1.81
CA ASP A 21 0.53 3.14 1.59
C ASP A 21 1.47 2.70 2.71
N VAL A 22 2.40 1.75 2.43
CA VAL A 22 3.38 1.24 3.44
C VAL A 22 4.68 2.04 3.34
N ARG A 23 4.66 3.25 3.92
CA ARG A 23 5.79 4.20 3.81
C ARG A 23 5.89 5.06 5.08
N GLU A 24 5.17 6.21 5.10
CA GLU A 24 5.31 7.24 6.16
C GLU A 24 4.22 8.31 5.97
N LEU A 25 3.93 9.10 7.02
CA LEU A 25 3.09 10.31 6.93
C LEU A 25 3.60 11.27 5.85
N ASP A 26 4.91 11.58 5.90
CA ASP A 26 5.58 12.51 4.96
C ASP A 26 5.41 12.05 3.48
N GLU A 27 5.56 10.74 3.28
CA GLU A 27 5.46 10.10 1.94
C GLU A 27 3.99 10.04 1.46
N TYR A 28 3.06 9.94 2.42
CA TYR A 28 1.60 10.01 2.17
C TYR A 28 1.19 11.41 1.65
N GLU A 29 1.82 12.45 2.24
CA GLU A 29 1.43 13.87 2.03
C GLU A 29 1.88 14.41 0.65
N GLU A 30 3.14 14.10 0.25
CA GLU A 30 3.67 14.48 -1.09
C GLU A 30 2.74 13.98 -2.22
N LEU A 31 2.39 12.68 -2.18
CA LEU A 31 1.45 12.04 -3.11
C LEU A 31 1.12 10.64 -2.60
N HIS A 32 -0.11 10.17 -2.86
CA HIS A 32 -0.53 8.80 -2.50
C HIS A 32 -1.82 8.46 -3.26
N LEU A 33 -2.26 7.21 -3.14
CA LEU A 33 -3.50 6.73 -3.76
C LEU A 33 -4.73 7.04 -2.87
N PRO A 34 -5.91 7.34 -3.48
CA PRO A 34 -7.15 7.60 -2.71
C PRO A 34 -7.77 6.28 -2.14
N ASN A 35 -7.13 5.13 -2.51
CA ASN A 35 -7.48 3.79 -2.02
C ASN A 35 -6.53 3.35 -0.89
N ALA A 36 -5.46 4.15 -0.68
CA ALA A 36 -4.32 3.79 0.20
C ALA A 36 -4.53 4.27 1.65
N THR A 37 -4.42 3.31 2.60
CA THR A 37 -4.45 3.56 4.05
C THR A 37 -3.03 3.93 4.54
N LEU A 38 -2.92 4.98 5.38
CA LEU A 38 -1.63 5.42 5.94
C LEU A 38 -1.18 4.43 7.04
N ILE A 39 -0.21 3.57 6.68
CA ILE A 39 0.51 2.70 7.63
C ILE A 39 2.01 2.75 7.30
N SER A 40 2.86 2.81 8.32
CA SER A 40 4.31 2.73 8.11
C SER A 40 4.71 1.24 8.02
N VAL A 41 5.60 0.93 7.05
CA VAL A 41 6.18 -0.42 6.87
C VAL A 41 6.91 -0.92 8.15
N ASN A 42 7.34 0.04 8.99
CA ASN A 42 7.99 -0.24 10.29
C ASN A 42 7.02 -0.88 11.30
N ASP A 43 5.76 -0.40 11.30
CA ASP A 43 4.72 -0.83 12.25
C ASP A 43 4.10 -2.16 11.85
N GLN A 44 4.74 -3.26 12.30
CA GLN A 44 4.16 -4.62 12.20
C GLN A 44 2.89 -4.74 13.05
N GLU A 45 2.79 -3.92 14.11
CA GLU A 45 1.61 -3.89 15.00
C GLU A 45 0.36 -3.33 14.28
N LYS A 46 0.56 -2.28 13.47
CA LYS A 46 -0.51 -1.59 12.72
C LYS A 46 -0.88 -2.39 11.46
N LEU A 47 0.14 -3.02 10.84
CA LEU A 47 -0.06 -3.92 9.69
C LEU A 47 -0.87 -5.17 10.11
N ALA A 48 -0.48 -5.76 11.26
CA ALA A 48 -1.15 -6.94 11.84
C ALA A 48 -2.59 -6.62 12.24
N ASP A 49 -2.77 -5.47 12.89
CA ASP A 49 -4.08 -4.98 13.37
C ASP A 49 -5.04 -4.72 12.20
N PHE A 50 -4.53 -4.04 11.16
CA PHE A 50 -5.33 -3.69 9.97
C PHE A 50 -5.87 -4.94 9.29
N LEU A 51 -5.02 -5.97 9.24
CA LEU A 51 -5.38 -7.26 8.66
C LEU A 51 -6.29 -8.06 9.60
N SER A 52 -6.10 -7.89 10.93
CA SER A 52 -6.88 -8.61 11.96
C SER A 52 -8.35 -8.13 11.99
N GLN A 53 -8.60 -6.88 11.52
CA GLN A 53 -9.95 -6.24 11.49
C GLN A 53 -11.05 -7.16 10.89
N HIS A 54 -10.70 -7.86 9.81
CA HIS A 54 -11.61 -8.82 9.13
C HIS A 54 -10.86 -10.11 8.73
N LYS A 55 -9.67 -10.30 9.34
CA LYS A 55 -8.68 -11.35 9.04
C LYS A 55 -8.42 -11.48 7.52
N ASP A 56 -9.32 -12.17 6.85
CA ASP A 56 -9.24 -12.48 5.42
C ASP A 56 -10.08 -11.47 4.61
N LYS A 57 -9.42 -10.42 4.13
CA LYS A 57 -9.94 -9.49 3.11
C LYS A 57 -8.78 -9.10 2.16
N LYS A 58 -9.13 -8.62 0.95
CA LYS A 58 -8.17 -8.37 -0.11
C LYS A 58 -7.50 -6.99 0.07
N VAL A 59 -6.28 -7.02 0.62
CA VAL A 59 -5.49 -5.81 0.91
C VAL A 59 -4.24 -5.79 0.04
N LEU A 60 -3.87 -4.59 -0.42
CA LEU A 60 -2.72 -4.37 -1.31
C LEU A 60 -1.73 -3.38 -0.67
N LEU A 61 -0.61 -3.88 -0.14
CA LEU A 61 0.44 -3.04 0.44
C LEU A 61 1.32 -2.46 -0.70
N HIS A 62 1.06 -1.20 -1.12
CA HIS A 62 1.84 -0.56 -2.21
C HIS A 62 3.00 0.25 -1.62
N CYS A 63 4.15 0.23 -2.31
CA CYS A 63 5.38 0.96 -1.87
C CYS A 63 5.81 2.01 -2.91
N ARG A 64 6.62 2.99 -2.42
CA ARG A 64 7.41 3.94 -3.26
C ARG A 64 8.01 3.21 -4.50
N ALA A 65 8.80 2.15 -4.22
CA ALA A 65 9.43 1.32 -5.28
C ALA A 65 8.79 -0.07 -5.31
N GLY A 66 8.93 -0.86 -4.23
CA GLY A 66 8.28 -2.18 -4.14
C GLY A 66 8.86 -3.12 -3.10
N ARG A 67 10.04 -2.80 -2.54
CA ARG A 67 10.71 -3.68 -1.55
C ARG A 67 10.00 -3.58 -0.19
N ARG A 68 9.57 -2.37 0.21
CA ARG A 68 8.81 -2.16 1.46
C ARG A 68 7.44 -2.87 1.38
N ALA A 69 6.90 -2.96 0.15
CA ALA A 69 5.65 -3.66 -0.15
C ALA A 69 5.79 -5.16 0.15
N LEU A 70 6.84 -5.77 -0.44
CA LEU A 70 7.23 -7.17 -0.20
C LEU A 70 7.46 -7.44 1.29
N ASP A 71 8.29 -6.59 1.92
CA ASP A 71 8.74 -6.73 3.32
C ASP A 71 7.56 -6.75 4.31
N ALA A 72 6.70 -5.73 4.20
CA ALA A 72 5.47 -5.62 5.00
C ALA A 72 4.60 -6.87 4.82
N ALA A 73 4.44 -7.30 3.56
CA ALA A 73 3.61 -8.46 3.21
C ALA A 73 4.20 -9.76 3.79
N LYS A 74 5.55 -9.89 3.83
CA LYS A 74 6.22 -11.11 4.34
C LYS A 74 5.87 -11.31 5.81
N SER A 75 6.24 -10.32 6.65
CA SER A 75 6.01 -10.35 8.11
C SER A 75 4.55 -10.69 8.47
N MET A 76 3.61 -10.10 7.70
CA MET A 76 2.17 -10.31 7.88
C MET A 76 1.72 -11.74 7.47
N HIS A 77 2.30 -12.28 6.37
CA HIS A 77 2.08 -13.69 5.94
C HIS A 77 2.58 -14.67 7.02
N GLU A 78 3.65 -14.29 7.73
CA GLU A 78 4.26 -15.11 8.79
C GLU A 78 3.37 -15.09 10.06
N LEU A 79 2.56 -14.02 10.21
CA LEU A 79 1.53 -13.92 11.28
C LEU A 79 0.23 -14.67 10.91
N GLY A 80 0.20 -15.29 9.73
CA GLY A 80 -0.95 -16.11 9.29
C GLY A 80 -1.91 -15.36 8.37
N TYR A 81 -1.63 -14.08 8.08
CA TYR A 81 -2.43 -13.28 7.12
C TYR A 81 -1.94 -13.57 5.68
N THR A 82 -2.63 -13.00 4.67
CA THR A 82 -2.25 -13.16 3.24
C THR A 82 -2.46 -11.84 2.44
N PRO A 83 -1.78 -10.70 2.82
CA PRO A 83 -1.85 -9.45 2.02
C PRO A 83 -1.09 -9.55 0.68
N TYR A 84 -1.66 -8.92 -0.35
CA TYR A 84 -0.98 -8.69 -1.63
C TYR A 84 -0.04 -7.48 -1.48
N TYR A 85 0.79 -7.23 -2.49
CA TYR A 85 1.72 -6.10 -2.47
C TYR A 85 2.03 -5.63 -3.89
N LEU A 86 2.11 -4.29 -4.06
CA LEU A 86 2.33 -3.64 -5.36
C LEU A 86 3.76 -3.12 -5.45
N GLU A 87 4.47 -3.66 -6.44
CA GLU A 87 5.80 -3.20 -6.82
C GLU A 87 5.67 -2.29 -8.06
N GLY A 88 5.88 -0.98 -7.84
CA GLY A 88 5.80 0.03 -8.89
C GLY A 88 6.09 1.43 -8.34
N ASN A 89 6.56 2.34 -9.22
CA ASN A 89 6.93 3.72 -8.86
C ASN A 89 5.68 4.53 -8.48
N VAL A 90 5.69 5.12 -7.27
CA VAL A 90 4.52 5.86 -6.73
C VAL A 90 4.20 7.10 -7.59
N TYR A 91 5.23 7.68 -8.21
CA TYR A 91 5.12 8.88 -9.06
C TYR A 91 4.50 8.54 -10.43
N ASP A 92 4.56 7.25 -10.81
CA ASP A 92 4.11 6.77 -12.13
C ASP A 92 2.68 6.20 -12.10
N PHE A 93 2.08 6.07 -10.90
CA PHE A 93 0.69 5.55 -10.77
C PHE A 93 -0.30 6.36 -11.63
N GLU A 94 -0.25 7.69 -11.47
CA GLU A 94 -1.25 8.58 -12.07
C GLU A 94 -1.12 8.65 -13.61
N LYS A 95 0.14 8.59 -14.10
CA LYS A 95 0.42 8.60 -15.56
C LYS A 95 0.23 7.20 -16.21
N TYR A 96 0.15 6.14 -15.36
CA TYR A 96 -0.29 4.78 -15.81
C TYR A 96 -1.83 4.71 -15.88
N GLY A 97 -2.50 5.65 -15.19
CA GLY A 97 -3.97 5.80 -15.27
C GLY A 97 -4.67 5.45 -13.97
N PHE A 98 -3.97 5.68 -12.86
CA PHE A 98 -4.46 5.42 -11.50
C PHE A 98 -4.43 6.75 -10.73
N ARG A 99 -5.59 7.38 -10.56
CA ARG A 99 -5.71 8.70 -9.91
C ARG A 99 -5.02 8.73 -8.54
N MET A 100 -4.53 9.91 -8.16
CA MET A 100 -3.73 10.10 -6.94
C MET A 100 -4.06 11.45 -6.30
N VAL A 101 -3.91 11.50 -4.98
CA VAL A 101 -4.06 12.72 -4.19
C VAL A 101 -2.67 13.24 -3.77
N TYR A 102 -2.20 14.26 -4.51
CA TYR A 102 -0.97 15.00 -4.19
C TYR A 102 -1.26 16.09 -3.13
N ASP A 103 -0.20 16.54 -2.43
CA ASP A 103 -0.25 17.73 -1.53
C ASP A 103 -1.30 17.56 -0.38
N ASP A 104 -1.57 16.28 -0.02
CA ASP A 104 -2.57 15.93 1.02
C ASP A 104 -1.90 15.90 2.42
N THR A 105 -1.38 17.07 2.79
CA THR A 105 -0.73 17.32 4.08
C THR A 105 -1.73 17.88 5.09
N CYS A 106 -2.69 18.64 4.56
CA CYS A 106 -3.77 19.27 5.33
C CYS A 106 -5.01 19.37 4.42
N ASP A 107 -6.20 19.59 5.03
CA ASP A 107 -7.42 19.84 4.26
C ASP A 107 -7.35 21.28 3.68
N LYS A 108 -6.71 21.38 2.51
CA LYS A 108 -6.45 22.65 1.83
C LYS A 108 -7.51 22.87 0.74
N LYS A 109 -7.72 21.82 -0.08
CA LYS A 109 -8.75 21.82 -1.14
C LYS A 109 -10.16 21.70 -0.52
N ASN A 110 -10.80 22.85 -0.27
CA ASN A 110 -12.15 22.91 0.31
C ASN A 110 -13.21 22.86 -0.83
N MET A 1 5.59 -18.26 0.91
CA MET A 1 5.28 -18.46 -0.53
C MET A 1 4.34 -17.32 -1.03
N LEU A 2 4.72 -16.07 -0.71
CA LEU A 2 3.93 -14.87 -1.07
C LEU A 2 4.30 -14.32 -2.47
N GLU A 3 5.30 -14.94 -3.14
CA GLU A 3 5.80 -14.43 -4.45
C GLU A 3 4.69 -14.45 -5.54
N ASP A 4 3.68 -15.30 -5.32
CA ASP A 4 2.46 -15.39 -6.16
C ASP A 4 1.59 -14.10 -6.03
N TYR A 5 1.64 -13.50 -4.83
CA TYR A 5 0.89 -12.26 -4.48
C TYR A 5 1.60 -10.98 -5.00
N ALA A 6 2.75 -11.14 -5.70
CA ALA A 6 3.51 -10.02 -6.28
C ALA A 6 2.79 -9.45 -7.52
N ILE A 7 2.20 -8.27 -7.35
CA ILE A 7 1.47 -7.58 -8.43
C ILE A 7 2.34 -6.43 -8.98
N SER A 8 2.33 -6.27 -10.31
CA SER A 8 3.09 -5.21 -11.02
C SER A 8 2.18 -4.03 -11.39
N LEU A 9 2.77 -2.83 -11.58
CA LEU A 9 2.04 -1.59 -11.93
C LEU A 9 1.31 -1.71 -13.30
N GLU A 10 1.90 -2.48 -14.21
CA GLU A 10 1.34 -2.71 -15.57
C GLU A 10 0.00 -3.49 -15.53
N GLU A 11 -0.21 -4.33 -14.50
CA GLU A 11 -1.34 -5.30 -14.44
C GLU A 11 -2.33 -4.97 -13.30
N VAL A 12 -1.93 -4.07 -12.37
CA VAL A 12 -2.70 -3.79 -11.15
C VAL A 12 -3.99 -3.00 -11.42
N ASN A 13 -5.00 -3.19 -10.56
CA ASN A 13 -6.19 -2.34 -10.48
C ASN A 13 -6.38 -1.95 -9.03
N PHE A 14 -5.89 -0.76 -8.63
CA PHE A 14 -5.94 -0.32 -7.21
C PHE A 14 -7.38 -0.28 -6.67
N ASN A 15 -8.32 0.10 -7.53
CA ASN A 15 -9.76 0.17 -7.22
C ASN A 15 -10.35 -1.22 -6.86
N ASP A 16 -9.68 -2.30 -7.33
CA ASP A 16 -10.09 -3.71 -7.07
C ASP A 16 -9.84 -4.10 -5.60
N PHE A 17 -8.76 -3.57 -4.99
CA PHE A 17 -8.33 -3.92 -3.62
C PHE A 17 -8.56 -2.72 -2.67
N ILE A 18 -8.53 -3.00 -1.35
CA ILE A 18 -8.36 -1.96 -0.32
C ILE A 18 -6.86 -1.80 -0.10
N VAL A 19 -6.30 -0.70 -0.58
CA VAL A 19 -4.85 -0.52 -0.69
C VAL A 19 -4.30 0.09 0.62
N VAL A 20 -3.02 -0.18 0.91
CA VAL A 20 -2.29 0.42 2.04
C VAL A 20 -0.96 0.96 1.51
N ASP A 21 -0.66 2.23 1.84
CA ASP A 21 0.65 2.82 1.54
C ASP A 21 1.60 2.47 2.70
N VAL A 22 2.54 1.53 2.47
CA VAL A 22 3.47 1.05 3.51
C VAL A 22 4.80 1.82 3.45
N ARG A 23 4.82 3.04 4.03
CA ARG A 23 6.02 3.91 4.06
C ARG A 23 6.01 4.83 5.31
N GLU A 24 5.46 6.08 5.19
CA GLU A 24 5.63 7.16 6.23
C GLU A 24 4.54 8.26 6.10
N LEU A 25 4.38 9.08 7.17
CA LEU A 25 3.42 10.22 7.15
C LEU A 25 3.75 11.21 6.01
N ASP A 26 5.04 11.58 5.89
CA ASP A 26 5.50 12.65 4.97
C ASP A 26 5.13 12.35 3.50
N GLU A 27 5.29 11.08 3.08
CA GLU A 27 4.91 10.67 1.71
C GLU A 27 3.39 10.73 1.51
N TYR A 28 2.64 10.27 2.53
CA TYR A 28 1.16 10.27 2.52
C TYR A 28 0.61 11.69 2.30
N GLU A 29 1.34 12.67 2.84
CA GLU A 29 1.00 14.08 2.75
C GLU A 29 1.26 14.64 1.32
N GLU A 30 2.38 14.25 0.67
CA GLU A 30 2.73 14.80 -0.65
C GLU A 30 1.93 14.11 -1.79
N LEU A 31 1.82 12.76 -1.72
CA LEU A 31 1.00 11.96 -2.67
C LEU A 31 0.72 10.56 -2.11
N HIS A 32 -0.48 10.02 -2.41
CA HIS A 32 -0.84 8.62 -2.12
C HIS A 32 -2.14 8.29 -2.87
N LEU A 33 -2.43 6.99 -2.99
CA LEU A 33 -3.66 6.49 -3.64
C LEU A 33 -4.92 6.83 -2.80
N PRO A 34 -6.11 7.02 -3.46
CA PRO A 34 -7.35 7.46 -2.77
C PRO A 34 -7.78 6.48 -1.66
N ASN A 35 -7.61 5.20 -1.95
CA ASN A 35 -8.00 4.08 -1.07
C ASN A 35 -6.78 3.45 -0.37
N ALA A 36 -5.63 4.17 -0.38
CA ALA A 36 -4.42 3.76 0.36
C ALA A 36 -4.49 4.22 1.82
N THR A 37 -4.40 3.26 2.75
CA THR A 37 -4.36 3.50 4.19
C THR A 37 -2.92 3.80 4.64
N LEU A 38 -2.73 4.86 5.45
CA LEU A 38 -1.39 5.21 5.97
C LEU A 38 -0.96 4.25 7.08
N ILE A 39 -0.03 3.36 6.73
CA ILE A 39 0.68 2.51 7.70
C ILE A 39 2.16 2.51 7.31
N SER A 40 3.05 2.52 8.29
CA SER A 40 4.49 2.41 8.04
C SER A 40 4.90 0.94 7.99
N VAL A 41 5.80 0.62 7.04
CA VAL A 41 6.33 -0.75 6.83
C VAL A 41 6.95 -1.36 8.13
N ASN A 42 7.51 -0.49 8.99
CA ASN A 42 8.16 -0.90 10.25
C ASN A 42 7.12 -1.21 11.36
N ASP A 43 5.93 -0.58 11.28
CA ASP A 43 4.83 -0.79 12.24
C ASP A 43 4.10 -2.10 11.93
N GLN A 44 4.62 -3.23 12.49
CA GLN A 44 4.01 -4.56 12.30
C GLN A 44 2.64 -4.63 13.02
N GLU A 45 2.56 -4.05 14.22
CA GLU A 45 1.33 -4.08 15.05
C GLU A 45 0.20 -3.23 14.46
N LYS A 46 0.55 -2.13 13.76
CA LYS A 46 -0.43 -1.25 13.08
C LYS A 46 -0.90 -1.91 11.77
N LEU A 47 0.03 -2.56 11.09
CA LEU A 47 -0.25 -3.23 9.81
C LEU A 47 -1.17 -4.45 10.04
N ALA A 48 -0.81 -5.24 11.05
CA ALA A 48 -1.54 -6.43 11.48
C ALA A 48 -2.87 -6.04 12.14
N ASP A 49 -2.92 -4.84 12.76
CA ASP A 49 -4.17 -4.27 13.32
C ASP A 49 -5.21 -4.10 12.22
N PHE A 50 -4.81 -3.42 11.13
CA PHE A 50 -5.68 -3.16 9.96
C PHE A 50 -6.21 -4.46 9.37
N LEU A 51 -5.30 -5.42 9.18
CA LEU A 51 -5.62 -6.76 8.62
C LEU A 51 -6.56 -7.55 9.57
N SER A 52 -6.39 -7.33 10.88
CA SER A 52 -7.18 -7.99 11.94
C SER A 52 -8.62 -7.45 12.01
N GLN A 53 -8.80 -6.15 11.65
CA GLN A 53 -10.12 -5.45 11.70
C GLN A 53 -11.17 -6.25 10.91
N HIS A 54 -10.73 -6.82 9.78
CA HIS A 54 -11.51 -7.74 8.95
C HIS A 54 -10.56 -8.78 8.34
N LYS A 55 -10.46 -9.93 8.98
CA LYS A 55 -9.70 -11.09 8.47
C LYS A 55 -10.52 -11.81 7.38
N ASP A 56 -10.76 -11.07 6.28
CA ASP A 56 -11.62 -11.53 5.17
C ASP A 56 -11.40 -10.71 3.88
N LYS A 57 -11.13 -9.38 4.02
CA LYS A 57 -11.11 -8.48 2.84
C LYS A 57 -9.73 -8.52 2.13
N LYS A 58 -9.72 -8.03 0.88
CA LYS A 58 -8.55 -8.08 0.00
C LYS A 58 -7.73 -6.79 0.14
N VAL A 59 -6.47 -6.91 0.55
CA VAL A 59 -5.58 -5.75 0.80
C VAL A 59 -4.35 -5.80 -0.12
N LEU A 60 -3.95 -4.62 -0.62
CA LEU A 60 -2.76 -4.44 -1.47
C LEU A 60 -1.77 -3.48 -0.80
N LEU A 61 -0.68 -4.01 -0.23
CA LEU A 61 0.38 -3.20 0.38
C LEU A 61 1.29 -2.63 -0.73
N HIS A 62 1.04 -1.40 -1.16
CA HIS A 62 1.81 -0.78 -2.26
C HIS A 62 2.98 0.04 -1.69
N CYS A 63 4.06 0.10 -2.46
CA CYS A 63 5.29 0.83 -2.08
C CYS A 63 5.76 1.73 -3.22
N ARG A 64 6.55 2.76 -2.85
CA ARG A 64 7.21 3.69 -3.80
C ARG A 64 8.03 2.95 -4.87
N ALA A 65 8.76 1.91 -4.48
CA ALA A 65 9.51 1.04 -5.41
C ALA A 65 8.89 -0.37 -5.41
N GLY A 66 8.93 -1.03 -4.24
CA GLY A 66 8.41 -2.38 -4.08
C GLY A 66 9.09 -3.14 -2.96
N ARG A 67 10.25 -2.63 -2.52
CA ARG A 67 11.04 -3.21 -1.41
C ARG A 67 10.19 -3.31 -0.14
N ARG A 68 9.54 -2.19 0.23
CA ARG A 68 8.74 -2.10 1.46
C ARG A 68 7.38 -2.80 1.31
N ALA A 69 6.92 -2.93 0.06
CA ALA A 69 5.72 -3.72 -0.27
C ALA A 69 5.97 -5.19 0.09
N LEU A 70 7.13 -5.68 -0.36
CA LEU A 70 7.58 -7.04 -0.07
C LEU A 70 7.84 -7.21 1.44
N ASP A 71 8.59 -6.27 2.05
CA ASP A 71 8.96 -6.30 3.49
C ASP A 71 7.73 -6.44 4.40
N ALA A 72 6.77 -5.54 4.18
CA ALA A 72 5.51 -5.48 4.93
C ALA A 72 4.72 -6.79 4.79
N ALA A 73 4.52 -7.21 3.53
CA ALA A 73 3.72 -8.39 3.20
C ALA A 73 4.37 -9.70 3.68
N LYS A 74 5.73 -9.77 3.65
CA LYS A 74 6.47 -10.97 4.11
C LYS A 74 6.16 -11.19 5.57
N SER A 75 6.46 -10.17 6.40
CA SER A 75 6.28 -10.21 7.86
C SER A 75 4.87 -10.70 8.24
N MET A 76 3.85 -10.16 7.54
CA MET A 76 2.44 -10.52 7.75
C MET A 76 2.17 -11.99 7.37
N HIS A 77 2.67 -12.41 6.19
CA HIS A 77 2.55 -13.81 5.73
C HIS A 77 3.22 -14.81 6.70
N GLU A 78 4.32 -14.36 7.36
CA GLU A 78 5.04 -15.15 8.37
C GLU A 78 4.20 -15.27 9.66
N LEU A 79 3.45 -14.19 10.00
CA LEU A 79 2.56 -14.16 11.19
C LEU A 79 1.34 -15.05 10.97
N GLY A 80 0.92 -15.23 9.70
CA GLY A 80 -0.23 -16.06 9.34
C GLY A 80 -1.17 -15.38 8.36
N TYR A 81 -0.99 -14.06 8.14
CA TYR A 81 -1.84 -13.25 7.21
C TYR A 81 -1.52 -13.58 5.74
N THR A 82 -2.31 -13.03 4.81
CA THR A 82 -2.10 -13.18 3.36
C THR A 82 -2.49 -11.88 2.59
N PRO A 83 -1.84 -10.69 2.88
CA PRO A 83 -2.02 -9.48 2.04
C PRO A 83 -1.19 -9.55 0.74
N TYR A 84 -1.73 -8.94 -0.32
CA TYR A 84 -1.01 -8.74 -1.59
C TYR A 84 -0.06 -7.56 -1.44
N TYR A 85 0.76 -7.30 -2.47
CA TYR A 85 1.71 -6.19 -2.45
C TYR A 85 2.02 -5.76 -3.88
N LEU A 86 2.15 -4.43 -4.05
CA LEU A 86 2.37 -3.81 -5.36
C LEU A 86 3.82 -3.30 -5.45
N GLU A 87 4.55 -3.90 -6.37
CA GLU A 87 5.88 -3.46 -6.78
C GLU A 87 5.72 -2.54 -8.02
N GLY A 88 5.79 -1.23 -7.77
CA GLY A 88 5.60 -0.22 -8.83
C GLY A 88 5.84 1.18 -8.30
N ASN A 89 6.16 2.13 -9.20
CA ASN A 89 6.55 3.50 -8.83
C ASN A 89 5.34 4.39 -8.53
N VAL A 90 5.29 4.93 -7.30
CA VAL A 90 4.13 5.68 -6.75
C VAL A 90 3.83 6.97 -7.55
N TYR A 91 4.90 7.62 -8.04
CA TYR A 91 4.80 8.84 -8.86
C TYR A 91 4.30 8.50 -10.28
N ASP A 92 4.60 7.27 -10.72
CA ASP A 92 4.26 6.76 -12.06
C ASP A 92 2.82 6.24 -12.13
N PHE A 93 2.15 6.00 -10.99
CA PHE A 93 0.72 5.58 -10.96
C PHE A 93 -0.14 6.57 -11.77
N GLU A 94 0.11 7.86 -11.51
CA GLU A 94 -0.65 8.98 -12.05
C GLU A 94 -0.52 9.03 -13.59
N LYS A 95 0.74 8.93 -14.08
CA LYS A 95 1.03 8.97 -15.54
C LYS A 95 0.63 7.65 -16.24
N TYR A 96 0.50 6.54 -15.46
CA TYR A 96 -0.04 5.25 -15.96
C TYR A 96 -1.58 5.30 -16.05
N GLY A 97 -2.20 6.31 -15.40
CA GLY A 97 -3.65 6.54 -15.53
C GLY A 97 -4.42 6.16 -14.28
N PHE A 98 -3.70 5.71 -13.24
CA PHE A 98 -4.26 5.40 -11.92
C PHE A 98 -4.39 6.70 -11.12
N ARG A 99 -5.61 6.97 -10.64
CA ARG A 99 -5.94 8.18 -9.85
C ARG A 99 -5.08 8.25 -8.57
N MET A 100 -4.48 9.44 -8.36
CA MET A 100 -3.56 9.72 -7.24
C MET A 100 -3.96 11.04 -6.56
N VAL A 101 -4.03 11.03 -5.23
CA VAL A 101 -4.33 12.23 -4.42
C VAL A 101 -3.02 12.91 -4.00
N TYR A 102 -2.86 14.19 -4.36
CA TYR A 102 -1.70 15.01 -3.94
C TYR A 102 -2.17 16.07 -2.94
N ASP A 103 -1.20 16.75 -2.29
CA ASP A 103 -1.42 17.94 -1.42
C ASP A 103 -2.30 17.58 -0.20
N ASP A 104 -2.10 16.35 0.31
CA ASP A 104 -2.75 15.86 1.56
C ASP A 104 -2.07 16.45 2.81
N THR A 105 -1.01 17.23 2.58
CA THR A 105 -0.30 18.01 3.59
C THR A 105 -1.30 18.82 4.45
N CYS A 106 -1.39 18.44 5.73
CA CYS A 106 -2.28 19.08 6.71
C CYS A 106 -1.67 20.39 7.25
N ASP A 107 -0.53 20.79 6.67
CA ASP A 107 0.13 22.08 6.93
C ASP A 107 -0.41 23.12 5.90
N LYS A 108 -0.06 24.40 6.14
CA LYS A 108 -0.61 25.55 5.38
C LYS A 108 0.37 26.02 4.27
N LYS A 109 1.64 25.60 4.38
CA LYS A 109 2.73 26.06 3.50
C LYS A 109 2.78 25.17 2.24
N ASN A 110 2.30 25.74 1.12
CA ASN A 110 2.14 25.03 -0.17
C ASN A 110 3.47 25.08 -0.96
N MET A 1 5.81 -18.55 -1.38
CA MET A 1 4.33 -18.44 -1.33
C MET A 1 3.84 -17.02 -1.73
N LEU A 2 4.46 -15.95 -1.16
CA LEU A 2 3.91 -14.57 -1.31
C LEU A 2 4.37 -13.90 -2.62
N GLU A 3 5.41 -14.42 -3.29
CA GLU A 3 5.85 -13.89 -4.61
C GLU A 3 4.75 -14.09 -5.69
N ASP A 4 3.77 -14.96 -5.38
CA ASP A 4 2.54 -15.15 -6.18
C ASP A 4 1.53 -14.01 -5.93
N TYR A 5 1.57 -13.44 -4.71
CA TYR A 5 0.75 -12.26 -4.31
C TYR A 5 1.38 -10.94 -4.83
N ALA A 6 2.57 -11.05 -5.44
CA ALA A 6 3.24 -9.92 -6.13
C ALA A 6 2.42 -9.49 -7.34
N ILE A 7 2.09 -8.19 -7.39
CA ILE A 7 1.37 -7.58 -8.52
C ILE A 7 2.24 -6.43 -9.07
N SER A 8 2.36 -6.36 -10.40
CA SER A 8 3.07 -5.25 -11.08
C SER A 8 2.09 -4.11 -11.40
N LEU A 9 2.60 -2.88 -11.53
CA LEU A 9 1.78 -1.68 -11.83
C LEU A 9 1.10 -1.76 -13.23
N GLU A 10 1.71 -2.53 -14.13
CA GLU A 10 1.19 -2.74 -15.50
C GLU A 10 -0.08 -3.63 -15.52
N GLU A 11 -0.25 -4.46 -14.48
CA GLU A 11 -1.32 -5.48 -14.41
C GLU A 11 -2.27 -5.23 -13.21
N VAL A 12 -2.01 -4.16 -12.43
CA VAL A 12 -2.76 -3.87 -11.19
C VAL A 12 -4.07 -3.11 -11.49
N ASN A 13 -5.03 -3.21 -10.56
CA ASN A 13 -6.22 -2.35 -10.50
C ASN A 13 -6.44 -1.97 -9.03
N PHE A 14 -5.89 -0.81 -8.61
CA PHE A 14 -5.98 -0.35 -7.20
C PHE A 14 -7.43 -0.24 -6.70
N ASN A 15 -8.33 0.14 -7.62
CA ASN A 15 -9.77 0.26 -7.36
C ASN A 15 -10.44 -1.10 -7.02
N ASP A 16 -9.79 -2.19 -7.47
CA ASP A 16 -10.26 -3.58 -7.23
C ASP A 16 -9.96 -4.03 -5.78
N PHE A 17 -8.87 -3.52 -5.18
CA PHE A 17 -8.40 -3.95 -3.84
C PHE A 17 -8.55 -2.78 -2.83
N ILE A 18 -8.57 -3.12 -1.53
CA ILE A 18 -8.40 -2.13 -0.43
C ILE A 18 -6.89 -1.86 -0.29
N VAL A 19 -6.44 -0.68 -0.71
CA VAL A 19 -5.00 -0.42 -0.84
C VAL A 19 -4.43 0.07 0.52
N VAL A 20 -3.12 -0.15 0.73
CA VAL A 20 -2.38 0.33 1.91
C VAL A 20 -1.07 0.96 1.42
N ASP A 21 -0.82 2.21 1.82
CA ASP A 21 0.43 2.90 1.53
C ASP A 21 1.42 2.55 2.64
N VAL A 22 2.40 1.67 2.36
CA VAL A 22 3.40 1.23 3.37
C VAL A 22 4.72 1.99 3.23
N ARG A 23 4.79 3.21 3.81
CA ARG A 23 6.01 4.04 3.80
C ARG A 23 6.07 4.93 5.07
N GLU A 24 5.40 6.13 5.05
CA GLU A 24 5.54 7.20 6.11
C GLU A 24 4.37 8.22 6.08
N LEU A 25 4.27 9.04 7.14
CA LEU A 25 3.37 10.23 7.15
C LEU A 25 3.92 11.29 6.18
N ASP A 26 5.26 11.40 6.15
CA ASP A 26 6.00 12.35 5.28
C ASP A 26 5.56 12.24 3.80
N GLU A 27 5.53 10.99 3.28
CA GLU A 27 5.09 10.74 1.89
C GLU A 27 3.58 11.01 1.75
N TYR A 28 2.77 10.60 2.75
CA TYR A 28 1.32 10.86 2.76
C TYR A 28 1.01 12.35 2.49
N GLU A 29 1.86 13.21 3.08
CA GLU A 29 1.72 14.66 3.01
C GLU A 29 2.13 15.24 1.65
N GLU A 30 3.17 14.67 1.01
CA GLU A 30 3.66 15.17 -0.30
C GLU A 30 2.93 14.52 -1.51
N LEU A 31 2.78 13.16 -1.48
CA LEU A 31 2.01 12.41 -2.50
C LEU A 31 1.73 10.96 -2.04
N HIS A 32 0.50 10.49 -2.28
CA HIS A 32 0.06 9.15 -1.88
C HIS A 32 -1.23 8.76 -2.64
N LEU A 33 -1.64 7.49 -2.50
CA LEU A 33 -2.94 7.02 -3.06
C LEU A 33 -4.10 7.34 -2.10
N PRO A 34 -5.26 7.86 -2.62
CA PRO A 34 -6.47 8.18 -1.81
C PRO A 34 -7.00 6.94 -1.05
N ASN A 35 -7.14 5.85 -1.80
CA ASN A 35 -7.69 4.56 -1.33
C ASN A 35 -6.63 3.69 -0.64
N ALA A 36 -5.45 4.28 -0.39
CA ALA A 36 -4.37 3.64 0.38
C ALA A 36 -4.41 4.06 1.85
N THR A 37 -4.40 3.06 2.74
CA THR A 37 -4.37 3.26 4.19
C THR A 37 -2.95 3.65 4.63
N LEU A 38 -2.81 4.80 5.31
CA LEU A 38 -1.51 5.29 5.81
C LEU A 38 -1.03 4.33 6.93
N ILE A 39 -0.05 3.49 6.59
CA ILE A 39 0.67 2.62 7.53
C ILE A 39 2.16 2.67 7.15
N SER A 40 3.05 2.67 8.13
CA SER A 40 4.49 2.59 7.84
C SER A 40 4.92 1.12 7.77
N VAL A 41 5.90 0.81 6.92
CA VAL A 41 6.49 -0.55 6.77
C VAL A 41 7.01 -1.11 8.13
N ASN A 42 7.44 -0.19 9.04
CA ASN A 42 7.96 -0.53 10.38
C ASN A 42 6.84 -0.81 11.41
N ASP A 43 5.59 -0.46 11.05
CA ASP A 43 4.41 -0.65 11.92
C ASP A 43 3.80 -2.03 11.69
N GLN A 44 4.37 -3.03 12.38
CA GLN A 44 3.87 -4.41 12.35
C GLN A 44 2.53 -4.50 13.10
N GLU A 45 2.45 -3.86 14.28
CA GLU A 45 1.25 -3.89 15.14
C GLU A 45 0.04 -3.19 14.46
N LYS A 46 0.30 -2.11 13.71
CA LYS A 46 -0.75 -1.33 13.03
C LYS A 46 -1.20 -2.03 11.74
N LEU A 47 -0.24 -2.64 11.04
CA LEU A 47 -0.52 -3.33 9.77
C LEU A 47 -1.35 -4.61 10.03
N ALA A 48 -0.86 -5.40 11.00
CA ALA A 48 -1.51 -6.65 11.43
C ALA A 48 -2.86 -6.37 12.11
N ASP A 49 -3.01 -5.18 12.73
CA ASP A 49 -4.30 -4.70 13.29
C ASP A 49 -5.34 -4.56 12.17
N PHE A 50 -4.94 -3.84 11.10
CA PHE A 50 -5.78 -3.57 9.91
C PHE A 50 -6.23 -4.90 9.25
N LEU A 51 -5.34 -5.89 9.26
CA LEU A 51 -5.61 -7.22 8.70
C LEU A 51 -6.45 -8.09 9.66
N SER A 52 -6.31 -7.84 10.97
CA SER A 52 -7.02 -8.60 12.03
C SER A 52 -8.47 -8.10 12.24
N GLN A 53 -8.81 -6.93 11.66
CA GLN A 53 -10.19 -6.39 11.68
C GLN A 53 -11.14 -7.32 10.90
N HIS A 54 -10.68 -7.64 9.70
CA HIS A 54 -11.31 -8.57 8.75
C HIS A 54 -10.16 -9.23 8.04
N LYS A 55 -9.91 -10.51 8.31
CA LYS A 55 -8.88 -11.29 7.58
C LYS A 55 -9.39 -11.67 6.20
N ASP A 56 -10.70 -11.96 6.09
CA ASP A 56 -11.36 -12.27 4.82
C ASP A 56 -11.69 -10.95 4.09
N LYS A 57 -10.68 -10.44 3.37
CA LYS A 57 -10.80 -9.26 2.49
C LYS A 57 -9.63 -9.28 1.48
N LYS A 58 -9.65 -8.37 0.50
CA LYS A 58 -8.57 -8.25 -0.49
C LYS A 58 -7.83 -6.92 -0.28
N VAL A 59 -6.61 -6.99 0.26
CA VAL A 59 -5.77 -5.80 0.57
C VAL A 59 -4.44 -5.86 -0.20
N LEU A 60 -4.04 -4.69 -0.73
CA LEU A 60 -2.82 -4.53 -1.55
C LEU A 60 -1.89 -3.47 -0.92
N LEU A 61 -0.73 -3.91 -0.43
CA LEU A 61 0.31 -3.01 0.14
C LEU A 61 1.18 -2.46 -1.00
N HIS A 62 0.99 -1.19 -1.38
CA HIS A 62 1.80 -0.58 -2.47
C HIS A 62 3.00 0.18 -1.89
N CYS A 63 4.10 0.21 -2.64
CA CYS A 63 5.36 0.92 -2.27
C CYS A 63 5.83 1.83 -3.40
N ARG A 64 6.67 2.85 -3.02
CA ARG A 64 7.37 3.75 -3.96
C ARG A 64 8.03 2.97 -5.12
N ALA A 65 8.70 1.87 -4.78
CA ALA A 65 9.24 0.91 -5.77
C ALA A 65 8.55 -0.45 -5.59
N GLY A 66 8.78 -1.08 -4.43
CA GLY A 66 8.21 -2.41 -4.17
C GLY A 66 8.82 -3.11 -2.96
N ARG A 67 9.98 -2.62 -2.46
CA ARG A 67 10.67 -3.25 -1.31
C ARG A 67 9.82 -3.15 -0.03
N ARG A 68 9.27 -1.95 0.25
CA ARG A 68 8.45 -1.70 1.46
C ARG A 68 7.17 -2.58 1.44
N ALA A 69 6.64 -2.77 0.22
CA ALA A 69 5.46 -3.60 -0.04
C ALA A 69 5.76 -5.07 0.26
N LEU A 70 6.88 -5.53 -0.31
CA LEU A 70 7.40 -6.90 -0.17
C LEU A 70 7.71 -7.23 1.29
N ASP A 71 8.37 -6.29 1.98
CA ASP A 71 8.89 -6.48 3.35
C ASP A 71 7.74 -6.61 4.35
N ALA A 72 6.82 -5.64 4.30
CA ALA A 72 5.66 -5.58 5.18
C ALA A 72 4.73 -6.79 4.96
N ALA A 73 4.53 -7.17 3.68
CA ALA A 73 3.72 -8.33 3.31
C ALA A 73 4.36 -9.63 3.80
N LYS A 74 5.72 -9.73 3.71
CA LYS A 74 6.49 -10.91 4.21
C LYS A 74 6.22 -11.13 5.68
N SER A 75 6.43 -10.06 6.46
CA SER A 75 6.25 -10.04 7.93
C SER A 75 4.87 -10.62 8.33
N MET A 76 3.81 -10.20 7.61
CA MET A 76 2.42 -10.63 7.89
C MET A 76 2.10 -12.03 7.38
N HIS A 77 2.74 -12.44 6.27
CA HIS A 77 2.67 -13.82 5.77
C HIS A 77 3.35 -14.80 6.75
N GLU A 78 4.39 -14.32 7.47
CA GLU A 78 5.07 -15.06 8.54
C GLU A 78 4.16 -15.18 9.78
N LEU A 79 3.34 -14.12 10.01
CA LEU A 79 2.34 -14.09 11.10
C LEU A 79 1.17 -15.04 10.81
N GLY A 80 0.91 -15.29 9.52
CA GLY A 80 -0.18 -16.18 9.09
C GLY A 80 -1.24 -15.49 8.25
N TYR A 81 -1.18 -14.14 8.17
CA TYR A 81 -2.04 -13.35 7.26
C TYR A 81 -1.57 -13.59 5.80
N THR A 82 -2.38 -13.16 4.82
CA THR A 82 -2.02 -13.28 3.40
C THR A 82 -2.41 -11.99 2.61
N PRO A 83 -1.78 -10.80 2.92
CA PRO A 83 -1.96 -9.58 2.11
C PRO A 83 -1.14 -9.62 0.79
N TYR A 84 -1.68 -8.97 -0.25
CA TYR A 84 -0.97 -8.78 -1.54
C TYR A 84 -0.02 -7.58 -1.42
N TYR A 85 0.80 -7.36 -2.45
CA TYR A 85 1.73 -6.22 -2.48
C TYR A 85 2.02 -5.79 -3.92
N LEU A 86 2.20 -4.48 -4.12
CA LEU A 86 2.37 -3.85 -5.41
C LEU A 86 3.81 -3.34 -5.55
N GLU A 87 4.50 -3.93 -6.51
CA GLU A 87 5.82 -3.51 -6.97
C GLU A 87 5.64 -2.65 -8.23
N GLY A 88 5.62 -1.33 -8.04
CA GLY A 88 5.47 -0.35 -9.12
C GLY A 88 5.76 1.05 -8.61
N ASN A 89 6.18 1.93 -9.53
CA ASN A 89 6.60 3.31 -9.20
C ASN A 89 5.39 4.18 -8.77
N VAL A 90 5.50 4.78 -7.56
CA VAL A 90 4.39 5.53 -6.92
C VAL A 90 3.95 6.75 -7.75
N TYR A 91 4.91 7.41 -8.40
CA TYR A 91 4.66 8.63 -9.21
C TYR A 91 3.97 8.27 -10.54
N ASP A 92 4.17 7.00 -10.97
CA ASP A 92 3.69 6.48 -12.25
C ASP A 92 2.25 5.95 -12.18
N PHE A 93 1.64 5.88 -10.97
CA PHE A 93 0.23 5.44 -10.82
C PHE A 93 -0.71 6.36 -11.64
N GLU A 94 -0.45 7.67 -11.52
CA GLU A 94 -1.14 8.74 -12.25
C GLU A 94 -1.15 8.49 -13.78
N LYS A 95 0.02 8.19 -14.36
CA LYS A 95 0.17 7.98 -15.82
C LYS A 95 -0.26 6.57 -16.27
N TYR A 96 -0.37 5.61 -15.32
CA TYR A 96 -0.90 4.24 -15.59
C TYR A 96 -2.44 4.20 -15.41
N GLY A 97 -3.03 5.32 -14.98
CA GLY A 97 -4.50 5.49 -14.99
C GLY A 97 -5.12 5.29 -13.62
N PHE A 98 -4.43 5.77 -12.59
CA PHE A 98 -4.90 5.72 -11.19
C PHE A 98 -4.70 7.08 -10.56
N ARG A 99 -5.81 7.70 -10.11
CA ARG A 99 -5.78 9.02 -9.46
C ARG A 99 -4.98 8.94 -8.14
N MET A 100 -4.41 10.06 -7.75
CA MET A 100 -3.58 10.20 -6.54
C MET A 100 -3.82 11.56 -5.92
N VAL A 101 -3.45 11.71 -4.64
CA VAL A 101 -3.58 12.98 -3.92
C VAL A 101 -2.18 13.51 -3.61
N TYR A 102 -1.73 14.42 -4.48
CA TYR A 102 -0.49 15.18 -4.31
C TYR A 102 -0.79 16.42 -3.46
N ASP A 103 -0.03 16.58 -2.35
CA ASP A 103 -0.22 17.60 -1.32
C ASP A 103 -1.53 17.34 -0.55
N ASP A 104 -1.40 16.62 0.58
CA ASP A 104 -2.51 16.30 1.50
C ASP A 104 -1.94 16.29 2.92
N THR A 105 -1.27 17.40 3.24
CA THR A 105 -0.56 17.58 4.50
C THR A 105 -1.54 17.70 5.68
N CYS A 106 -2.59 18.52 5.44
CA CYS A 106 -3.57 18.96 6.46
C CYS A 106 -2.87 19.83 7.54
N ASP A 107 -3.64 20.25 8.57
CA ASP A 107 -3.13 21.06 9.71
C ASP A 107 -2.69 22.46 9.22
N LYS A 108 -1.41 22.56 8.75
CA LYS A 108 -0.81 23.75 8.08
C LYS A 108 -0.44 24.88 9.08
N LYS A 109 -1.37 25.25 9.98
CA LYS A 109 -1.20 26.31 10.99
C LYS A 109 -0.94 27.68 10.33
N ASN A 110 -2.02 28.36 9.93
CA ASN A 110 -1.98 29.66 9.24
C ASN A 110 -3.19 30.51 9.72
N MET A 1 5.87 -18.48 0.38
CA MET A 1 5.47 -18.36 -1.04
C MET A 1 4.52 -17.17 -1.25
N LEU A 2 4.90 -15.99 -0.71
CA LEU A 2 4.12 -14.75 -0.91
C LEU A 2 4.53 -14.01 -2.20
N GLU A 3 5.68 -14.38 -2.81
CA GLU A 3 6.17 -13.68 -4.02
C GLU A 3 5.23 -13.96 -5.22
N ASP A 4 4.37 -15.00 -5.09
CA ASP A 4 3.26 -15.28 -6.03
C ASP A 4 2.18 -14.16 -5.97
N TYR A 5 2.09 -13.49 -4.82
CA TYR A 5 1.16 -12.35 -4.58
C TYR A 5 1.75 -11.02 -5.10
N ALA A 6 2.89 -11.09 -5.82
CA ALA A 6 3.54 -9.93 -6.47
C ALA A 6 2.68 -9.41 -7.62
N ILE A 7 1.92 -8.36 -7.35
CA ILE A 7 1.16 -7.63 -8.37
C ILE A 7 2.03 -6.48 -8.87
N SER A 8 2.21 -6.40 -10.19
CA SER A 8 3.00 -5.34 -10.84
C SER A 8 2.09 -4.17 -11.25
N LEU A 9 2.69 -2.97 -11.42
CA LEU A 9 1.94 -1.75 -11.81
C LEU A 9 1.37 -1.87 -13.25
N GLU A 10 2.04 -2.68 -14.08
CA GLU A 10 1.62 -2.96 -15.46
C GLU A 10 0.29 -3.75 -15.53
N GLU A 11 -0.06 -4.47 -14.44
CA GLU A 11 -1.22 -5.38 -14.40
C GLU A 11 -2.23 -5.00 -13.29
N VAL A 12 -1.84 -4.07 -12.40
CA VAL A 12 -2.61 -3.78 -11.17
C VAL A 12 -3.95 -3.06 -11.46
N ASN A 13 -4.97 -3.36 -10.65
CA ASN A 13 -6.21 -2.57 -10.56
C ASN A 13 -6.39 -2.18 -9.09
N PHE A 14 -5.90 -0.98 -8.70
CA PHE A 14 -5.93 -0.51 -7.28
C PHE A 14 -7.37 -0.47 -6.71
N ASN A 15 -8.34 -0.17 -7.58
CA ASN A 15 -9.77 -0.04 -7.19
C ASN A 15 -10.43 -1.42 -7.00
N ASP A 16 -9.72 -2.49 -7.40
CA ASP A 16 -10.15 -3.90 -7.18
C ASP A 16 -9.77 -4.37 -5.76
N PHE A 17 -8.83 -3.64 -5.11
CA PHE A 17 -8.33 -4.00 -3.75
C PHE A 17 -8.50 -2.81 -2.79
N ILE A 18 -8.47 -3.09 -1.48
CA ILE A 18 -8.32 -2.08 -0.43
C ILE A 18 -6.83 -1.77 -0.32
N VAL A 19 -6.41 -0.54 -0.67
CA VAL A 19 -4.98 -0.23 -0.83
C VAL A 19 -4.40 0.27 0.51
N VAL A 20 -3.12 -0.05 0.74
CA VAL A 20 -2.34 0.43 1.91
C VAL A 20 -1.02 1.01 1.40
N ASP A 21 -0.70 2.24 1.80
CA ASP A 21 0.60 2.86 1.47
C ASP A 21 1.58 2.52 2.61
N VAL A 22 2.53 1.61 2.34
CA VAL A 22 3.55 1.20 3.35
C VAL A 22 4.82 2.07 3.23
N ARG A 23 4.77 3.28 3.79
CA ARG A 23 5.90 4.24 3.78
C ARG A 23 5.88 5.12 5.06
N GLU A 24 5.24 6.32 5.02
CA GLU A 24 5.38 7.39 6.08
C GLU A 24 4.26 8.46 6.01
N LEU A 25 4.19 9.31 7.05
CA LEU A 25 3.28 10.48 7.04
C LEU A 25 3.78 11.53 6.03
N ASP A 26 5.11 11.69 5.91
CA ASP A 26 5.75 12.68 5.01
C ASP A 26 5.26 12.55 3.56
N GLU A 27 5.24 11.31 3.05
CA GLU A 27 4.75 11.01 1.69
C GLU A 27 3.23 11.21 1.62
N TYR A 28 2.52 10.77 2.69
CA TYR A 28 1.06 10.92 2.81
C TYR A 28 0.60 12.40 2.63
N GLU A 29 1.48 13.32 3.05
CA GLU A 29 1.24 14.77 2.97
C GLU A 29 1.52 15.33 1.55
N GLU A 30 2.63 14.89 0.91
CA GLU A 30 3.05 15.44 -0.41
C GLU A 30 2.28 14.78 -1.59
N LEU A 31 2.21 13.43 -1.61
CA LEU A 31 1.48 12.66 -2.66
C LEU A 31 1.32 11.18 -2.25
N HIS A 32 0.08 10.64 -2.41
CA HIS A 32 -0.19 9.19 -2.22
C HIS A 32 -1.51 8.84 -2.93
N LEU A 33 -1.91 7.55 -2.88
CA LEU A 33 -3.21 7.09 -3.43
C LEU A 33 -4.37 7.42 -2.47
N PRO A 34 -5.54 7.88 -3.00
CA PRO A 34 -6.69 8.27 -2.14
C PRO A 34 -7.38 7.05 -1.47
N ASN A 35 -7.11 5.84 -1.99
CA ASN A 35 -7.64 4.57 -1.43
C ASN A 35 -6.57 3.83 -0.59
N ALA A 36 -5.43 4.51 -0.32
CA ALA A 36 -4.29 3.93 0.41
C ALA A 36 -4.31 4.32 1.89
N THR A 37 -4.32 3.30 2.77
CA THR A 37 -4.28 3.47 4.23
C THR A 37 -2.83 3.79 4.68
N LEU A 38 -2.67 4.90 5.43
CA LEU A 38 -1.38 5.32 6.00
C LEU A 38 -0.92 4.28 7.03
N ILE A 39 0.08 3.47 6.65
CA ILE A 39 0.82 2.56 7.56
C ILE A 39 2.30 2.60 7.15
N SER A 40 3.20 2.57 8.13
CA SER A 40 4.65 2.50 7.84
C SER A 40 5.08 1.02 7.82
N VAL A 41 6.06 0.68 6.96
CA VAL A 41 6.59 -0.70 6.80
C VAL A 41 7.10 -1.32 8.13
N ASN A 42 7.59 -0.46 9.08
CA ASN A 42 8.07 -0.92 10.41
C ASN A 42 6.91 -1.26 11.37
N ASP A 43 5.71 -0.69 11.11
CA ASP A 43 4.51 -0.86 11.96
C ASP A 43 3.92 -2.27 11.75
N GLN A 44 4.48 -3.27 12.44
CA GLN A 44 3.94 -4.65 12.39
C GLN A 44 2.60 -4.71 13.14
N GLU A 45 2.50 -3.97 14.26
CA GLU A 45 1.29 -3.97 15.11
C GLU A 45 0.07 -3.31 14.42
N LYS A 46 0.31 -2.23 13.66
CA LYS A 46 -0.76 -1.47 12.97
C LYS A 46 -1.17 -2.20 11.67
N LEU A 47 -0.18 -2.73 10.97
CA LEU A 47 -0.41 -3.43 9.70
C LEU A 47 -1.22 -4.72 9.95
N ALA A 48 -0.78 -5.46 10.97
CA ALA A 48 -1.43 -6.71 11.40
C ALA A 48 -2.81 -6.43 12.02
N ASP A 49 -2.96 -5.29 12.73
CA ASP A 49 -4.25 -4.81 13.28
C ASP A 49 -5.29 -4.64 12.16
N PHE A 50 -4.88 -3.94 11.10
CA PHE A 50 -5.73 -3.65 9.93
C PHE A 50 -6.19 -4.96 9.24
N LEU A 51 -5.28 -5.94 9.21
CA LEU A 51 -5.52 -7.27 8.63
C LEU A 51 -6.28 -8.19 9.61
N SER A 52 -6.21 -7.87 10.93
CA SER A 52 -6.88 -8.65 11.99
C SER A 52 -8.36 -8.27 12.13
N GLN A 53 -8.73 -7.04 11.66
CA GLN A 53 -10.14 -6.54 11.65
C GLN A 53 -11.06 -7.55 10.91
N HIS A 54 -10.53 -8.00 9.77
CA HIS A 54 -11.08 -8.99 8.87
C HIS A 54 -9.86 -9.51 8.13
N LYS A 55 -9.58 -10.80 8.21
CA LYS A 55 -8.49 -11.43 7.42
C LYS A 55 -8.95 -11.66 5.98
N ASP A 56 -10.21 -12.09 5.82
CA ASP A 56 -10.82 -12.39 4.54
C ASP A 56 -11.29 -11.08 3.84
N LYS A 57 -10.32 -10.39 3.25
CA LYS A 57 -10.53 -9.20 2.40
C LYS A 57 -9.28 -9.03 1.49
N LYS A 58 -9.47 -8.47 0.30
CA LYS A 58 -8.38 -8.34 -0.69
C LYS A 58 -7.68 -6.99 -0.51
N VAL A 59 -6.53 -7.00 0.19
CA VAL A 59 -5.71 -5.79 0.47
C VAL A 59 -4.39 -5.83 -0.29
N LEU A 60 -3.98 -4.66 -0.81
CA LEU A 60 -2.75 -4.48 -1.58
C LEU A 60 -1.82 -3.46 -0.89
N LEU A 61 -0.67 -3.94 -0.39
CA LEU A 61 0.38 -3.08 0.19
C LEU A 61 1.26 -2.52 -0.94
N HIS A 62 1.06 -1.25 -1.32
CA HIS A 62 1.84 -0.63 -2.42
C HIS A 62 3.05 0.15 -1.85
N CYS A 63 4.17 0.12 -2.60
CA CYS A 63 5.43 0.82 -2.22
C CYS A 63 5.89 1.78 -3.33
N ARG A 64 6.75 2.76 -2.92
CA ARG A 64 7.44 3.72 -3.82
C ARG A 64 8.16 2.96 -4.98
N ALA A 65 8.83 1.85 -4.63
CA ALA A 65 9.51 0.96 -5.61
C ALA A 65 8.84 -0.42 -5.63
N GLY A 66 8.90 -1.14 -4.48
CA GLY A 66 8.28 -2.47 -4.36
C GLY A 66 8.78 -3.32 -3.20
N ARG A 67 10.00 -3.03 -2.69
CA ARG A 67 10.63 -3.83 -1.61
C ARG A 67 9.90 -3.66 -0.28
N ARG A 68 9.50 -2.42 0.08
CA ARG A 68 8.78 -2.15 1.35
C ARG A 68 7.38 -2.81 1.34
N ALA A 69 6.83 -2.94 0.13
CA ALA A 69 5.56 -3.66 -0.11
C ALA A 69 5.72 -5.14 0.28
N LEU A 70 6.78 -5.76 -0.28
CA LEU A 70 7.14 -7.16 -0.01
C LEU A 70 7.39 -7.39 1.49
N ASP A 71 8.35 -6.64 2.04
CA ASP A 71 8.90 -6.82 3.41
C ASP A 71 7.80 -6.76 4.48
N ALA A 72 6.94 -5.73 4.36
CA ALA A 72 5.79 -5.55 5.24
C ALA A 72 4.84 -6.77 5.17
N ALA A 73 4.51 -7.17 3.92
CA ALA A 73 3.64 -8.30 3.64
C ALA A 73 4.26 -9.65 4.07
N LYS A 74 5.63 -9.74 4.09
CA LYS A 74 6.34 -10.98 4.50
C LYS A 74 6.03 -11.27 5.95
N SER A 75 6.26 -10.24 6.81
CA SER A 75 6.00 -10.32 8.24
C SER A 75 4.55 -10.74 8.52
N MET A 76 3.60 -10.18 7.75
CA MET A 76 2.17 -10.46 7.89
C MET A 76 1.82 -11.92 7.50
N HIS A 77 2.40 -12.42 6.38
CA HIS A 77 2.25 -13.83 5.96
C HIS A 77 2.80 -14.80 7.03
N GLU A 78 3.85 -14.37 7.72
CA GLU A 78 4.47 -15.14 8.81
C GLU A 78 3.57 -15.13 10.08
N LEU A 79 2.79 -14.04 10.27
CA LEU A 79 1.79 -13.96 11.35
C LEU A 79 0.55 -14.82 11.06
N GLY A 80 0.35 -15.17 9.77
CA GLY A 80 -0.75 -16.05 9.34
C GLY A 80 -1.76 -15.37 8.44
N TYR A 81 -1.46 -14.12 8.03
CA TYR A 81 -2.28 -13.39 7.03
C TYR A 81 -1.81 -13.76 5.61
N THR A 82 -2.54 -13.27 4.60
CA THR A 82 -2.15 -13.40 3.18
C THR A 82 -2.54 -12.12 2.38
N PRO A 83 -1.91 -10.93 2.70
CA PRO A 83 -2.08 -9.71 1.86
C PRO A 83 -1.24 -9.77 0.57
N TYR A 84 -1.71 -9.06 -0.46
CA TYR A 84 -0.95 -8.86 -1.71
C TYR A 84 -0.01 -7.66 -1.53
N TYR A 85 0.88 -7.45 -2.51
CA TYR A 85 1.80 -6.32 -2.48
C TYR A 85 2.11 -5.85 -3.91
N LEU A 86 2.39 -4.55 -4.05
CA LEU A 86 2.54 -3.88 -5.34
C LEU A 86 3.97 -3.39 -5.52
N GLU A 87 4.63 -3.99 -6.52
CA GLU A 87 5.93 -3.56 -7.03
C GLU A 87 5.68 -2.64 -8.23
N GLY A 88 5.71 -1.34 -7.96
CA GLY A 88 5.44 -0.33 -8.96
C GLY A 88 5.79 1.05 -8.45
N ASN A 89 6.08 1.96 -9.39
CA ASN A 89 6.54 3.31 -9.07
C ASN A 89 5.35 4.18 -8.63
N VAL A 90 5.43 4.76 -7.40
CA VAL A 90 4.35 5.61 -6.85
C VAL A 90 4.07 6.83 -7.75
N TYR A 91 5.12 7.36 -8.38
CA TYR A 91 5.04 8.55 -9.23
C TYR A 91 4.40 8.22 -10.60
N ASP A 92 4.47 6.93 -10.99
CA ASP A 92 3.92 6.44 -12.29
C ASP A 92 2.44 6.05 -12.20
N PHE A 93 1.87 5.94 -11.00
CA PHE A 93 0.43 5.57 -10.82
C PHE A 93 -0.51 6.47 -11.66
N GLU A 94 -0.27 7.80 -11.60
CA GLU A 94 -1.07 8.81 -12.34
C GLU A 94 -1.05 8.58 -13.87
N LYS A 95 0.14 8.28 -14.43
CA LYS A 95 0.28 8.08 -15.90
C LYS A 95 -0.22 6.68 -16.33
N TYR A 96 -0.38 5.75 -15.36
CA TYR A 96 -1.05 4.45 -15.57
C TYR A 96 -2.59 4.59 -15.43
N GLY A 97 -3.06 5.72 -14.88
CA GLY A 97 -4.49 6.05 -14.84
C GLY A 97 -5.11 5.93 -13.46
N PHE A 98 -4.27 5.67 -12.47
CA PHE A 98 -4.68 5.56 -11.06
C PHE A 98 -4.41 6.90 -10.38
N ARG A 99 -5.50 7.65 -10.05
CA ARG A 99 -5.38 9.02 -9.55
C ARG A 99 -4.67 9.05 -8.18
N MET A 100 -4.07 10.20 -7.89
CA MET A 100 -3.26 10.42 -6.68
C MET A 100 -3.61 11.79 -6.10
N VAL A 101 -3.64 11.87 -4.76
CA VAL A 101 -3.92 13.12 -4.03
C VAL A 101 -2.60 13.84 -3.69
N TYR A 102 -2.40 14.98 -4.37
CA TYR A 102 -1.20 15.83 -4.24
C TYR A 102 -1.51 17.01 -3.30
N ASP A 103 -0.49 17.41 -2.51
CA ASP A 103 -0.60 18.53 -1.53
C ASP A 103 -1.70 18.21 -0.49
N ASP A 104 -1.78 16.91 -0.12
CA ASP A 104 -2.86 16.36 0.74
C ASP A 104 -2.66 16.72 2.24
N THR A 105 -1.55 17.42 2.53
CA THR A 105 -1.21 17.95 3.87
C THR A 105 -2.29 18.92 4.43
N CYS A 106 -2.38 18.99 5.77
CA CYS A 106 -3.23 19.96 6.49
C CYS A 106 -2.50 21.32 6.59
N ASP A 107 -2.30 21.96 5.42
CA ASP A 107 -1.59 23.24 5.30
C ASP A 107 -2.58 24.37 4.96
N LYS A 108 -2.22 25.60 5.30
CA LYS A 108 -3.05 26.79 5.08
C LYS A 108 -2.19 28.05 4.78
N LYS A 109 -0.87 27.85 4.51
CA LYS A 109 0.04 28.95 4.15
C LYS A 109 -0.24 29.46 2.72
N ASN A 110 -1.24 30.36 2.61
CA ASN A 110 -1.67 30.97 1.33
C ASN A 110 -1.96 32.47 1.59
N MET A 1 6.00 -19.33 -1.20
CA MET A 1 6.00 -18.18 -0.26
C MET A 1 4.98 -17.14 -0.80
N LEU A 2 5.22 -15.82 -0.58
CA LEU A 2 4.30 -14.75 -1.02
C LEU A 2 4.58 -14.27 -2.46
N GLU A 3 5.52 -14.92 -3.17
CA GLU A 3 5.94 -14.47 -4.53
C GLU A 3 4.77 -14.48 -5.55
N ASP A 4 3.79 -15.39 -5.35
CA ASP A 4 2.54 -15.46 -6.16
C ASP A 4 1.63 -14.23 -5.92
N TYR A 5 1.71 -13.66 -4.70
CA TYR A 5 0.88 -12.49 -4.27
C TYR A 5 1.49 -11.16 -4.77
N ALA A 6 2.58 -11.25 -5.55
CA ALA A 6 3.19 -10.09 -6.23
C ALA A 6 2.27 -9.62 -7.35
N ILE A 7 1.88 -8.34 -7.31
CA ILE A 7 1.09 -7.69 -8.37
C ILE A 7 1.95 -6.55 -8.95
N SER A 8 2.03 -6.49 -10.28
CA SER A 8 2.73 -5.42 -11.00
C SER A 8 1.76 -4.26 -11.30
N LEU A 9 2.31 -3.04 -11.44
CA LEU A 9 1.54 -1.83 -11.78
C LEU A 9 0.81 -1.96 -13.15
N GLU A 10 1.43 -2.72 -14.06
CA GLU A 10 0.91 -2.95 -15.43
C GLU A 10 -0.32 -3.88 -15.45
N GLU A 11 -0.57 -4.60 -14.35
CA GLU A 11 -1.66 -5.59 -14.25
C GLU A 11 -2.59 -5.31 -13.04
N VAL A 12 -2.39 -4.17 -12.36
CA VAL A 12 -3.10 -3.88 -11.09
C VAL A 12 -4.45 -3.16 -11.33
N ASN A 13 -5.40 -3.37 -10.40
CA ASN A 13 -6.62 -2.58 -10.27
C ASN A 13 -6.69 -2.07 -8.81
N PHE A 14 -6.13 -0.87 -8.53
CA PHE A 14 -6.12 -0.29 -7.16
C PHE A 14 -7.55 -0.13 -6.61
N ASN A 15 -8.47 0.23 -7.51
CA ASN A 15 -9.91 0.40 -7.21
C ASN A 15 -10.58 -0.93 -6.78
N ASP A 16 -9.95 -2.08 -7.11
CA ASP A 16 -10.49 -3.42 -6.78
C ASP A 16 -10.11 -3.85 -5.35
N PHE A 17 -8.98 -3.35 -4.83
CA PHE A 17 -8.46 -3.77 -3.51
C PHE A 17 -8.54 -2.59 -2.53
N ILE A 18 -8.57 -2.89 -1.22
CA ILE A 18 -8.33 -1.89 -0.17
C ILE A 18 -6.81 -1.72 -0.05
N VAL A 19 -6.31 -0.62 -0.61
CA VAL A 19 -4.87 -0.39 -0.79
C VAL A 19 -4.29 0.19 0.51
N VAL A 20 -3.00 -0.06 0.74
CA VAL A 20 -2.23 0.45 1.89
C VAL A 20 -0.94 1.07 1.36
N ASP A 21 -0.64 2.31 1.77
CA ASP A 21 0.63 2.94 1.46
C ASP A 21 1.62 2.60 2.60
N VAL A 22 2.56 1.70 2.31
CA VAL A 22 3.57 1.25 3.31
C VAL A 22 4.84 2.13 3.23
N ARG A 23 4.78 3.32 3.88
CA ARG A 23 5.91 4.28 3.92
C ARG A 23 5.90 5.11 5.23
N GLU A 24 5.20 6.28 5.27
CA GLU A 24 5.31 7.27 6.39
C GLU A 24 4.23 8.38 6.27
N LEU A 25 3.90 9.05 7.39
CA LEU A 25 2.96 10.20 7.39
C LEU A 25 3.43 11.34 6.45
N ASP A 26 4.75 11.52 6.35
CA ASP A 26 5.37 12.59 5.53
C ASP A 26 4.94 12.50 4.04
N GLU A 27 4.96 11.27 3.48
CA GLU A 27 4.51 11.04 2.09
C GLU A 27 3.00 11.16 1.97
N TYR A 28 2.27 10.66 2.98
CA TYR A 28 0.79 10.74 3.04
C TYR A 28 0.31 12.20 2.83
N GLU A 29 1.12 13.14 3.32
CA GLU A 29 0.87 14.58 3.21
C GLU A 29 1.19 15.12 1.79
N GLU A 30 2.40 14.79 1.25
CA GLU A 30 2.88 15.36 -0.04
C GLU A 30 2.26 14.66 -1.28
N LEU A 31 2.21 13.30 -1.28
CA LEU A 31 1.59 12.50 -2.37
C LEU A 31 1.31 11.04 -1.94
N HIS A 32 0.15 10.51 -2.35
CA HIS A 32 -0.22 9.10 -2.13
C HIS A 32 -1.54 8.78 -2.88
N LEU A 33 -1.91 7.50 -2.94
CA LEU A 33 -3.17 7.04 -3.60
C LEU A 33 -4.42 7.38 -2.75
N PRO A 34 -5.59 7.72 -3.38
CA PRO A 34 -6.85 8.01 -2.66
C PRO A 34 -7.40 6.76 -1.93
N ASN A 35 -7.08 5.56 -2.48
CA ASN A 35 -7.54 4.26 -1.95
C ASN A 35 -6.52 3.65 -0.96
N ALA A 36 -5.44 4.39 -0.65
CA ALA A 36 -4.32 3.90 0.19
C ALA A 36 -4.49 4.32 1.66
N THR A 37 -4.43 3.32 2.55
CA THR A 37 -4.47 3.49 4.02
C THR A 37 -3.04 3.76 4.52
N LEU A 38 -2.86 4.81 5.34
CA LEU A 38 -1.55 5.16 5.91
C LEU A 38 -1.12 4.11 6.96
N ILE A 39 -0.10 3.32 6.59
CA ILE A 39 0.63 2.43 7.51
C ILE A 39 2.12 2.52 7.17
N SER A 40 2.97 2.66 8.17
CA SER A 40 4.41 2.65 7.99
C SER A 40 4.88 1.18 7.99
N VAL A 41 5.74 0.85 6.99
CA VAL A 41 6.29 -0.52 6.79
C VAL A 41 6.89 -1.13 8.10
N ASN A 42 7.47 -0.25 8.94
CA ASN A 42 8.14 -0.62 10.20
C ASN A 42 7.15 -1.04 11.31
N ASP A 43 5.91 -0.53 11.26
CA ASP A 43 4.87 -0.84 12.27
C ASP A 43 4.17 -2.16 11.90
N GLN A 44 4.76 -3.28 12.38
CA GLN A 44 4.19 -4.62 12.22
C GLN A 44 2.84 -4.74 12.94
N GLU A 45 2.75 -4.16 14.15
CA GLU A 45 1.53 -4.24 14.99
C GLU A 45 0.34 -3.46 14.38
N LYS A 46 0.64 -2.34 13.70
CA LYS A 46 -0.39 -1.54 12.99
C LYS A 46 -0.87 -2.28 11.74
N LEU A 47 0.07 -2.87 11.02
CA LEU A 47 -0.21 -3.55 9.75
C LEU A 47 -1.06 -4.82 9.99
N ALA A 48 -0.65 -5.57 11.03
CA ALA A 48 -1.31 -6.81 11.46
C ALA A 48 -2.71 -6.50 12.06
N ASP A 49 -2.81 -5.35 12.76
CA ASP A 49 -4.09 -4.81 13.30
C ASP A 49 -5.09 -4.59 12.15
N PHE A 50 -4.62 -3.89 11.11
CA PHE A 50 -5.43 -3.54 9.93
C PHE A 50 -5.97 -4.80 9.24
N LEU A 51 -5.13 -5.82 9.14
CA LEU A 51 -5.49 -7.10 8.53
C LEU A 51 -6.53 -7.84 9.39
N SER A 52 -6.33 -7.82 10.71
CA SER A 52 -7.20 -8.50 11.70
C SER A 52 -8.57 -7.81 11.85
N GLN A 53 -8.74 -6.62 11.25
CA GLN A 53 -10.04 -5.94 11.15
C GLN A 53 -11.08 -6.83 10.41
N HIS A 54 -10.62 -7.47 9.30
CA HIS A 54 -11.50 -8.26 8.42
C HIS A 54 -10.61 -9.18 7.55
N LYS A 55 -9.83 -10.09 8.18
CA LYS A 55 -8.74 -10.88 7.50
C LYS A 55 -9.09 -11.39 6.08
N ASP A 56 -10.34 -11.84 5.90
CA ASP A 56 -10.85 -12.24 4.57
C ASP A 56 -11.43 -10.97 3.85
N LYS A 57 -10.53 -9.99 3.61
CA LYS A 57 -10.79 -8.82 2.76
C LYS A 57 -9.50 -8.55 1.97
N LYS A 58 -9.64 -8.21 0.69
CA LYS A 58 -8.52 -8.13 -0.26
C LYS A 58 -7.75 -6.81 -0.08
N VAL A 59 -6.49 -6.93 0.38
CA VAL A 59 -5.62 -5.79 0.70
C VAL A 59 -4.40 -5.78 -0.24
N LEU A 60 -3.99 -4.57 -0.66
CA LEU A 60 -2.80 -4.39 -1.51
C LEU A 60 -1.83 -3.37 -0.89
N LEU A 61 -0.72 -3.86 -0.34
CA LEU A 61 0.36 -3.03 0.20
C LEU A 61 1.19 -2.47 -0.97
N HIS A 62 0.94 -1.23 -1.39
CA HIS A 62 1.70 -0.60 -2.49
C HIS A 62 2.90 0.17 -1.93
N CYS A 63 4.02 0.17 -2.67
CA CYS A 63 5.27 0.86 -2.26
C CYS A 63 5.70 1.94 -3.25
N ARG A 64 6.57 2.86 -2.74
CA ARG A 64 7.31 3.86 -3.54
C ARG A 64 7.97 3.19 -4.77
N ALA A 65 8.56 2.00 -4.59
CA ALA A 65 9.24 1.25 -5.68
C ALA A 65 8.71 -0.20 -5.74
N GLY A 66 8.71 -0.90 -4.58
CA GLY A 66 8.16 -2.26 -4.50
C GLY A 66 8.70 -3.09 -3.34
N ARG A 67 9.89 -2.73 -2.83
CA ARG A 67 10.56 -3.47 -1.74
C ARG A 67 9.81 -3.32 -0.40
N ARG A 68 9.36 -2.09 -0.07
CA ARG A 68 8.62 -1.85 1.20
C ARG A 68 7.28 -2.64 1.21
N ALA A 69 6.72 -2.80 0.00
CA ALA A 69 5.48 -3.58 -0.22
C ALA A 69 5.71 -5.05 0.14
N LEU A 70 6.78 -5.60 -0.47
CA LEU A 70 7.24 -6.97 -0.25
C LEU A 70 7.52 -7.22 1.25
N ASP A 71 8.44 -6.43 1.80
CA ASP A 71 9.00 -6.56 3.17
C ASP A 71 7.90 -6.61 4.25
N ALA A 72 6.98 -5.64 4.17
CA ALA A 72 5.83 -5.53 5.07
C ALA A 72 4.94 -6.78 4.98
N ALA A 73 4.62 -7.17 3.74
CA ALA A 73 3.76 -8.33 3.47
C ALA A 73 4.45 -9.65 3.89
N LYS A 74 5.80 -9.72 3.84
CA LYS A 74 6.56 -10.93 4.25
C LYS A 74 6.29 -11.21 5.72
N SER A 75 6.50 -10.17 6.54
CA SER A 75 6.29 -10.22 8.01
C SER A 75 4.88 -10.76 8.34
N MET A 76 3.87 -10.26 7.61
CA MET A 76 2.45 -10.65 7.79
C MET A 76 2.18 -12.10 7.36
N HIS A 77 2.76 -12.52 6.23
CA HIS A 77 2.65 -13.91 5.71
C HIS A 77 3.28 -14.93 6.69
N GLU A 78 4.26 -14.48 7.49
CA GLU A 78 4.90 -15.30 8.55
C GLU A 78 3.99 -15.40 9.79
N LEU A 79 3.21 -14.32 10.06
CA LEU A 79 2.22 -14.27 11.17
C LEU A 79 0.95 -15.09 10.84
N GLY A 80 0.77 -15.41 9.54
CA GLY A 80 -0.33 -16.26 9.08
C GLY A 80 -1.33 -15.54 8.19
N TYR A 81 -1.15 -14.22 8.02
CA TYR A 81 -1.99 -13.41 7.09
C TYR A 81 -1.55 -13.68 5.64
N THR A 82 -2.33 -13.18 4.66
CA THR A 82 -1.97 -13.25 3.23
C THR A 82 -2.38 -11.93 2.51
N PRO A 83 -1.73 -10.77 2.83
CA PRO A 83 -1.91 -9.52 2.06
C PRO A 83 -1.10 -9.55 0.73
N TYR A 84 -1.67 -8.96 -0.31
CA TYR A 84 -0.99 -8.76 -1.60
C TYR A 84 -0.08 -7.53 -1.49
N TYR A 85 0.79 -7.34 -2.48
CA TYR A 85 1.74 -6.23 -2.50
C TYR A 85 2.03 -5.79 -3.93
N LEU A 86 2.15 -4.46 -4.11
CA LEU A 86 2.32 -3.83 -5.42
C LEU A 86 3.77 -3.37 -5.57
N GLU A 87 4.45 -4.01 -6.54
CA GLU A 87 5.79 -3.64 -6.98
C GLU A 87 5.68 -2.77 -8.24
N GLY A 88 5.84 -1.46 -8.03
CA GLY A 88 5.73 -0.44 -9.07
C GLY A 88 5.90 0.94 -8.44
N ASN A 89 6.44 1.90 -9.21
CA ASN A 89 6.77 3.24 -8.69
C ASN A 89 5.50 4.04 -8.38
N VAL A 90 5.47 4.64 -7.18
CA VAL A 90 4.31 5.41 -6.67
C VAL A 90 3.95 6.58 -7.62
N TYR A 91 4.98 7.21 -8.19
CA TYR A 91 4.82 8.37 -9.11
C TYR A 91 4.32 7.90 -10.48
N ASP A 92 4.65 6.64 -10.83
CA ASP A 92 4.27 6.03 -12.11
C ASP A 92 2.79 5.59 -12.14
N PHE A 93 2.16 5.47 -10.97
CA PHE A 93 0.70 5.19 -10.88
C PHE A 93 -0.12 6.25 -11.65
N GLU A 94 0.24 7.51 -11.40
CA GLU A 94 -0.46 8.70 -11.92
C GLU A 94 -0.43 8.70 -13.47
N LYS A 95 0.76 8.48 -14.03
CA LYS A 95 0.96 8.43 -15.50
C LYS A 95 0.38 7.15 -16.12
N TYR A 96 0.27 6.06 -15.33
CA TYR A 96 -0.41 4.80 -15.76
C TYR A 96 -1.95 4.96 -15.67
N GLY A 97 -2.43 6.09 -15.11
CA GLY A 97 -3.84 6.47 -15.17
C GLY A 97 -4.52 6.40 -13.82
N PHE A 98 -3.92 5.65 -12.89
CA PHE A 98 -4.42 5.49 -11.52
C PHE A 98 -4.16 6.81 -10.77
N ARG A 99 -5.23 7.63 -10.61
CA ARG A 99 -5.12 9.00 -10.09
C ARG A 99 -4.54 9.03 -8.68
N MET A 100 -3.94 10.18 -8.33
CA MET A 100 -3.18 10.35 -7.08
C MET A 100 -3.49 11.70 -6.46
N VAL A 101 -3.41 11.73 -5.12
CA VAL A 101 -3.74 12.88 -4.30
C VAL A 101 -2.44 13.56 -3.81
N TYR A 102 -2.09 14.66 -4.48
CA TYR A 102 -0.94 15.52 -4.13
C TYR A 102 -1.42 16.66 -3.22
N ASP A 103 -0.54 17.11 -2.30
CA ASP A 103 -0.87 18.17 -1.30
C ASP A 103 -2.06 17.74 -0.43
N ASP A 104 -2.13 16.43 -0.13
CA ASP A 104 -3.21 15.79 0.67
C ASP A 104 -3.32 16.41 2.06
N THR A 105 -2.15 16.87 2.56
CA THR A 105 -1.97 17.52 3.87
C THR A 105 -3.11 18.49 4.25
N CYS A 106 -3.46 19.39 3.32
CA CYS A 106 -4.44 20.46 3.52
C CYS A 106 -4.86 21.03 2.16
N ASP A 107 -3.86 21.51 1.41
CA ASP A 107 -4.01 22.22 0.12
C ASP A 107 -2.63 22.60 -0.42
N LYS A 108 -1.74 22.98 0.51
CA LYS A 108 -0.37 23.41 0.19
C LYS A 108 0.54 23.20 1.41
N LYS A 109 0.06 23.74 2.55
CA LYS A 109 0.74 23.68 3.86
C LYS A 109 1.99 24.60 3.88
N ASN A 110 2.66 24.68 5.04
CA ASN A 110 3.92 25.43 5.20
C ASN A 110 4.77 24.80 6.33
N MET A 1 4.58 -18.96 -0.15
CA MET A 1 4.88 -18.35 -1.46
C MET A 1 4.04 -17.06 -1.66
N LEU A 2 4.53 -15.95 -1.10
CA LEU A 2 3.87 -14.62 -1.25
C LEU A 2 4.34 -13.90 -2.52
N GLU A 3 5.44 -14.39 -3.11
CA GLU A 3 5.95 -13.88 -4.42
C GLU A 3 4.92 -14.13 -5.55
N ASP A 4 3.94 -15.01 -5.27
CA ASP A 4 2.73 -15.20 -6.09
C ASP A 4 1.83 -13.93 -6.01
N TYR A 5 1.75 -13.34 -4.81
CA TYR A 5 0.94 -12.13 -4.51
C TYR A 5 1.62 -10.83 -5.01
N ALA A 6 2.78 -10.98 -5.71
CA ALA A 6 3.52 -9.85 -6.30
C ALA A 6 2.78 -9.29 -7.52
N ILE A 7 1.91 -8.30 -7.29
CA ILE A 7 1.15 -7.63 -8.35
C ILE A 7 2.01 -6.49 -8.94
N SER A 8 2.16 -6.47 -10.27
CA SER A 8 2.92 -5.44 -11.00
C SER A 8 2.03 -4.23 -11.32
N LEU A 9 2.65 -3.06 -11.47
CA LEU A 9 1.94 -1.79 -11.69
C LEU A 9 1.21 -1.75 -13.07
N GLU A 10 1.72 -2.53 -14.02
CA GLU A 10 1.11 -2.64 -15.37
C GLU A 10 -0.22 -3.43 -15.33
N GLU A 11 -0.33 -4.42 -14.42
CA GLU A 11 -1.48 -5.35 -14.36
C GLU A 11 -2.45 -5.00 -13.22
N VAL A 12 -2.04 -4.06 -12.33
CA VAL A 12 -2.77 -3.78 -11.08
C VAL A 12 -4.12 -3.07 -11.34
N ASN A 13 -5.09 -3.33 -10.44
CA ASN A 13 -6.37 -2.61 -10.39
C ASN A 13 -6.58 -2.12 -8.94
N PHE A 14 -6.08 -0.90 -8.63
CA PHE A 14 -6.09 -0.34 -7.26
C PHE A 14 -7.53 -0.26 -6.68
N ASN A 15 -8.50 0.07 -7.54
CA ASN A 15 -9.92 0.22 -7.12
C ASN A 15 -10.55 -1.14 -6.73
N ASP A 16 -9.97 -2.23 -7.26
CA ASP A 16 -10.45 -3.61 -7.01
C ASP A 16 -10.04 -4.09 -5.61
N PHE A 17 -8.93 -3.52 -5.06
CA PHE A 17 -8.38 -3.93 -3.75
C PHE A 17 -8.47 -2.75 -2.75
N ILE A 18 -8.46 -3.03 -1.45
CA ILE A 18 -8.27 -2.01 -0.41
C ILE A 18 -6.76 -1.74 -0.31
N VAL A 19 -6.31 -0.61 -0.86
CA VAL A 19 -4.89 -0.32 -0.98
C VAL A 19 -4.37 0.23 0.35
N VAL A 20 -3.07 0.02 0.63
CA VAL A 20 -2.39 0.55 1.82
C VAL A 20 -1.06 1.17 1.39
N ASP A 21 -0.86 2.44 1.76
CA ASP A 21 0.42 3.14 1.55
C ASP A 21 1.40 2.65 2.62
N VAL A 22 2.33 1.73 2.26
CA VAL A 22 3.33 1.19 3.24
C VAL A 22 4.62 2.01 3.15
N ARG A 23 4.59 3.18 3.80
CA ARG A 23 5.70 4.14 3.77
C ARG A 23 5.75 4.89 5.11
N GLU A 24 5.11 6.09 5.18
CA GLU A 24 5.22 6.99 6.36
C GLU A 24 4.20 8.14 6.20
N LEU A 25 3.88 8.85 7.31
CA LEU A 25 3.04 10.06 7.31
C LEU A 25 3.51 11.09 6.27
N ASP A 26 4.80 11.47 6.36
CA ASP A 26 5.42 12.47 5.46
C ASP A 26 5.30 12.07 3.98
N GLU A 27 5.47 10.76 3.71
CA GLU A 27 5.32 10.15 2.37
C GLU A 27 3.85 10.26 1.87
N TYR A 28 2.90 10.07 2.78
CA TYR A 28 1.45 10.18 2.53
C TYR A 28 1.08 11.64 2.17
N GLU A 29 1.72 12.60 2.87
CA GLU A 29 1.41 14.04 2.79
C GLU A 29 1.74 14.62 1.41
N GLU A 30 2.97 14.32 0.92
CA GLU A 30 3.45 14.79 -0.39
C GLU A 30 2.55 14.26 -1.54
N LEU A 31 2.28 12.95 -1.54
CA LEU A 31 1.41 12.29 -2.55
C LEU A 31 1.09 10.85 -2.11
N HIS A 32 -0.07 10.34 -2.54
CA HIS A 32 -0.51 8.94 -2.26
C HIS A 32 -1.77 8.63 -3.07
N LEU A 33 -2.22 7.37 -3.03
CA LEU A 33 -3.48 6.94 -3.67
C LEU A 33 -4.68 7.26 -2.76
N PRO A 34 -5.85 7.65 -3.34
CA PRO A 34 -7.07 7.97 -2.54
C PRO A 34 -7.72 6.71 -1.92
N ASN A 35 -7.29 5.53 -2.40
CA ASN A 35 -7.75 4.20 -1.92
C ASN A 35 -6.72 3.59 -0.94
N ALA A 36 -5.62 4.34 -0.69
CA ALA A 36 -4.50 3.89 0.16
C ALA A 36 -4.67 4.30 1.63
N THR A 37 -4.64 3.30 2.53
CA THR A 37 -4.65 3.51 3.99
C THR A 37 -3.21 3.79 4.46
N LEU A 38 -3.03 4.85 5.24
CA LEU A 38 -1.71 5.23 5.78
C LEU A 38 -1.26 4.25 6.88
N ILE A 39 -0.27 3.41 6.53
CA ILE A 39 0.44 2.51 7.48
C ILE A 39 1.94 2.52 7.14
N SER A 40 2.78 2.62 8.16
CA SER A 40 4.24 2.56 7.96
C SER A 40 4.70 1.10 7.91
N VAL A 41 5.55 0.80 6.92
CA VAL A 41 6.16 -0.54 6.71
C VAL A 41 6.87 -1.10 7.97
N ASN A 42 7.41 -0.19 8.80
CA ASN A 42 8.14 -0.54 10.03
C ASN A 42 7.20 -0.93 11.19
N ASP A 43 5.91 -0.56 11.06
CA ASP A 43 4.88 -0.88 12.06
C ASP A 43 4.14 -2.17 11.64
N GLN A 44 4.78 -3.31 11.94
CA GLN A 44 4.19 -4.64 11.77
C GLN A 44 2.93 -4.82 12.63
N GLU A 45 2.84 -4.08 13.75
CA GLU A 45 1.67 -4.13 14.65
C GLU A 45 0.44 -3.43 14.03
N LYS A 46 0.68 -2.37 13.23
CA LYS A 46 -0.40 -1.63 12.54
C LYS A 46 -0.88 -2.41 11.30
N LEU A 47 0.09 -3.00 10.58
CA LEU A 47 -0.17 -3.91 9.47
C LEU A 47 -1.02 -5.11 9.92
N ALA A 48 -0.61 -5.72 11.05
CA ALA A 48 -1.27 -6.87 11.66
C ALA A 48 -2.67 -6.50 12.15
N ASP A 49 -2.80 -5.30 12.77
CA ASP A 49 -4.06 -4.77 13.32
C ASP A 49 -5.11 -4.57 12.20
N PHE A 50 -4.66 -4.00 11.06
CA PHE A 50 -5.53 -3.72 9.91
C PHE A 50 -6.11 -5.04 9.35
N LEU A 51 -5.24 -6.06 9.36
CA LEU A 51 -5.57 -7.42 8.93
C LEU A 51 -6.31 -8.21 10.03
N SER A 52 -6.24 -7.77 11.30
CA SER A 52 -7.02 -8.37 12.40
C SER A 52 -8.48 -7.85 12.42
N GLN A 53 -8.71 -6.66 11.80
CA GLN A 53 -10.07 -6.10 11.64
C GLN A 53 -10.94 -7.00 10.73
N HIS A 54 -10.24 -7.72 9.84
CA HIS A 54 -10.76 -8.70 8.90
C HIS A 54 -9.53 -9.36 8.30
N LYS A 55 -9.31 -10.66 8.56
CA LYS A 55 -8.17 -11.38 7.98
C LYS A 55 -8.39 -11.62 6.50
N ASP A 56 -9.59 -12.08 6.15
CA ASP A 56 -9.99 -12.32 4.77
C ASP A 56 -10.60 -11.04 4.16
N LYS A 57 -9.74 -10.24 3.53
CA LYS A 57 -10.14 -9.16 2.60
C LYS A 57 -8.94 -8.82 1.70
N LYS A 58 -9.23 -8.37 0.48
CA LYS A 58 -8.22 -8.19 -0.56
C LYS A 58 -7.51 -6.85 -0.39
N VAL A 59 -6.37 -6.88 0.31
CA VAL A 59 -5.55 -5.68 0.58
C VAL A 59 -4.26 -5.72 -0.21
N LEU A 60 -3.91 -4.56 -0.78
CA LEU A 60 -2.71 -4.38 -1.61
C LEU A 60 -1.77 -3.36 -0.96
N LEU A 61 -0.66 -3.85 -0.38
CA LEU A 61 0.37 -2.99 0.23
C LEU A 61 1.22 -2.36 -0.90
N HIS A 62 0.91 -1.11 -1.29
CA HIS A 62 1.64 -0.44 -2.40
C HIS A 62 2.86 0.32 -1.84
N CYS A 63 4.01 0.21 -2.55
CA CYS A 63 5.29 0.81 -2.12
C CYS A 63 5.77 1.90 -3.08
N ARG A 64 6.64 2.78 -2.54
CA ARG A 64 7.39 3.81 -3.29
C ARG A 64 8.08 3.23 -4.55
N ALA A 65 8.64 2.00 -4.42
CA ALA A 65 9.30 1.29 -5.53
C ALA A 65 8.84 -0.19 -5.61
N GLY A 66 8.87 -0.91 -4.47
CA GLY A 66 8.36 -2.29 -4.42
C GLY A 66 8.83 -3.12 -3.24
N ARG A 67 10.06 -2.85 -2.75
CA ARG A 67 10.66 -3.60 -1.63
C ARG A 67 9.84 -3.47 -0.34
N ARG A 68 9.41 -2.25 0.03
CA ARG A 68 8.64 -2.01 1.29
C ARG A 68 7.28 -2.74 1.25
N ALA A 69 6.77 -2.92 0.03
CA ALA A 69 5.55 -3.70 -0.23
C ALA A 69 5.77 -5.18 0.14
N LEU A 70 6.83 -5.77 -0.45
CA LEU A 70 7.25 -7.16 -0.19
C LEU A 70 7.52 -7.38 1.30
N ASP A 71 8.48 -6.60 1.83
CA ASP A 71 8.99 -6.68 3.22
C ASP A 71 7.85 -6.68 4.26
N ALA A 72 6.94 -5.69 4.12
CA ALA A 72 5.74 -5.58 4.96
C ALA A 72 4.89 -6.85 4.86
N ALA A 73 4.58 -7.25 3.62
CA ALA A 73 3.72 -8.42 3.34
C ALA A 73 4.33 -9.73 3.86
N LYS A 74 5.70 -9.84 3.85
CA LYS A 74 6.39 -11.06 4.33
C LYS A 74 6.06 -11.26 5.80
N SER A 75 6.31 -10.20 6.59
CA SER A 75 6.08 -10.17 8.04
C SER A 75 4.64 -10.60 8.40
N MET A 76 3.67 -10.10 7.63
CA MET A 76 2.24 -10.40 7.81
C MET A 76 1.93 -11.88 7.50
N HIS A 77 2.53 -12.41 6.41
CA HIS A 77 2.39 -13.83 6.01
C HIS A 77 3.02 -14.77 7.07
N GLU A 78 4.07 -14.27 7.78
CA GLU A 78 4.75 -15.02 8.86
C GLU A 78 3.89 -15.04 10.14
N LEU A 79 3.03 -14.02 10.31
CA LEU A 79 2.04 -13.97 11.42
C LEU A 79 0.81 -14.84 11.10
N GLY A 80 0.61 -15.18 9.81
CA GLY A 80 -0.48 -16.07 9.38
C GLY A 80 -1.53 -15.36 8.53
N TYR A 81 -1.31 -14.07 8.22
CA TYR A 81 -2.19 -13.30 7.31
C TYR A 81 -1.74 -13.55 5.85
N THR A 82 -2.51 -13.04 4.87
CA THR A 82 -2.15 -13.15 3.43
C THR A 82 -2.57 -11.88 2.65
N PRO A 83 -1.92 -10.70 2.90
CA PRO A 83 -2.07 -9.50 2.04
C PRO A 83 -1.26 -9.61 0.72
N TYR A 84 -1.73 -8.90 -0.29
CA TYR A 84 -1.00 -8.72 -1.57
C TYR A 84 -0.08 -7.51 -1.43
N TYR A 85 0.72 -7.25 -2.46
CA TYR A 85 1.65 -6.11 -2.46
C TYR A 85 1.98 -5.67 -3.89
N LEU A 86 2.19 -4.35 -4.07
CA LEU A 86 2.38 -3.71 -5.37
C LEU A 86 3.83 -3.23 -5.49
N GLU A 87 4.52 -3.79 -6.50
CA GLU A 87 5.86 -3.39 -6.91
C GLU A 87 5.74 -2.46 -8.13
N GLY A 88 5.88 -1.15 -7.87
CA GLY A 88 5.81 -0.11 -8.89
C GLY A 88 6.08 1.26 -8.29
N ASN A 89 6.58 2.20 -9.11
CA ASN A 89 6.93 3.56 -8.65
C ASN A 89 5.67 4.34 -8.26
N VAL A 90 5.69 4.93 -7.04
CA VAL A 90 4.52 5.60 -6.44
C VAL A 90 4.06 6.83 -7.27
N TYR A 91 5.01 7.52 -7.91
CA TYR A 91 4.71 8.70 -8.76
C TYR A 91 4.14 8.28 -10.13
N ASP A 92 4.45 7.04 -10.55
CA ASP A 92 4.05 6.49 -11.86
C ASP A 92 2.59 6.05 -11.90
N PHE A 93 1.94 5.91 -10.74
CA PHE A 93 0.52 5.48 -10.67
C PHE A 93 -0.37 6.41 -11.51
N GLU A 94 -0.10 7.72 -11.40
CA GLU A 94 -0.87 8.78 -12.07
C GLU A 94 -0.77 8.64 -13.62
N LYS A 95 0.47 8.44 -14.13
CA LYS A 95 0.73 8.33 -15.58
C LYS A 95 0.35 6.93 -16.13
N TYR A 96 0.13 5.95 -15.22
CA TYR A 96 -0.45 4.63 -15.58
C TYR A 96 -2.00 4.73 -15.65
N GLY A 97 -2.57 5.81 -15.07
CA GLY A 97 -4.01 6.12 -15.22
C GLY A 97 -4.76 6.17 -13.90
N PHE A 98 -4.09 5.76 -12.82
CA PHE A 98 -4.65 5.69 -11.46
C PHE A 98 -4.45 7.04 -10.78
N ARG A 99 -5.55 7.79 -10.53
CA ARG A 99 -5.48 9.15 -9.95
C ARG A 99 -4.86 9.11 -8.54
N MET A 100 -4.28 10.23 -8.15
CA MET A 100 -3.50 10.36 -6.92
C MET A 100 -3.80 11.71 -6.26
N VAL A 101 -3.75 11.73 -4.92
CA VAL A 101 -3.96 12.95 -4.14
C VAL A 101 -2.59 13.58 -3.80
N TYR A 102 -2.37 14.80 -4.30
CA TYR A 102 -1.12 15.56 -4.11
C TYR A 102 -1.33 16.69 -3.09
N ASP A 103 -0.29 16.97 -2.27
CA ASP A 103 -0.27 18.08 -1.29
C ASP A 103 -1.40 17.91 -0.24
N ASP A 104 -1.74 16.64 0.02
CA ASP A 104 -2.87 16.23 0.87
C ASP A 104 -2.64 16.63 2.33
N THR A 105 -1.42 16.35 2.79
CA THR A 105 -0.95 16.57 4.16
C THR A 105 -1.82 15.88 5.24
N CYS A 106 -2.96 16.49 5.60
CA CYS A 106 -3.84 16.01 6.68
C CYS A 106 -5.24 15.72 6.13
N ASP A 107 -5.31 15.49 4.79
CA ASP A 107 -6.58 15.44 4.00
C ASP A 107 -7.22 16.84 3.95
N LYS A 108 -8.02 17.12 2.89
CA LYS A 108 -8.71 18.41 2.69
C LYS A 108 -7.65 19.49 2.36
N LYS A 109 -6.66 19.08 1.53
CA LYS A 109 -5.59 19.94 0.98
C LYS A 109 -4.65 20.42 2.10
N ASN A 110 -3.94 21.55 1.88
CA ASN A 110 -3.09 22.18 2.91
C ASN A 110 -3.41 23.69 3.01
N MET A 1 4.71 -19.05 0.37
CA MET A 1 5.08 -18.40 -0.90
C MET A 1 4.20 -17.16 -1.15
N LEU A 2 4.69 -15.97 -0.76
CA LEU A 2 4.00 -14.70 -1.05
C LEU A 2 4.38 -14.14 -2.43
N GLU A 3 5.37 -14.76 -3.09
CA GLU A 3 5.88 -14.34 -4.41
C GLU A 3 4.75 -14.31 -5.48
N ASP A 4 3.73 -15.16 -5.27
CA ASP A 4 2.51 -15.24 -6.10
C ASP A 4 1.66 -13.95 -5.99
N TYR A 5 1.74 -13.30 -4.82
CA TYR A 5 0.99 -12.07 -4.47
C TYR A 5 1.70 -10.80 -5.00
N ALA A 6 2.85 -10.98 -5.69
CA ALA A 6 3.59 -9.87 -6.32
C ALA A 6 2.82 -9.36 -7.55
N ILE A 7 2.14 -8.22 -7.38
CA ILE A 7 1.38 -7.56 -8.45
C ILE A 7 2.24 -6.42 -9.04
N SER A 8 2.23 -6.28 -10.37
CA SER A 8 3.02 -5.26 -11.09
C SER A 8 2.11 -4.08 -11.50
N LEU A 9 2.70 -2.86 -11.56
CA LEU A 9 1.98 -1.61 -11.92
C LEU A 9 1.37 -1.68 -13.34
N GLU A 10 2.06 -2.38 -14.24
CA GLU A 10 1.67 -2.57 -15.65
C GLU A 10 0.35 -3.38 -15.81
N GLU A 11 -0.12 -4.02 -14.72
CA GLU A 11 -1.29 -4.93 -14.75
C GLU A 11 -2.19 -4.78 -13.49
N VAL A 12 -1.88 -3.80 -12.62
CA VAL A 12 -2.60 -3.60 -11.35
C VAL A 12 -3.95 -2.89 -11.56
N ASN A 13 -4.89 -3.13 -10.65
CA ASN A 13 -6.19 -2.44 -10.58
C ASN A 13 -6.43 -2.06 -9.11
N PHE A 14 -5.92 -0.89 -8.68
CA PHE A 14 -5.98 -0.45 -7.25
C PHE A 14 -7.42 -0.41 -6.71
N ASN A 15 -8.36 -0.03 -7.59
CA ASN A 15 -9.81 0.02 -7.30
C ASN A 15 -10.38 -1.36 -6.88
N ASP A 16 -9.73 -2.43 -7.36
CA ASP A 16 -10.15 -3.83 -7.14
C ASP A 16 -9.85 -4.29 -5.70
N PHE A 17 -8.76 -3.76 -5.10
CA PHE A 17 -8.27 -4.19 -3.76
C PHE A 17 -8.44 -3.04 -2.75
N ILE A 18 -8.49 -3.40 -1.45
CA ILE A 18 -8.38 -2.44 -0.33
C ILE A 18 -6.89 -2.09 -0.16
N VAL A 19 -6.48 -0.88 -0.58
CA VAL A 19 -5.04 -0.57 -0.71
C VAL A 19 -4.52 0.02 0.61
N VAL A 20 -3.25 -0.27 0.92
CA VAL A 20 -2.50 0.32 2.05
C VAL A 20 -1.19 0.88 1.50
N ASP A 21 -0.86 2.12 1.88
CA ASP A 21 0.44 2.71 1.57
C ASP A 21 1.39 2.39 2.73
N VAL A 22 2.34 1.45 2.50
CA VAL A 22 3.30 1.01 3.54
C VAL A 22 4.65 1.74 3.39
N ARG A 23 4.72 2.97 3.93
CA ARG A 23 5.94 3.80 3.88
C ARG A 23 6.06 4.70 5.13
N GLU A 24 5.33 5.86 5.17
CA GLU A 24 5.54 6.90 6.23
C GLU A 24 4.50 8.05 6.13
N LEU A 25 4.41 8.87 7.21
CA LEU A 25 3.60 10.10 7.23
C LEU A 25 4.04 11.06 6.10
N ASP A 26 5.37 11.24 5.95
CA ASP A 26 5.98 12.22 4.99
C ASP A 26 5.47 12.04 3.55
N GLU A 27 5.35 10.77 3.10
CA GLU A 27 4.88 10.45 1.74
C GLU A 27 3.39 10.70 1.62
N TYR A 28 2.60 10.36 2.68
CA TYR A 28 1.15 10.67 2.71
C TYR A 28 0.89 12.16 2.41
N GLU A 29 1.79 13.01 2.93
CA GLU A 29 1.72 14.46 2.78
C GLU A 29 1.91 14.87 1.30
N GLU A 30 3.03 14.40 0.68
CA GLU A 30 3.42 14.85 -0.68
C GLU A 30 2.62 14.16 -1.82
N LEU A 31 2.43 12.83 -1.72
CA LEU A 31 1.61 12.05 -2.70
C LEU A 31 1.38 10.60 -2.22
N HIS A 32 0.16 10.13 -2.42
CA HIS A 32 -0.28 8.78 -2.02
C HIS A 32 -1.60 8.47 -2.74
N LEU A 33 -2.06 7.21 -2.69
CA LEU A 33 -3.36 6.84 -3.27
C LEU A 33 -4.52 7.21 -2.31
N PRO A 34 -5.71 7.63 -2.85
CA PRO A 34 -6.88 8.04 -2.03
C PRO A 34 -7.36 6.86 -1.15
N ASN A 35 -7.37 5.69 -1.80
CA ASN A 35 -7.85 4.42 -1.26
C ASN A 35 -6.72 3.60 -0.60
N ALA A 36 -5.57 4.27 -0.35
CA ALA A 36 -4.44 3.70 0.40
C ALA A 36 -4.49 4.15 1.88
N THR A 37 -4.46 3.16 2.79
CA THR A 37 -4.41 3.38 4.23
C THR A 37 -2.99 3.79 4.67
N LEU A 38 -2.86 4.90 5.42
CA LEU A 38 -1.57 5.36 5.93
C LEU A 38 -1.09 4.43 7.07
N ILE A 39 -0.13 3.57 6.74
CA ILE A 39 0.59 2.70 7.69
C ILE A 39 2.08 2.70 7.27
N SER A 40 2.98 2.82 8.23
CA SER A 40 4.42 2.71 7.94
C SER A 40 4.80 1.22 7.90
N VAL A 41 5.72 0.86 7.00
CA VAL A 41 6.25 -0.51 6.84
C VAL A 41 6.73 -1.15 8.18
N ASN A 42 7.31 -0.32 9.09
CA ASN A 42 7.84 -0.80 10.40
C ASN A 42 6.72 -1.00 11.44
N ASP A 43 5.52 -0.43 11.16
CA ASP A 43 4.33 -0.58 12.04
C ASP A 43 3.69 -1.96 11.81
N GLN A 44 4.28 -3.01 12.41
CA GLN A 44 3.74 -4.38 12.34
C GLN A 44 2.40 -4.47 13.07
N GLU A 45 2.33 -3.84 14.25
CA GLU A 45 1.12 -3.88 15.10
C GLU A 45 -0.06 -3.16 14.46
N LYS A 46 0.21 -2.06 13.74
CA LYS A 46 -0.83 -1.26 13.04
C LYS A 46 -1.27 -1.96 11.75
N LEU A 47 -0.30 -2.51 11.01
CA LEU A 47 -0.58 -3.20 9.74
C LEU A 47 -1.42 -4.46 9.98
N ALA A 48 -0.91 -5.32 10.88
CA ALA A 48 -1.56 -6.55 11.31
C ALA A 48 -2.93 -6.28 11.96
N ASP A 49 -3.05 -5.10 12.64
CA ASP A 49 -4.33 -4.64 13.23
C ASP A 49 -5.38 -4.41 12.13
N PHE A 50 -4.99 -3.67 11.08
CA PHE A 50 -5.87 -3.37 9.92
C PHE A 50 -6.28 -4.68 9.20
N LEU A 51 -5.34 -5.63 9.16
CA LEU A 51 -5.57 -6.97 8.59
C LEU A 51 -6.49 -7.81 9.51
N SER A 52 -6.40 -7.56 10.84
CA SER A 52 -7.16 -8.29 11.87
C SER A 52 -8.62 -7.77 12.01
N GLN A 53 -8.84 -6.46 11.69
CA GLN A 53 -10.18 -5.82 11.78
C GLN A 53 -11.17 -6.50 10.80
N HIS A 54 -10.63 -6.87 9.62
CA HIS A 54 -11.33 -7.65 8.60
C HIS A 54 -10.30 -8.58 7.97
N LYS A 55 -10.31 -9.85 8.40
CA LYS A 55 -9.41 -10.90 7.88
C LYS A 55 -9.85 -11.41 6.50
N ASP A 56 -11.17 -11.55 6.28
CA ASP A 56 -11.72 -12.08 5.01
C ASP A 56 -11.92 -10.95 3.98
N LYS A 57 -10.79 -10.49 3.41
CA LYS A 57 -10.75 -9.34 2.47
C LYS A 57 -9.62 -9.53 1.42
N LYS A 58 -9.38 -8.50 0.61
CA LYS A 58 -8.25 -8.45 -0.34
C LYS A 58 -7.51 -7.12 -0.16
N VAL A 59 -6.37 -7.14 0.56
CA VAL A 59 -5.54 -5.92 0.81
C VAL A 59 -4.27 -5.94 -0.05
N LEU A 60 -3.93 -4.77 -0.64
CA LEU A 60 -2.74 -4.56 -1.47
C LEU A 60 -1.81 -3.54 -0.80
N LEU A 61 -0.64 -4.00 -0.31
CA LEU A 61 0.39 -3.12 0.27
C LEU A 61 1.24 -2.53 -0.87
N HIS A 62 0.97 -1.29 -1.29
CA HIS A 62 1.76 -0.65 -2.37
C HIS A 62 2.91 0.16 -1.76
N CYS A 63 4.04 0.22 -2.48
CA CYS A 63 5.24 0.98 -2.05
C CYS A 63 5.80 1.83 -3.20
N ARG A 64 6.62 2.84 -2.83
CA ARG A 64 7.33 3.77 -3.75
C ARG A 64 7.97 2.99 -4.92
N ALA A 65 8.72 1.93 -4.62
CA ALA A 65 9.29 1.04 -5.65
C ALA A 65 8.67 -0.36 -5.54
N GLY A 66 8.62 -0.88 -4.30
CA GLY A 66 8.02 -2.19 -4.04
C GLY A 66 8.75 -2.99 -2.97
N ARG A 67 9.88 -2.45 -2.46
CA ARG A 67 10.69 -3.11 -1.42
C ARG A 67 9.93 -3.18 -0.08
N ARG A 68 9.35 -2.04 0.35
CA ARG A 68 8.59 -1.97 1.62
C ARG A 68 7.29 -2.77 1.51
N ALA A 69 6.75 -2.82 0.28
CA ALA A 69 5.56 -3.61 -0.06
C ALA A 69 5.81 -5.10 0.21
N LEU A 70 6.89 -5.60 -0.40
CA LEU A 70 7.39 -6.98 -0.22
C LEU A 70 7.67 -7.25 1.27
N ASP A 71 8.49 -6.37 1.88
CA ASP A 71 9.02 -6.52 3.26
C ASP A 71 7.89 -6.67 4.30
N ALA A 72 6.95 -5.72 4.25
CA ALA A 72 5.79 -5.68 5.15
C ALA A 72 4.90 -6.92 4.96
N ALA A 73 4.69 -7.29 3.68
CA ALA A 73 3.87 -8.44 3.31
C ALA A 73 4.51 -9.76 3.78
N LYS A 74 5.88 -9.86 3.72
CA LYS A 74 6.59 -11.08 4.16
C LYS A 74 6.28 -11.34 5.63
N SER A 75 6.57 -10.32 6.45
CA SER A 75 6.37 -10.35 7.91
C SER A 75 4.94 -10.78 8.30
N MET A 76 3.94 -10.28 7.55
CA MET A 76 2.53 -10.59 7.79
C MET A 76 2.20 -12.05 7.39
N HIS A 77 2.74 -12.50 6.26
CA HIS A 77 2.64 -13.91 5.81
C HIS A 77 3.33 -14.88 6.80
N GLU A 78 4.32 -14.36 7.57
CA GLU A 78 5.01 -15.12 8.63
C GLU A 78 4.15 -15.17 9.92
N LEU A 79 3.29 -14.14 10.11
CA LEU A 79 2.29 -14.10 11.20
C LEU A 79 1.03 -14.91 10.84
N GLY A 80 0.91 -15.28 9.55
CA GLY A 80 -0.19 -16.11 9.05
C GLY A 80 -1.13 -15.37 8.10
N TYR A 81 -1.03 -14.03 8.06
CA TYR A 81 -1.85 -13.18 7.16
C TYR A 81 -1.49 -13.44 5.69
N THR A 82 -2.31 -12.91 4.78
CA THR A 82 -2.07 -13.02 3.32
C THR A 82 -2.38 -11.69 2.59
N PRO A 83 -1.67 -10.55 2.91
CA PRO A 83 -1.77 -9.32 2.11
C PRO A 83 -0.93 -9.43 0.81
N TYR A 84 -1.46 -8.87 -0.27
CA TYR A 84 -0.76 -8.69 -1.55
C TYR A 84 0.21 -7.51 -1.44
N TYR A 85 0.99 -7.26 -2.49
CA TYR A 85 1.93 -6.13 -2.51
C TYR A 85 2.19 -5.68 -3.95
N LEU A 86 2.13 -4.36 -4.15
CA LEU A 86 2.35 -3.73 -5.45
C LEU A 86 3.79 -3.22 -5.53
N GLU A 87 4.52 -3.82 -6.45
CA GLU A 87 5.85 -3.41 -6.86
C GLU A 87 5.73 -2.53 -8.13
N GLY A 88 5.89 -1.22 -7.94
CA GLY A 88 5.81 -0.24 -9.02
C GLY A 88 6.01 1.17 -8.49
N ASN A 89 6.48 2.09 -9.37
CA ASN A 89 6.82 3.46 -8.97
C ASN A 89 5.55 4.27 -8.64
N VAL A 90 5.51 4.81 -7.40
CA VAL A 90 4.33 5.43 -6.80
C VAL A 90 3.82 6.66 -7.59
N TYR A 91 4.76 7.44 -8.17
CA TYR A 91 4.41 8.63 -8.97
C TYR A 91 3.77 8.22 -10.31
N ASP A 92 4.24 7.07 -10.82
CA ASP A 92 3.86 6.55 -12.14
C ASP A 92 2.42 6.01 -12.17
N PHE A 93 1.80 5.82 -10.99
CA PHE A 93 0.38 5.43 -10.89
C PHE A 93 -0.50 6.47 -11.61
N GLU A 94 -0.17 7.74 -11.36
CA GLU A 94 -0.92 8.90 -11.86
C GLU A 94 -0.80 9.02 -13.40
N LYS A 95 0.43 8.80 -13.94
CA LYS A 95 0.68 8.88 -15.40
C LYS A 95 0.09 7.66 -16.15
N TYR A 96 -0.07 6.52 -15.43
CA TYR A 96 -0.77 5.33 -15.96
C TYR A 96 -2.29 5.59 -16.02
N GLY A 97 -2.80 6.45 -15.10
CA GLY A 97 -4.20 6.90 -15.14
C GLY A 97 -4.95 6.66 -13.84
N PHE A 98 -4.28 6.02 -12.86
CA PHE A 98 -4.86 5.74 -11.53
C PHE A 98 -4.94 7.04 -10.71
N ARG A 99 -6.13 7.31 -10.13
CA ARG A 99 -6.38 8.48 -9.26
C ARG A 99 -5.44 8.47 -8.05
N MET A 100 -4.82 9.64 -7.78
CA MET A 100 -3.89 9.86 -6.67
C MET A 100 -4.16 11.21 -5.99
N VAL A 101 -3.85 11.28 -4.68
CA VAL A 101 -3.90 12.53 -3.90
C VAL A 101 -2.48 13.09 -3.77
N TYR A 102 -2.19 14.12 -4.59
CA TYR A 102 -0.91 14.85 -4.57
C TYR A 102 -1.02 16.11 -3.67
N ASP A 103 -0.25 16.10 -2.58
CA ASP A 103 -0.05 17.24 -1.67
C ASP A 103 -1.35 17.63 -0.91
N ASP A 104 -1.39 17.20 0.36
CA ASP A 104 -2.47 17.50 1.31
C ASP A 104 -1.87 18.10 2.58
N THR A 105 -0.82 17.40 3.09
CA THR A 105 -0.12 17.67 4.34
C THR A 105 -1.09 17.67 5.57
N CYS A 106 -1.84 18.75 5.77
CA CYS A 106 -2.87 18.84 6.83
C CYS A 106 -4.16 19.44 6.25
N ASP A 107 -4.05 20.68 5.76
CA ASP A 107 -5.19 21.41 5.18
C ASP A 107 -4.70 22.45 4.17
N LYS A 108 -5.42 22.56 3.04
CA LYS A 108 -5.10 23.48 1.96
C LYS A 108 -6.39 23.99 1.29
N LYS A 109 -7.03 23.10 0.47
CA LYS A 109 -8.22 23.43 -0.37
C LYS A 109 -7.85 24.53 -1.41
N ASN A 110 -8.86 25.00 -2.18
CA ASN A 110 -8.69 26.13 -3.13
C ASN A 110 -10.07 26.68 -3.57
N MET A 1 6.00 -18.02 -1.51
CA MET A 1 4.58 -17.95 -1.08
C MET A 1 3.96 -16.60 -1.43
N LEU A 2 4.55 -15.48 -0.94
CA LEU A 2 3.96 -14.12 -1.13
C LEU A 2 4.39 -13.50 -2.47
N GLU A 3 5.51 -13.97 -3.05
CA GLU A 3 5.99 -13.51 -4.37
C GLU A 3 5.01 -13.90 -5.49
N ASP A 4 4.11 -14.84 -5.17
CA ASP A 4 2.97 -15.23 -6.00
C ASP A 4 1.87 -14.12 -5.93
N TYR A 5 1.79 -13.48 -4.75
CA TYR A 5 0.87 -12.34 -4.46
C TYR A 5 1.48 -10.99 -4.92
N ALA A 6 2.69 -11.03 -5.52
CA ALA A 6 3.40 -9.84 -6.03
C ALA A 6 2.67 -9.25 -7.25
N ILE A 7 1.81 -8.25 -7.01
CA ILE A 7 1.06 -7.58 -8.08
C ILE A 7 1.95 -6.52 -8.75
N SER A 8 1.95 -6.50 -10.08
CA SER A 8 2.70 -5.53 -10.89
C SER A 8 1.80 -4.34 -11.28
N LEU A 9 2.41 -3.15 -11.46
CA LEU A 9 1.69 -1.90 -11.80
C LEU A 9 1.01 -1.98 -13.19
N GLU A 10 1.56 -2.83 -14.07
CA GLU A 10 1.01 -3.06 -15.42
C GLU A 10 -0.35 -3.81 -15.40
N GLU A 11 -0.69 -4.44 -14.27
CA GLU A 11 -1.89 -5.30 -14.15
C GLU A 11 -2.68 -5.04 -12.86
N VAL A 12 -2.29 -3.99 -12.11
CA VAL A 12 -2.97 -3.64 -10.84
C VAL A 12 -4.25 -2.84 -11.11
N ASN A 13 -5.25 -2.98 -10.22
CA ASN A 13 -6.48 -2.17 -10.22
C ASN A 13 -6.74 -1.77 -8.77
N PHE A 14 -6.25 -0.59 -8.35
CA PHE A 14 -6.29 -0.16 -6.93
C PHE A 14 -7.73 -0.07 -6.38
N ASN A 15 -8.68 0.30 -7.25
CA ASN A 15 -10.12 0.39 -6.89
C ASN A 15 -10.75 -1.00 -6.62
N ASP A 16 -10.06 -2.07 -7.09
CA ASP A 16 -10.47 -3.47 -6.87
C ASP A 16 -10.13 -3.90 -5.43
N PHE A 17 -9.01 -3.40 -4.89
CA PHE A 17 -8.48 -3.83 -3.57
C PHE A 17 -8.68 -2.73 -2.53
N ILE A 18 -8.60 -3.11 -1.25
CA ILE A 18 -8.45 -2.19 -0.13
C ILE A 18 -6.94 -1.86 -0.01
N VAL A 19 -6.53 -0.68 -0.48
CA VAL A 19 -5.10 -0.36 -0.63
C VAL A 19 -4.56 0.26 0.66
N VAL A 20 -3.30 -0.05 0.95
CA VAL A 20 -2.55 0.53 2.08
C VAL A 20 -1.23 1.11 1.54
N ASP A 21 -0.97 2.37 1.89
CA ASP A 21 0.32 3.03 1.63
C ASP A 21 1.30 2.54 2.71
N VAL A 22 2.20 1.57 2.37
CA VAL A 22 3.18 1.01 3.34
C VAL A 22 4.51 1.74 3.19
N ARG A 23 4.61 2.92 3.83
CA ARG A 23 5.78 3.79 3.66
C ARG A 23 6.05 4.57 4.97
N GLU A 24 5.45 5.76 5.10
CA GLU A 24 5.73 6.69 6.22
C GLU A 24 4.72 7.87 6.14
N LEU A 25 4.61 8.64 7.23
CA LEU A 25 3.84 9.90 7.26
C LEU A 25 4.35 10.88 6.19
N ASP A 26 5.68 11.12 6.15
CA ASP A 26 6.32 12.08 5.19
C ASP A 26 6.01 11.69 3.72
N GLU A 27 6.08 10.38 3.47
CA GLU A 27 5.78 9.76 2.17
C GLU A 27 4.31 9.99 1.76
N TYR A 28 3.42 9.94 2.75
CA TYR A 28 1.97 10.18 2.60
C TYR A 28 1.69 11.67 2.26
N GLU A 29 2.43 12.57 2.94
CA GLU A 29 2.26 14.04 2.84
C GLU A 29 2.57 14.55 1.43
N GLU A 30 3.67 14.03 0.84
CA GLU A 30 4.11 14.41 -0.51
C GLU A 30 3.16 13.88 -1.62
N LEU A 31 2.65 12.64 -1.43
CA LEU A 31 1.67 12.01 -2.36
C LEU A 31 1.19 10.66 -1.82
N HIS A 32 0.03 10.17 -2.33
CA HIS A 32 -0.47 8.79 -2.07
C HIS A 32 -1.72 8.53 -2.92
N LEU A 33 -2.24 7.29 -2.88
CA LEU A 33 -3.51 6.92 -3.56
C LEU A 33 -4.72 7.30 -2.69
N PRO A 34 -5.88 7.69 -3.32
CA PRO A 34 -7.11 8.06 -2.57
C PRO A 34 -7.80 6.83 -1.92
N ASN A 35 -7.32 5.62 -2.27
CA ASN A 35 -7.81 4.33 -1.72
C ASN A 35 -6.77 3.70 -0.76
N ALA A 36 -5.68 4.46 -0.46
CA ALA A 36 -4.55 3.96 0.34
C ALA A 36 -4.62 4.42 1.82
N THR A 37 -4.52 3.45 2.74
CA THR A 37 -4.50 3.70 4.19
C THR A 37 -3.05 3.98 4.64
N LEU A 38 -2.84 5.07 5.42
CA LEU A 38 -1.51 5.42 5.96
C LEU A 38 -1.13 4.40 7.05
N ILE A 39 -0.27 3.44 6.69
CA ILE A 39 0.42 2.56 7.64
C ILE A 39 1.89 2.49 7.22
N SER A 40 2.79 2.74 8.16
CA SER A 40 4.23 2.64 7.88
C SER A 40 4.63 1.17 7.84
N VAL A 41 5.54 0.82 6.91
CA VAL A 41 6.18 -0.51 6.83
C VAL A 41 6.74 -0.97 8.19
N ASN A 42 7.13 0.02 9.04
CA ASN A 42 7.68 -0.21 10.39
C ASN A 42 6.61 -0.69 11.39
N ASP A 43 5.35 -0.23 11.18
CA ASP A 43 4.20 -0.57 12.04
C ASP A 43 3.69 -1.99 11.71
N GLN A 44 4.30 -2.99 12.38
CA GLN A 44 3.79 -4.36 12.36
C GLN A 44 2.47 -4.44 13.15
N GLU A 45 2.40 -3.68 14.26
CA GLU A 45 1.21 -3.67 15.14
C GLU A 45 -0.04 -3.15 14.41
N LYS A 46 0.12 -2.05 13.64
CA LYS A 46 -1.00 -1.37 12.95
C LYS A 46 -1.40 -2.11 11.67
N LEU A 47 -0.39 -2.58 10.91
CA LEU A 47 -0.61 -3.30 9.65
C LEU A 47 -1.35 -4.62 9.89
N ALA A 48 -0.84 -5.39 10.88
CA ALA A 48 -1.39 -6.68 11.26
C ALA A 48 -2.80 -6.53 11.87
N ASP A 49 -3.01 -5.43 12.62
CA ASP A 49 -4.34 -5.06 13.17
C ASP A 49 -5.36 -4.91 12.04
N PHE A 50 -5.00 -4.10 11.02
CA PHE A 50 -5.86 -3.80 9.86
C PHE A 50 -6.25 -5.09 9.10
N LEU A 51 -5.31 -6.04 9.07
CA LEU A 51 -5.51 -7.35 8.44
C LEU A 51 -6.30 -8.31 9.35
N SER A 52 -6.19 -8.12 10.68
CA SER A 52 -6.86 -8.94 11.70
C SER A 52 -8.36 -8.56 11.83
N GLN A 53 -8.71 -7.34 11.37
CA GLN A 53 -10.08 -6.80 11.45
C GLN A 53 -11.07 -7.55 10.52
N HIS A 54 -10.56 -8.48 9.70
CA HIS A 54 -11.38 -9.27 8.75
C HIS A 54 -10.68 -10.58 8.40
N LYS A 55 -9.39 -10.46 8.00
CA LYS A 55 -8.56 -11.53 7.41
C LYS A 55 -9.01 -11.88 5.98
N ASP A 56 -10.28 -12.27 5.85
CA ASP A 56 -10.91 -12.56 4.56
C ASP A 56 -11.34 -11.23 3.88
N LYS A 57 -10.35 -10.54 3.30
CA LYS A 57 -10.52 -9.31 2.50
C LYS A 57 -9.27 -9.13 1.61
N LYS A 58 -9.44 -8.46 0.47
CA LYS A 58 -8.38 -8.31 -0.54
C LYS A 58 -7.63 -6.98 -0.31
N VAL A 59 -6.48 -7.04 0.40
CA VAL A 59 -5.67 -5.84 0.70
C VAL A 59 -4.37 -5.84 -0.13
N LEU A 60 -4.06 -4.66 -0.70
CA LEU A 60 -2.89 -4.43 -1.55
C LEU A 60 -1.96 -3.40 -0.86
N LEU A 61 -0.72 -3.81 -0.55
CA LEU A 61 0.28 -2.94 0.12
C LEU A 61 1.21 -2.29 -0.94
N HIS A 62 0.95 -1.03 -1.32
CA HIS A 62 1.75 -0.38 -2.39
C HIS A 62 2.95 0.39 -1.81
N CYS A 63 4.09 0.30 -2.50
CA CYS A 63 5.36 0.97 -2.11
C CYS A 63 5.81 1.98 -3.18
N ARG A 64 6.66 2.96 -2.78
CA ARG A 64 7.21 3.98 -3.68
C ARG A 64 7.95 3.35 -4.89
N ALA A 65 8.72 2.29 -4.61
CA ALA A 65 9.35 1.47 -5.66
C ALA A 65 8.84 0.02 -5.58
N GLY A 66 9.05 -0.67 -4.44
CA GLY A 66 8.58 -2.06 -4.31
C GLY A 66 9.07 -2.78 -3.06
N ARG A 67 10.17 -2.31 -2.44
CA ARG A 67 10.78 -2.98 -1.28
C ARG A 67 9.83 -3.02 -0.07
N ARG A 68 9.31 -1.84 0.34
CA ARG A 68 8.50 -1.73 1.57
C ARG A 68 7.17 -2.51 1.43
N ALA A 69 6.74 -2.68 0.17
CA ALA A 69 5.59 -3.52 -0.19
C ALA A 69 5.87 -4.97 0.21
N LEU A 70 7.01 -5.49 -0.30
CA LEU A 70 7.49 -6.84 0.00
C LEU A 70 7.69 -7.04 1.51
N ASP A 71 8.56 -6.21 2.10
CA ASP A 71 9.03 -6.32 3.51
C ASP A 71 7.84 -6.39 4.50
N ALA A 72 6.87 -5.48 4.31
CA ALA A 72 5.65 -5.43 5.12
C ALA A 72 4.83 -6.71 4.97
N ALA A 73 4.59 -7.10 3.71
CA ALA A 73 3.80 -8.28 3.36
C ALA A 73 4.51 -9.59 3.79
N LYS A 74 5.87 -9.59 3.89
CA LYS A 74 6.64 -10.78 4.32
C LYS A 74 6.27 -11.07 5.76
N SER A 75 6.47 -10.05 6.62
CA SER A 75 6.21 -10.12 8.07
C SER A 75 4.80 -10.70 8.35
N MET A 76 3.81 -10.21 7.60
CA MET A 76 2.38 -10.60 7.77
C MET A 76 2.09 -12.01 7.25
N HIS A 77 2.75 -12.42 6.15
CA HIS A 77 2.69 -13.83 5.68
C HIS A 77 3.35 -14.80 6.69
N GLU A 78 4.32 -14.30 7.48
CA GLU A 78 4.95 -15.05 8.58
C GLU A 78 4.01 -15.08 9.82
N LEU A 79 3.23 -13.99 10.01
CA LEU A 79 2.25 -13.89 11.12
C LEU A 79 1.04 -14.80 10.87
N GLY A 80 0.75 -15.06 9.58
CA GLY A 80 -0.32 -15.96 9.18
C GLY A 80 -1.26 -15.35 8.14
N TYR A 81 -1.23 -14.01 7.97
CA TYR A 81 -2.09 -13.31 7.00
C TYR A 81 -1.57 -13.55 5.56
N THR A 82 -2.37 -13.15 4.56
CA THR A 82 -1.98 -13.25 3.14
C THR A 82 -2.34 -11.95 2.36
N PRO A 83 -1.72 -10.77 2.71
CA PRO A 83 -1.90 -9.53 1.91
C PRO A 83 -1.07 -9.57 0.62
N TYR A 84 -1.59 -8.92 -0.42
CA TYR A 84 -0.87 -8.67 -1.67
C TYR A 84 0.02 -7.44 -1.48
N TYR A 85 0.89 -7.18 -2.47
CA TYR A 85 1.78 -6.01 -2.43
C TYR A 85 2.12 -5.56 -3.86
N LEU A 86 2.17 -4.23 -4.06
CA LEU A 86 2.39 -3.62 -5.36
C LEU A 86 3.85 -3.16 -5.47
N GLU A 87 4.55 -3.78 -6.42
CA GLU A 87 5.89 -3.36 -6.85
C GLU A 87 5.76 -2.51 -8.12
N GLY A 88 5.89 -1.20 -7.93
CA GLY A 88 5.81 -0.22 -9.01
C GLY A 88 6.07 1.18 -8.49
N ASN A 89 6.64 2.03 -9.36
CA ASN A 89 6.93 3.43 -9.04
C ASN A 89 5.62 4.20 -8.76
N VAL A 90 5.54 4.80 -7.55
CA VAL A 90 4.30 5.38 -7.00
C VAL A 90 3.85 6.63 -7.80
N TYR A 91 4.81 7.27 -8.50
CA TYR A 91 4.57 8.47 -9.31
C TYR A 91 4.02 8.08 -10.71
N ASP A 92 4.24 6.81 -11.09
CA ASP A 92 3.78 6.25 -12.38
C ASP A 92 2.32 5.80 -12.33
N PHE A 93 1.72 5.73 -11.13
CA PHE A 93 0.30 5.35 -10.95
C PHE A 93 -0.62 6.32 -11.75
N GLU A 94 -0.34 7.63 -11.56
CA GLU A 94 -1.01 8.74 -12.26
C GLU A 94 -1.04 8.53 -13.79
N LYS A 95 0.13 8.30 -14.38
CA LYS A 95 0.29 8.16 -15.86
C LYS A 95 -0.15 6.76 -16.36
N TYR A 96 -0.31 5.79 -15.43
CA TYR A 96 -0.90 4.45 -15.73
C TYR A 96 -2.44 4.49 -15.59
N GLY A 97 -2.98 5.65 -15.16
CA GLY A 97 -4.43 5.90 -15.19
C GLY A 97 -5.09 5.66 -13.84
N PHE A 98 -4.35 5.94 -12.78
CA PHE A 98 -4.82 5.81 -11.39
C PHE A 98 -4.60 7.17 -10.72
N ARG A 99 -5.70 7.94 -10.50
CA ARG A 99 -5.60 9.28 -9.88
C ARG A 99 -5.05 9.16 -8.46
N MET A 100 -4.40 10.22 -8.01
CA MET A 100 -3.70 10.26 -6.74
C MET A 100 -3.91 11.62 -6.08
N VAL A 101 -3.51 11.72 -4.82
CA VAL A 101 -3.60 12.94 -4.02
C VAL A 101 -2.17 13.40 -3.65
N TYR A 102 -1.64 14.33 -4.46
CA TYR A 102 -0.32 14.95 -4.22
C TYR A 102 -0.47 16.19 -3.32
N ASP A 103 0.58 16.45 -2.51
CA ASP A 103 0.65 17.57 -1.55
C ASP A 103 -0.58 17.56 -0.61
N ASP A 104 -0.80 16.39 -0.01
CA ASP A 104 -1.98 16.12 0.84
C ASP A 104 -1.79 16.66 2.27
N THR A 105 -0.54 17.08 2.57
CA THR A 105 -0.10 17.59 3.89
C THR A 105 -1.04 18.66 4.50
N CYS A 106 -0.94 18.82 5.84
CA CYS A 106 -1.65 19.88 6.59
C CYS A 106 -1.34 21.26 5.97
N ASP A 107 -0.05 21.49 5.73
CA ASP A 107 0.50 22.60 4.91
C ASP A 107 2.02 22.49 4.88
N LYS A 108 2.65 23.14 3.88
CA LYS A 108 4.11 23.16 3.73
C LYS A 108 4.60 24.60 3.98
N LYS A 109 4.28 25.50 3.01
CA LYS A 109 4.60 26.94 3.05
C LYS A 109 6.12 27.17 3.17
N ASN A 110 6.76 27.47 2.03
CA ASN A 110 8.23 27.67 1.96
C ASN A 110 8.67 28.94 2.73
N MET A 1 4.82 -19.13 -2.61
CA MET A 1 3.99 -18.72 -1.45
C MET A 1 3.51 -17.27 -1.65
N LEU A 2 4.15 -16.27 -0.99
CA LEU A 2 3.70 -14.86 -1.09
C LEU A 2 4.31 -14.16 -2.31
N GLU A 3 5.42 -14.70 -2.86
CA GLU A 3 6.12 -14.05 -4.00
C GLU A 3 5.24 -14.04 -5.28
N ASP A 4 4.19 -14.89 -5.26
CA ASP A 4 3.16 -14.94 -6.32
C ASP A 4 2.16 -13.76 -6.19
N TYR A 5 2.07 -13.21 -4.95
CA TYR A 5 1.25 -11.99 -4.64
C TYR A 5 1.91 -10.71 -5.18
N ALA A 6 3.09 -10.86 -5.84
CA ALA A 6 3.79 -9.77 -6.54
C ALA A 6 2.94 -9.29 -7.73
N ILE A 7 2.29 -8.13 -7.54
CA ILE A 7 1.49 -7.48 -8.58
C ILE A 7 2.31 -6.33 -9.17
N SER A 8 2.30 -6.21 -10.50
CA SER A 8 3.01 -5.14 -11.23
C SER A 8 2.06 -3.97 -11.56
N LEU A 9 2.62 -2.78 -11.75
CA LEU A 9 1.85 -1.54 -12.06
C LEU A 9 1.10 -1.63 -13.43
N GLU A 10 1.60 -2.49 -14.32
CA GLU A 10 1.02 -2.71 -15.68
C GLU A 10 -0.25 -3.58 -15.64
N GLU A 11 -0.47 -4.28 -14.51
CA GLU A 11 -1.56 -5.28 -14.37
C GLU A 11 -2.40 -5.01 -13.11
N VAL A 12 -2.05 -3.96 -12.33
CA VAL A 12 -2.70 -3.69 -11.04
C VAL A 12 -4.07 -3.00 -11.23
N ASN A 13 -5.00 -3.31 -10.32
CA ASN A 13 -6.30 -2.64 -10.23
C ASN A 13 -6.47 -2.17 -8.78
N PHE A 14 -6.01 -0.95 -8.48
CA PHE A 14 -6.00 -0.40 -7.09
C PHE A 14 -7.41 -0.41 -6.47
N ASN A 15 -8.42 -0.06 -7.29
CA ASN A 15 -9.82 0.03 -6.84
C ASN A 15 -10.44 -1.38 -6.58
N ASP A 16 -9.74 -2.45 -7.01
CA ASP A 16 -10.15 -3.85 -6.75
C ASP A 16 -9.84 -4.26 -5.30
N PHE A 17 -8.75 -3.70 -4.74
CA PHE A 17 -8.27 -4.07 -3.39
C PHE A 17 -8.45 -2.88 -2.43
N ILE A 18 -8.45 -3.18 -1.13
CA ILE A 18 -8.24 -2.20 -0.06
C ILE A 18 -6.73 -1.92 -0.02
N VAL A 19 -6.30 -0.78 -0.57
CA VAL A 19 -4.87 -0.49 -0.74
C VAL A 19 -4.31 0.06 0.58
N VAL A 20 -3.01 -0.12 0.79
CA VAL A 20 -2.27 0.37 1.97
C VAL A 20 -0.93 0.93 1.46
N ASP A 21 -0.61 2.17 1.85
CA ASP A 21 0.69 2.75 1.55
C ASP A 21 1.63 2.41 2.71
N VAL A 22 2.57 1.48 2.48
CA VAL A 22 3.53 1.04 3.51
C VAL A 22 4.81 1.91 3.46
N ARG A 23 4.73 3.13 4.04
CA ARG A 23 5.84 4.10 4.05
C ARG A 23 5.78 5.03 5.30
N GLU A 24 5.25 6.28 5.13
CA GLU A 24 5.43 7.41 6.11
C GLU A 24 4.30 8.45 6.02
N LEU A 25 4.08 9.21 7.10
CA LEU A 25 3.14 10.36 7.09
C LEU A 25 3.61 11.44 6.10
N ASP A 26 4.95 11.58 5.98
CA ASP A 26 5.60 12.55 5.06
C ASP A 26 5.06 12.39 3.62
N GLU A 27 5.16 11.15 3.09
CA GLU A 27 4.72 10.86 1.72
C GLU A 27 3.21 10.99 1.60
N TYR A 28 2.47 10.58 2.65
CA TYR A 28 0.99 10.69 2.67
C TYR A 28 0.53 12.14 2.41
N GLU A 29 1.26 13.08 3.00
CA GLU A 29 0.98 14.52 2.90
C GLU A 29 1.24 15.05 1.47
N GLU A 30 2.36 14.64 0.86
CA GLU A 30 2.76 15.14 -0.48
C GLU A 30 2.06 14.39 -1.64
N LEU A 31 2.02 13.04 -1.59
CA LEU A 31 1.36 12.22 -2.65
C LEU A 31 1.16 10.74 -2.22
N HIS A 32 0.02 10.17 -2.64
CA HIS A 32 -0.30 8.74 -2.46
C HIS A 32 -1.62 8.42 -3.21
N LEU A 33 -2.18 7.22 -2.98
CA LEU A 33 -3.49 6.82 -3.55
C LEU A 33 -4.62 7.14 -2.57
N PRO A 34 -5.82 7.56 -3.05
CA PRO A 34 -6.96 7.89 -2.17
C PRO A 34 -7.56 6.63 -1.51
N ASN A 35 -7.27 5.45 -2.12
CA ASN A 35 -7.70 4.12 -1.61
C ASN A 35 -6.62 3.49 -0.70
N ALA A 36 -5.49 4.21 -0.49
CA ALA A 36 -4.34 3.71 0.29
C ALA A 36 -4.43 4.12 1.75
N THR A 37 -4.44 3.12 2.66
CA THR A 37 -4.43 3.31 4.10
C THR A 37 -2.98 3.56 4.56
N LEU A 38 -2.74 4.69 5.23
CA LEU A 38 -1.42 5.05 5.72
C LEU A 38 -1.00 4.13 6.88
N ILE A 39 -0.05 3.23 6.58
CA ILE A 39 0.61 2.38 7.59
C ILE A 39 2.12 2.42 7.32
N SER A 40 2.92 2.54 8.38
CA SER A 40 4.37 2.50 8.27
C SER A 40 4.82 1.04 8.08
N VAL A 41 5.67 0.78 7.05
CA VAL A 41 6.23 -0.56 6.76
C VAL A 41 6.87 -1.21 8.01
N ASN A 42 7.50 -0.37 8.86
CA ASN A 42 8.23 -0.79 10.04
C ASN A 42 7.27 -1.27 11.16
N ASP A 43 6.04 -0.71 11.16
CA ASP A 43 5.03 -1.02 12.19
C ASP A 43 4.22 -2.25 11.79
N GLN A 44 4.75 -3.43 12.16
CA GLN A 44 4.06 -4.72 12.05
C GLN A 44 2.80 -4.72 12.93
N GLU A 45 2.88 -4.01 14.07
CA GLU A 45 1.77 -3.88 15.03
C GLU A 45 0.53 -3.22 14.38
N LYS A 46 0.76 -2.14 13.61
CA LYS A 46 -0.29 -1.36 12.96
C LYS A 46 -0.84 -2.10 11.73
N LEU A 47 0.07 -2.74 10.99
CA LEU A 47 -0.28 -3.44 9.74
C LEU A 47 -1.14 -4.68 10.04
N ALA A 48 -0.64 -5.51 10.95
CA ALA A 48 -1.31 -6.74 11.40
C ALA A 48 -2.64 -6.43 12.10
N ASP A 49 -2.69 -5.27 12.80
CA ASP A 49 -3.93 -4.77 13.43
C ASP A 49 -5.03 -4.58 12.37
N PHE A 50 -4.70 -3.79 11.33
CA PHE A 50 -5.61 -3.45 10.22
C PHE A 50 -6.15 -4.72 9.53
N LEU A 51 -5.24 -5.70 9.34
CA LEU A 51 -5.56 -6.98 8.71
C LEU A 51 -6.43 -7.86 9.62
N SER A 52 -6.18 -7.77 10.94
CA SER A 52 -6.91 -8.53 11.98
C SER A 52 -8.33 -7.98 12.19
N GLN A 53 -8.52 -6.67 11.91
CA GLN A 53 -9.82 -5.97 12.07
C GLN A 53 -10.93 -6.58 11.20
N HIS A 54 -10.54 -7.33 10.14
CA HIS A 54 -11.49 -7.97 9.21
C HIS A 54 -11.08 -9.42 8.93
N LYS A 55 -9.84 -9.56 8.42
CA LYS A 55 -9.23 -10.82 7.92
C LYS A 55 -9.84 -11.31 6.61
N ASP A 56 -11.18 -11.35 6.52
CA ASP A 56 -11.90 -11.61 5.27
C ASP A 56 -12.02 -10.30 4.47
N LYS A 57 -10.89 -9.92 3.84
CA LYS A 57 -10.78 -8.75 2.96
C LYS A 57 -9.54 -8.92 2.06
N LYS A 58 -9.55 -8.26 0.90
CA LYS A 58 -8.43 -8.27 -0.06
C LYS A 58 -7.64 -6.96 0.08
N VAL A 59 -6.40 -7.05 0.59
CA VAL A 59 -5.54 -5.87 0.84
C VAL A 59 -4.30 -5.90 -0.05
N LEU A 60 -3.93 -4.72 -0.58
CA LEU A 60 -2.74 -4.52 -1.41
C LEU A 60 -1.77 -3.55 -0.73
N LEU A 61 -0.60 -4.03 -0.31
CA LEU A 61 0.45 -3.17 0.25
C LEU A 61 1.28 -2.59 -0.90
N HIS A 62 0.96 -1.36 -1.31
CA HIS A 62 1.69 -0.70 -2.40
C HIS A 62 2.87 0.09 -1.83
N CYS A 63 3.96 0.16 -2.61
CA CYS A 63 5.19 0.88 -2.23
C CYS A 63 5.72 1.73 -3.38
N ARG A 64 6.52 2.75 -3.02
CA ARG A 64 7.23 3.65 -3.97
C ARG A 64 8.08 2.89 -5.01
N ALA A 65 8.63 1.71 -4.61
CA ALA A 65 9.39 0.84 -5.53
C ALA A 65 8.86 -0.60 -5.48
N GLY A 66 8.81 -1.17 -4.26
CA GLY A 66 8.30 -2.53 -4.06
C GLY A 66 9.00 -3.29 -2.95
N ARG A 67 10.17 -2.78 -2.51
CA ARG A 67 10.96 -3.36 -1.40
C ARG A 67 10.14 -3.38 -0.10
N ARG A 68 9.56 -2.21 0.24
CA ARG A 68 8.79 -2.04 1.49
C ARG A 68 7.46 -2.80 1.41
N ALA A 69 6.91 -2.93 0.17
CA ALA A 69 5.68 -3.71 -0.12
C ALA A 69 5.87 -5.18 0.23
N LEU A 70 6.92 -5.78 -0.37
CA LEU A 70 7.32 -7.18 -0.17
C LEU A 70 7.60 -7.44 1.32
N ASP A 71 8.50 -6.63 1.90
CA ASP A 71 8.99 -6.78 3.29
C ASP A 71 7.83 -6.81 4.31
N ALA A 72 6.95 -5.81 4.18
CA ALA A 72 5.75 -5.69 5.02
C ALA A 72 4.83 -6.91 4.90
N ALA A 73 4.59 -7.33 3.65
CA ALA A 73 3.70 -8.46 3.33
C ALA A 73 4.25 -9.78 3.89
N LYS A 74 5.59 -9.94 3.87
CA LYS A 74 6.26 -11.16 4.39
C LYS A 74 5.91 -11.33 5.85
N SER A 75 6.20 -10.27 6.63
CA SER A 75 5.94 -10.22 8.07
C SER A 75 4.51 -10.62 8.43
N MET A 76 3.54 -10.16 7.62
CA MET A 76 2.11 -10.43 7.80
C MET A 76 1.76 -11.91 7.52
N HIS A 77 2.33 -12.47 6.44
CA HIS A 77 2.17 -13.90 6.08
C HIS A 77 2.77 -14.83 7.16
N GLU A 78 3.78 -14.35 7.89
CA GLU A 78 4.40 -15.08 9.01
C GLU A 78 3.48 -15.04 10.26
N LEU A 79 2.63 -14.00 10.34
CA LEU A 79 1.60 -13.87 11.39
C LEU A 79 0.30 -14.63 11.00
N GLY A 80 0.23 -15.08 9.74
CA GLY A 80 -0.88 -15.90 9.25
C GLY A 80 -1.86 -15.17 8.34
N TYR A 81 -1.63 -13.86 8.07
CA TYR A 81 -2.46 -13.09 7.12
C TYR A 81 -1.96 -13.31 5.69
N THR A 82 -2.72 -12.83 4.68
CA THR A 82 -2.35 -12.98 3.26
C THR A 82 -2.61 -11.67 2.45
N PRO A 83 -1.94 -10.52 2.79
CA PRO A 83 -1.98 -9.31 1.93
C PRO A 83 -1.11 -9.48 0.67
N TYR A 84 -1.62 -8.93 -0.44
CA TYR A 84 -0.87 -8.77 -1.70
C TYR A 84 0.10 -7.59 -1.55
N TYR A 85 0.96 -7.38 -2.55
CA TYR A 85 1.89 -6.26 -2.55
C TYR A 85 2.18 -5.79 -3.97
N LEU A 86 2.17 -4.46 -4.15
CA LEU A 86 2.40 -3.81 -5.44
C LEU A 86 3.84 -3.30 -5.50
N GLU A 87 4.58 -3.87 -6.47
CA GLU A 87 5.91 -3.41 -6.86
C GLU A 87 5.72 -2.49 -8.08
N GLY A 88 5.92 -1.20 -7.88
CA GLY A 88 5.71 -0.19 -8.92
C GLY A 88 5.96 1.21 -8.39
N ASN A 89 6.36 2.13 -9.28
CA ASN A 89 6.73 3.50 -8.91
C ASN A 89 5.49 4.34 -8.56
N VAL A 90 5.45 4.87 -7.31
CA VAL A 90 4.28 5.58 -6.75
C VAL A 90 3.93 6.86 -7.55
N TYR A 91 4.97 7.62 -7.96
CA TYR A 91 4.78 8.87 -8.73
C TYR A 91 4.27 8.55 -10.16
N ASP A 92 4.62 7.36 -10.64
CA ASP A 92 4.27 6.88 -11.99
C ASP A 92 2.83 6.35 -12.08
N PHE A 93 2.16 6.10 -10.93
CA PHE A 93 0.74 5.63 -10.93
C PHE A 93 -0.15 6.57 -11.77
N GLU A 94 0.04 7.88 -11.53
CA GLU A 94 -0.75 8.95 -12.14
C GLU A 94 -0.57 8.96 -13.67
N LYS A 95 0.70 8.83 -14.15
CA LYS A 95 1.03 8.89 -15.59
C LYS A 95 0.66 7.57 -16.32
N TYR A 96 0.51 6.46 -15.56
CA TYR A 96 0.00 5.18 -16.09
C TYR A 96 -1.54 5.25 -16.24
N GLY A 97 -2.19 6.15 -15.48
CA GLY A 97 -3.62 6.44 -15.62
C GLY A 97 -4.45 6.02 -14.42
N PHE A 98 -3.81 5.98 -13.24
CA PHE A 98 -4.46 5.63 -11.96
C PHE A 98 -4.71 6.90 -11.13
N ARG A 99 -5.89 6.97 -10.49
CA ARG A 99 -6.29 8.08 -9.62
C ARG A 99 -5.36 8.17 -8.40
N MET A 100 -4.78 9.37 -8.22
CA MET A 100 -3.90 9.70 -7.09
C MET A 100 -4.35 11.01 -6.42
N VAL A 101 -3.69 11.34 -5.30
CA VAL A 101 -3.93 12.56 -4.51
C VAL A 101 -2.59 13.22 -4.11
N TYR A 102 -2.31 14.37 -4.73
CA TYR A 102 -1.12 15.21 -4.47
C TYR A 102 -1.53 16.44 -3.64
N ASP A 103 -0.57 16.98 -2.85
CA ASP A 103 -0.81 18.11 -1.90
C ASP A 103 -1.98 17.78 -0.93
N ASP A 104 -2.04 16.49 -0.54
CA ASP A 104 -3.15 15.93 0.25
C ASP A 104 -3.19 16.51 1.70
N THR A 105 -2.01 16.99 2.15
CA THR A 105 -1.82 17.58 3.50
C THR A 105 -2.94 18.56 3.91
N CYS A 106 -3.11 19.64 3.14
CA CYS A 106 -4.10 20.71 3.41
C CYS A 106 -4.45 21.41 2.10
N ASP A 107 -5.32 22.43 2.17
CA ASP A 107 -5.75 23.23 1.02
C ASP A 107 -4.61 24.17 0.55
N LYS A 108 -4.43 24.24 -0.79
CA LYS A 108 -3.40 25.07 -1.45
C LYS A 108 -3.92 25.58 -2.82
N LYS A 109 -5.12 25.12 -3.24
CA LYS A 109 -5.56 25.25 -4.63
C LYS A 109 -7.10 25.23 -4.76
N ASN A 110 -7.61 25.91 -5.80
CA ASN A 110 -9.05 25.91 -6.16
C ASN A 110 -9.18 25.34 -7.59
#